data_6MCC
#
_entry.id   6MCC
#
_cell.length_a   1
_cell.length_b   1
_cell.length_c   1
_cell.angle_alpha   90.00
_cell.angle_beta   90.00
_cell.angle_gamma   90.00
#
_symmetry.space_group_name_H-M   'P 1'
#
loop_
_entity.id
_entity.type
_entity.pdbx_description
1 polymer 'Single guide RNA (116-MER)'
2 polymer 'CRISPR-associated endonuclease Cas9'
3 polymer 'Anti-CRISPR AcrIIA2 Homolog'
#
loop_
_entity_poly.entity_id
_entity_poly.type
_entity_poly.pdbx_seq_one_letter_code
_entity_poly.pdbx_strand_id
1 'polyribonucleotide'
;(GTP)GCGCAUAAAGAUGAGACGCGUUUUAGAGCUAUGCUGUUUUGAAAAAAACAGCAUAGCAAGUUAAAAUAAGGCUAG
UCCGUUAUCAACUUGAAAAAGUGGCACCGAGUCGGUGCUU
;
B
2 'polypeptide(L)'
;MDKKYSIGLDIGTNSVGWAVITDDYKVPSKKFKVLGNTDRHSIKKNLIGALLFDSGETAEATRLKRTARRRYTRRKNRIC
YLQEIFSNEMAKVDDSFFHRLEESFLVEEDKKHERHPIFGNIVDEVAYHEKYPTIYHLRKKLVDSTDKADLRLIYLALAH
MIKFRGHFLIEGDLNPDNSDVDKLFIQLVQTYNQLFEENPINASGVDAKAILSARLSKSRRLENLIAQLPGEKKNGLFGN
LIALSLGLTPNFKSNFDLAEDAKLQLSKDTYDDDLDNLLAQIGDQYADLFLAAKNLSDAILLSDILRVNTEITKAPLSAS
MIKRYDEHHQDLTLLKALVRQQLPEKYKEIFFDQSKNGYAGYIDGGASQEEFYKFIKPILEKMDGTEELLVKLNREDLLR
KQRTFDNGSIPHQIHLGELHAILRRQEDFYPFLKDNREKIEKILTFRIPYYVGPLARGNSRFAWMTRKSEETITPWNFEE
VVDKGASAQSFIERMTNFDKNLPNEKVLPKHSLLYEYFTVYNELTKVKYVTEGMRKPAFLSGEQKKAIVDLLFKTNRKVT
VKQLKEDYFKKIECFDSVEISGVEDRFNASLGTYHDLLKIIKDKDFLDNEENEDILEDIVLTLTLFEDREMIEERLKTYA
HLFDDKVMKQLKRRRYTGWGRLSRKLINGIRDKQSGKTILDFLKSDGFANRNFMQLIHDDSLTFKEDIQKAQVSGQGDSL
HEHIANLAGSPAIKKGILQTVKVVDELVKVMGRHKPENIVIEMARENQTTQKGQKNSRERMKRIEEGIKELGSQILKEHP
VENTQLQNEKLYLYYLQNGRDMYVDQELDINRLSDYDVDHIVPQSFLKDDSIDNKVLTRSDKNRGKSDNVPSEEVVKKMK
NYWRQLLNAKLITQRKFDNLTKAERGGLSELDKAGFIKRQLVETRQITKHVAQILDSRMNTKYDENDKLIREVKVITLKS
KLVSDFRKDFQFYKVREINNYHHAHDAYLNAVVGTALIKKYPKLESEFVYGDYKVYDVRKMIAKSEQEIGKATAKYFFYS
NIMNFFKTEITLANGEIRKRPLIETNGETGEIVWDKGRDFATVRKVLSMPQVNIVKKTEVQTGGFSKESILPKRNSDKLI
ARKKDWDPKKYGGFDSPTVAYSVLVVAKVEKGKSKKLKSVKELLGITIMERSSFEKNPIDFLEAKGYKEVKKDLIIKLPK
YSLFELENGRKRMLASAGELQKGNELALPSKYVNFLYLASHYEKLKGSPEDNEQKQLFVEQHKHYLDEIIEQISEFSKRV
ILADANLDKVLSAYNKHRDKPIREQAENIIHLFTLTNLGAPAAFKYFDTTIDRKRYTSTKEVLDATLIHQSITGLYETRI
DLSQLGGD
;
A
3 'polypeptide(L)'
;MTTARKKFYQAISEFEAMTGKDVERTPQIADEVLNDAEYIAFTKTEKYALYLCTSNVEGLEDRYFLDEECLDSTFLETED
NETYYIHFLQETEFSEDDNEDELPLATEEQIEAYDKQEELKAVILKKELN
;
C
#
loop_
_chem_comp.id
_chem_comp.type
_chem_comp.name
_chem_comp.formula
A RNA linking ADENOSINE-5'-MONOPHOSPHATE 'C10 H14 N5 O7 P'
C RNA linking CYTIDINE-5'-MONOPHOSPHATE 'C9 H14 N3 O8 P'
G RNA linking GUANOSINE-5'-MONOPHOSPHATE 'C10 H14 N5 O8 P'
GTP non-polymer GUANOSINE-5'-TRIPHOSPHATE 'C10 H16 N5 O14 P3'
U RNA linking URIDINE-5'-MONOPHOSPHATE 'C9 H13 N2 O9 P'
#
# COMPACT_ATOMS: atom_id res chain seq x y z
PG GTP A 1 19.36 -4.56 -6.02
O1G GTP A 1 18.16 -3.65 -6.09
O2G GTP A 1 19.99 -4.45 -4.65
O3G GTP A 1 18.93 -5.97 -6.25
O3B GTP A 1 20.40 -4.13 -7.10
PB GTP A 1 20.42 -4.78 -8.50
O1B GTP A 1 20.86 -6.23 -8.39
O2B GTP A 1 21.40 -4.03 -9.38
O3A GTP A 1 18.98 -4.73 -9.16
PA GTP A 1 18.39 -3.41 -9.79
O1A GTP A 1 17.01 -3.71 -10.35
O2A GTP A 1 19.27 -2.91 -10.93
O5' GTP A 1 18.27 -2.28 -8.71
C5' GTP A 1 19.28 -1.33 -8.56
C4' GTP A 1 18.84 -0.22 -7.63
O4' GTP A 1 19.18 -0.54 -6.31
C3' GTP A 1 17.37 0.10 -7.70
O3' GTP A 1 16.72 -0.54 -8.75
C2' GTP A 1 16.82 -0.32 -6.40
O2' GTP A 1 15.76 0.52 -6.01
C1' GTP A 1 18.04 -0.33 -5.51
N9 GTP A 1 18.18 0.86 -4.67
C8 GTP A 1 19.05 1.92 -4.89
N7 GTP A 1 18.92 2.83 -3.92
C5 GTP A 1 17.97 2.40 -3.01
C6 GTP A 1 17.44 2.96 -1.78
O6 GTP A 1 17.89 4.18 -1.32
N1 GTP A 1 16.47 2.27 -1.08
C2 GTP A 1 16.01 0.99 -1.57
N2 GTP A 1 15.00 0.29 -0.84
N3 GTP A 1 16.52 0.47 -2.74
C4 GTP A 1 17.49 1.13 -3.47
N LYS B 3 38.81 -16.08 18.68
CA LYS B 3 39.15 -15.27 17.52
C LYS B 3 38.10 -14.20 17.28
N LYS B 4 38.53 -13.08 16.69
CA LYS B 4 37.59 -12.04 16.30
C LYS B 4 36.73 -12.52 15.14
N TYR B 5 35.55 -11.91 15.01
CA TYR B 5 34.63 -12.26 13.94
C TYR B 5 33.70 -11.09 13.68
N SER B 6 32.90 -11.23 12.64
CA SER B 6 32.02 -10.15 12.24
C SER B 6 30.73 -10.74 11.67
N ILE B 7 29.66 -9.96 11.79
CA ILE B 7 28.32 -10.43 11.47
C ILE B 7 27.73 -9.47 10.46
N GLY B 8 27.08 -10.01 9.45
CA GLY B 8 26.42 -9.21 8.42
C GLY B 8 24.95 -9.55 8.32
N LEU B 9 24.13 -8.51 8.08
CA LEU B 9 22.68 -8.65 8.11
C LEU B 9 22.06 -7.98 6.88
N ASP B 10 21.39 -8.79 6.07
CA ASP B 10 20.42 -8.28 5.10
C ASP B 10 19.06 -8.28 5.77
N ILE B 11 18.34 -7.18 5.63
CA ILE B 11 17.02 -7.03 6.20
C ILE B 11 16.04 -6.87 5.04
N GLY B 12 14.87 -7.48 5.16
CA GLY B 12 13.86 -7.29 4.15
C GLY B 12 12.48 -7.44 4.73
N THR B 13 11.49 -7.68 3.88
CA THR B 13 10.17 -8.03 4.37
C THR B 13 10.06 -9.55 4.53
N ASN B 14 10.26 -10.27 3.44
CA ASN B 14 10.10 -11.72 3.48
C ASN B 14 11.26 -12.40 4.17
N SER B 15 12.45 -11.80 4.16
CA SER B 15 13.65 -12.54 4.49
C SER B 15 14.60 -11.68 5.30
N VAL B 16 15.57 -12.35 5.91
CA VAL B 16 16.64 -11.73 6.66
C VAL B 16 17.85 -12.65 6.58
N GLY B 17 19.01 -12.09 6.29
CA GLY B 17 20.18 -12.90 6.06
C GLY B 17 21.29 -12.65 7.06
N TRP B 18 21.81 -13.71 7.65
CA TRP B 18 22.82 -13.63 8.70
C TRP B 18 24.10 -14.31 8.24
N ALA B 19 25.20 -13.58 8.38
CA ALA B 19 26.49 -14.02 7.88
C ALA B 19 27.54 -13.85 8.95
N VAL B 20 28.41 -14.84 9.10
CA VAL B 20 29.42 -14.85 10.16
C VAL B 20 30.77 -15.09 9.51
N ILE B 21 31.64 -14.09 9.52
CA ILE B 21 32.95 -14.24 8.91
C ILE B 21 34.04 -14.07 9.96
N THR B 22 35.19 -14.66 9.69
CA THR B 22 36.38 -14.48 10.51
C THR B 22 37.21 -13.33 9.92
N ASP B 23 38.46 -13.22 10.33
CA ASP B 23 39.37 -12.27 9.68
C ASP B 23 39.75 -12.77 8.29
N ASP B 24 40.00 -14.07 8.16
CA ASP B 24 40.48 -14.64 6.90
C ASP B 24 39.39 -14.89 5.88
N TYR B 25 38.14 -14.51 6.19
CA TYR B 25 36.95 -14.55 5.34
C TYR B 25 36.47 -15.97 5.04
N LYS B 26 37.19 -17.00 5.45
CA LYS B 26 36.66 -18.35 5.44
C LYS B 26 35.61 -18.45 6.54
N VAL B 27 34.35 -18.62 6.15
CA VAL B 27 33.26 -18.74 7.12
C VAL B 27 33.42 -20.03 7.90
N PRO B 28 33.10 -20.05 9.18
CA PRO B 28 33.37 -21.23 10.00
C PRO B 28 32.39 -22.35 9.68
N SER B 29 32.68 -23.50 10.26
CA SER B 29 31.89 -24.70 10.01
C SER B 29 32.04 -25.59 11.22
N LYS B 30 30.96 -25.81 11.95
CA LYS B 30 31.08 -26.41 13.27
C LYS B 30 30.19 -27.63 13.40
N LYS B 31 30.60 -28.55 14.25
CA LYS B 31 29.80 -29.72 14.57
C LYS B 31 28.86 -29.37 15.72
N PHE B 32 27.57 -29.51 15.49
CA PHE B 32 26.57 -29.23 16.51
C PHE B 32 25.93 -30.52 17.00
N LYS B 33 25.29 -30.41 18.15
CA LYS B 33 24.70 -31.55 18.83
C LYS B 33 23.23 -31.66 18.46
N VAL B 34 22.75 -32.89 18.32
CA VAL B 34 21.38 -33.18 17.96
C VAL B 34 20.68 -33.70 19.21
N LEU B 35 19.46 -33.23 19.45
CA LEU B 35 18.68 -33.70 20.59
C LEU B 35 17.50 -34.53 20.11
N GLY B 36 17.15 -35.54 20.90
CA GLY B 36 15.99 -36.34 20.59
C GLY B 36 16.23 -37.83 20.77
N ASN B 37 15.62 -38.65 19.91
CA ASN B 37 15.73 -40.09 19.99
C ASN B 37 16.12 -40.70 18.65
N THR B 38 16.81 -39.94 17.81
CA THR B 38 17.22 -40.42 16.50
C THR B 38 18.57 -41.11 16.59
N ASP B 39 19.19 -41.39 15.44
CA ASP B 39 20.46 -42.08 15.39
C ASP B 39 21.64 -41.17 15.02
N ARG B 40 21.39 -40.04 14.36
CA ARG B 40 22.47 -39.11 14.05
C ARG B 40 22.71 -38.23 15.27
N HIS B 41 23.72 -38.57 16.06
CA HIS B 41 23.97 -37.86 17.30
C HIS B 41 24.75 -36.57 17.12
N SER B 42 25.22 -36.28 15.91
CA SER B 42 25.96 -35.05 15.68
C SER B 42 25.75 -34.61 14.24
N ILE B 43 25.60 -33.31 14.05
CA ILE B 43 25.49 -32.73 12.72
C ILE B 43 26.72 -31.86 12.54
N LYS B 44 27.04 -31.55 11.29
CA LYS B 44 28.20 -30.73 10.94
C LYS B 44 27.69 -29.67 9.96
N LYS B 45 27.42 -28.47 10.46
CA LYS B 45 26.75 -27.47 9.64
C LYS B 45 27.59 -26.22 9.47
N ASN B 46 27.36 -25.56 8.35
CA ASN B 46 27.93 -24.25 8.08
C ASN B 46 27.25 -23.22 8.94
N LEU B 47 27.90 -22.07 9.05
CA LEU B 47 27.53 -21.10 10.08
C LEU B 47 27.18 -19.81 9.37
N ILE B 48 26.35 -19.95 8.34
CA ILE B 48 25.96 -18.92 7.40
C ILE B 48 24.56 -19.27 6.89
N GLY B 49 23.63 -18.32 6.92
CA GLY B 49 22.31 -18.70 6.45
C GLY B 49 21.34 -17.55 6.35
N ALA B 50 20.11 -17.89 6.03
CA ALA B 50 19.04 -16.91 5.92
C ALA B 50 17.81 -17.44 6.63
N LEU B 51 16.85 -16.56 6.81
CA LEU B 51 15.59 -16.87 7.46
C LEU B 51 14.51 -16.20 6.64
N LEU B 52 13.60 -16.96 6.07
CA LEU B 52 12.47 -16.39 5.38
C LEU B 52 11.19 -16.93 5.97
N PHE B 53 10.12 -16.17 5.76
CA PHE B 53 8.93 -16.24 6.60
C PHE B 53 7.87 -15.37 5.94
N ASP B 54 6.63 -15.48 6.44
CA ASP B 54 5.51 -14.78 5.83
C ASP B 54 5.61 -13.28 6.09
N SER B 55 5.13 -12.49 5.14
CA SER B 55 5.23 -11.04 5.22
C SER B 55 4.38 -10.51 6.37
N GLY B 56 4.95 -9.56 7.10
CA GLY B 56 4.26 -8.99 8.23
C GLY B 56 3.09 -8.13 7.81
N GLU B 57 1.89 -8.64 8.02
CA GLU B 57 0.69 -7.91 7.61
C GLU B 57 0.44 -6.73 8.53
N THR B 58 -0.31 -5.76 8.00
CA THR B 58 -0.61 -4.54 8.72
C THR B 58 -1.73 -4.79 9.73
N ALA B 59 -2.29 -3.71 10.28
CA ALA B 59 -3.36 -3.84 11.25
C ALA B 59 -4.49 -2.88 10.92
N GLU B 60 -4.92 -2.89 9.66
CA GLU B 60 -6.08 -2.12 9.25
C GLU B 60 -7.34 -2.97 9.15
N ALA B 61 -7.18 -4.24 8.76
CA ALA B 61 -8.34 -5.13 8.67
C ALA B 61 -8.94 -5.40 10.04
N THR B 62 -8.10 -5.46 11.07
CA THR B 62 -8.62 -5.67 12.41
C THR B 62 -9.35 -4.44 12.92
N ARG B 63 -8.89 -3.24 12.56
CA ARG B 63 -9.61 -2.03 12.92
C ARG B 63 -10.96 -1.98 12.23
N LEU B 64 -11.01 -2.43 10.97
CA LEU B 64 -12.27 -2.43 10.24
C LEU B 64 -13.27 -3.41 10.86
N LYS B 65 -12.81 -4.62 11.19
CA LYS B 65 -13.71 -5.59 11.81
C LYS B 65 -14.16 -5.16 13.19
N ARG B 66 -13.30 -4.45 13.93
CA ARG B 66 -13.68 -4.00 15.26
C ARG B 66 -14.73 -2.91 15.19
N THR B 67 -14.58 -1.97 14.26
CA THR B 67 -15.61 -0.96 14.10
C THR B 67 -16.92 -1.55 13.62
N ALA B 68 -16.85 -2.60 12.79
CA ALA B 68 -18.09 -3.26 12.37
C ALA B 68 -18.79 -3.94 13.55
N ARG B 69 -18.02 -4.63 14.41
CA ARG B 69 -18.61 -5.29 15.57
C ARG B 69 -19.27 -4.30 16.50
N ARG B 70 -18.60 -3.18 16.75
CA ARG B 70 -19.20 -2.23 17.68
C ARG B 70 -20.39 -1.51 17.06
N ARG B 71 -20.40 -1.25 15.76
CA ARG B 71 -21.59 -0.65 15.15
C ARG B 71 -22.78 -1.59 15.22
N TYR B 72 -22.56 -2.89 15.06
CA TYR B 72 -23.67 -3.83 15.20
C TYR B 72 -24.17 -3.92 16.64
N THR B 73 -23.26 -3.82 17.61
CA THR B 73 -23.71 -3.88 19.00
C THR B 73 -24.44 -2.62 19.43
N ARG B 74 -24.00 -1.44 18.95
CA ARG B 74 -24.78 -0.22 19.19
C ARG B 74 -26.17 -0.31 18.57
N ARG B 75 -26.28 -0.89 17.37
CA ARG B 75 -27.60 -0.95 16.75
C ARG B 75 -28.54 -1.90 17.49
N LYS B 76 -28.03 -3.06 17.89
CA LYS B 76 -28.85 -4.00 18.63
C LYS B 76 -29.27 -3.44 19.99
N ASN B 77 -28.41 -2.64 20.63
CA ASN B 77 -28.87 -2.07 21.89
C ASN B 77 -29.78 -0.87 21.72
N ARG B 78 -29.76 -0.19 20.58
CA ARG B 78 -30.83 0.79 20.35
C ARG B 78 -32.17 0.10 20.19
N ILE B 79 -32.18 -1.06 19.54
CA ILE B 79 -33.39 -1.88 19.50
C ILE B 79 -33.79 -2.34 20.90
N CYS B 80 -32.81 -2.65 21.73
CA CYS B 80 -33.10 -3.11 23.09
C CYS B 80 -33.72 -1.99 23.93
N TYR B 81 -33.24 -0.75 23.77
CA TYR B 81 -33.85 0.37 24.49
C TYR B 81 -35.27 0.62 24.01
N LEU B 82 -35.50 0.57 22.70
CA LEU B 82 -36.85 0.87 22.24
C LEU B 82 -37.81 -0.29 22.54
N GLN B 83 -37.31 -1.51 22.65
CA GLN B 83 -38.16 -2.58 23.15
C GLN B 83 -38.44 -2.40 24.63
N GLU B 84 -37.49 -1.85 25.38
CA GLU B 84 -37.73 -1.73 26.81
C GLU B 84 -38.69 -0.59 27.11
N ILE B 85 -38.78 0.41 26.23
CA ILE B 85 -39.76 1.47 26.49
C ILE B 85 -41.18 1.01 26.17
N PHE B 86 -41.37 -0.06 25.41
CA PHE B 86 -42.70 -0.61 25.17
C PHE B 86 -42.95 -1.88 25.98
N SER B 87 -42.09 -2.18 26.96
CA SER B 87 -42.11 -3.49 27.61
C SER B 87 -43.34 -3.71 28.47
N ASN B 88 -44.01 -2.65 28.91
CA ASN B 88 -45.19 -2.82 29.76
C ASN B 88 -46.43 -3.11 28.92
N GLU B 89 -46.76 -2.19 28.02
CA GLU B 89 -48.01 -2.16 27.29
C GLU B 89 -48.02 -3.07 26.08
N MET B 90 -46.91 -3.71 25.73
CA MET B 90 -46.98 -4.73 24.70
C MET B 90 -47.34 -6.08 25.27
N ALA B 91 -47.13 -6.29 26.57
CA ALA B 91 -47.75 -7.43 27.24
C ALA B 91 -49.25 -7.21 27.40
N LYS B 92 -49.72 -5.96 27.29
CA LYS B 92 -51.15 -5.69 27.34
C LYS B 92 -51.86 -6.17 26.08
N VAL B 93 -51.19 -6.09 24.93
CA VAL B 93 -51.82 -6.37 23.65
C VAL B 93 -51.69 -7.84 23.28
N ASP B 94 -50.46 -8.30 23.11
CA ASP B 94 -50.22 -9.72 22.83
C ASP B 94 -48.91 -10.13 23.50
N ASP B 95 -48.97 -11.23 24.25
CA ASP B 95 -47.96 -11.49 25.28
C ASP B 95 -46.61 -11.82 24.67
N SER B 96 -46.55 -12.88 23.87
CA SER B 96 -45.28 -13.40 23.39
C SER B 96 -44.81 -12.73 22.10
N PHE B 97 -45.20 -11.48 21.88
CA PHE B 97 -44.94 -10.81 20.61
C PHE B 97 -43.45 -10.52 20.41
N PHE B 98 -42.81 -9.91 21.41
CA PHE B 98 -41.38 -9.68 21.33
C PHE B 98 -40.62 -10.99 21.41
N HIS B 99 -41.17 -12.00 22.05
CA HIS B 99 -40.58 -13.32 22.03
C HIS B 99 -40.67 -13.98 20.67
N ARG B 100 -41.53 -13.50 19.78
CA ARG B 100 -41.59 -14.01 18.42
C ARG B 100 -40.76 -13.18 17.44
N LEU B 101 -40.61 -11.88 17.67
CA LEU B 101 -39.67 -11.14 16.85
C LEU B 101 -38.23 -11.52 17.13
N GLU B 102 -37.94 -12.09 18.30
CA GLU B 102 -36.62 -12.67 18.53
C GLU B 102 -36.48 -14.03 17.89
N GLU B 103 -37.58 -14.71 17.59
CA GLU B 103 -37.56 -16.06 17.02
C GLU B 103 -37.94 -16.05 15.55
N SER B 104 -37.63 -14.98 14.85
CA SER B 104 -37.95 -14.83 13.43
C SER B 104 -36.99 -15.52 12.52
N PHE B 105 -36.19 -16.47 12.98
CA PHE B 105 -35.15 -17.04 12.14
C PHE B 105 -35.12 -18.55 12.12
N LEU B 106 -35.63 -19.22 13.14
CA LEU B 106 -35.47 -20.66 13.16
C LEU B 106 -36.61 -21.35 12.40
N VAL B 107 -36.42 -22.65 12.14
CA VAL B 107 -37.39 -23.48 11.44
C VAL B 107 -38.68 -23.54 12.26
N GLU B 108 -39.83 -23.61 11.56
CA GLU B 108 -41.14 -23.63 12.22
C GLU B 108 -41.32 -24.85 13.13
N GLU B 109 -40.63 -25.95 12.86
CA GLU B 109 -40.77 -27.14 13.69
C GLU B 109 -40.20 -26.94 15.10
N ASP B 110 -38.97 -26.45 15.22
CA ASP B 110 -38.46 -26.21 16.56
C ASP B 110 -38.74 -24.80 17.06
N LYS B 111 -39.48 -23.99 16.32
CA LYS B 111 -39.98 -22.74 16.84
C LYS B 111 -41.08 -23.02 17.85
N LYS B 112 -41.06 -22.31 18.98
CA LYS B 112 -41.94 -22.62 20.10
C LYS B 112 -43.16 -21.71 20.18
N HIS B 113 -43.55 -21.09 19.06
CA HIS B 113 -44.74 -20.25 19.02
C HIS B 113 -45.45 -20.54 17.71
N GLU B 114 -46.35 -19.65 17.31
CA GLU B 114 -46.96 -19.76 16.00
C GLU B 114 -45.99 -19.23 14.94
N ARG B 115 -46.35 -19.45 13.68
CA ARG B 115 -45.44 -19.16 12.58
C ARG B 115 -45.40 -17.67 12.26
N HIS B 116 -46.54 -16.98 12.25
CA HIS B 116 -46.59 -15.62 11.76
C HIS B 116 -46.16 -14.66 12.86
N PRO B 117 -45.14 -13.84 12.63
CA PRO B 117 -44.69 -12.89 13.66
C PRO B 117 -45.71 -11.83 14.01
N ILE B 118 -46.15 -11.08 13.04
CA ILE B 118 -47.01 -9.94 13.28
C ILE B 118 -48.45 -10.43 13.22
N PHE B 119 -49.28 -9.92 14.13
CA PHE B 119 -50.73 -10.14 14.20
C PHE B 119 -51.12 -11.57 14.55
N GLY B 120 -50.16 -12.43 14.88
CA GLY B 120 -50.49 -13.74 15.39
C GLY B 120 -50.92 -14.77 14.37
N ASN B 121 -52.15 -14.63 13.87
CA ASN B 121 -52.80 -15.68 13.10
C ASN B 121 -52.37 -15.63 11.62
N ILE B 122 -53.11 -16.33 10.78
CA ILE B 122 -52.82 -16.37 9.34
C ILE B 122 -53.50 -15.24 8.61
N VAL B 123 -54.77 -14.97 8.95
CA VAL B 123 -55.63 -14.13 8.14
C VAL B 123 -55.20 -12.66 8.19
N ASP B 124 -54.93 -12.17 9.40
CA ASP B 124 -54.53 -10.77 9.54
C ASP B 124 -53.17 -10.49 8.94
N GLU B 125 -52.30 -11.50 8.86
CA GLU B 125 -51.00 -11.31 8.21
C GLU B 125 -51.16 -11.10 6.71
N VAL B 126 -52.04 -11.89 6.08
CA VAL B 126 -52.30 -11.74 4.66
C VAL B 126 -53.00 -10.43 4.38
N ALA B 127 -53.93 -10.03 5.27
CA ALA B 127 -54.57 -8.73 5.15
C ALA B 127 -53.57 -7.60 5.36
N TYR B 128 -52.55 -7.83 6.19
CA TYR B 128 -51.50 -6.84 6.39
C TYR B 128 -50.64 -6.67 5.15
N HIS B 129 -50.26 -7.77 4.51
CA HIS B 129 -49.42 -7.67 3.32
C HIS B 129 -50.18 -7.06 2.16
N GLU B 130 -51.38 -7.57 1.87
CA GLU B 130 -52.13 -7.00 0.76
C GLU B 130 -52.90 -5.74 1.12
N LYS B 131 -52.78 -5.26 2.36
CA LYS B 131 -53.20 -3.91 2.70
C LYS B 131 -52.01 -2.96 2.72
N TYR B 132 -50.95 -3.33 3.42
CA TYR B 132 -49.71 -2.56 3.43
C TYR B 132 -48.66 -3.35 2.67
N PRO B 133 -48.28 -2.93 1.46
CA PRO B 133 -47.34 -3.76 0.69
C PRO B 133 -45.91 -3.70 1.20
N THR B 134 -45.51 -2.58 1.78
CA THR B 134 -44.18 -2.46 2.35
C THR B 134 -44.19 -1.40 3.44
N ILE B 135 -43.10 -1.35 4.20
CA ILE B 135 -43.03 -0.51 5.39
C ILE B 135 -43.00 0.97 5.03
N TYR B 136 -42.49 1.30 3.84
CA TYR B 136 -42.54 2.68 3.42
C TYR B 136 -43.97 3.12 3.11
N HIS B 137 -44.76 2.24 2.50
CA HIS B 137 -46.20 2.46 2.42
C HIS B 137 -46.84 2.51 3.80
N LEU B 138 -46.34 1.73 4.75
CA LEU B 138 -46.92 1.70 6.09
C LEU B 138 -46.75 3.03 6.80
N ARG B 139 -45.52 3.54 6.87
CA ARG B 139 -45.34 4.78 7.62
C ARG B 139 -45.80 5.99 6.81
N LYS B 140 -45.80 5.91 5.47
CA LYS B 140 -46.43 6.97 4.69
C LYS B 140 -47.93 6.98 4.84
N LYS B 141 -48.54 5.84 5.20
CA LYS B 141 -49.92 5.86 5.64
C LYS B 141 -50.03 6.53 7.00
N LEU B 142 -49.39 5.94 8.02
CA LEU B 142 -49.79 6.34 9.35
C LEU B 142 -49.12 7.63 9.83
N VAL B 143 -48.38 8.34 8.97
CA VAL B 143 -48.06 9.72 9.31
C VAL B 143 -49.28 10.62 9.12
N ASP B 144 -50.00 10.44 8.01
CA ASP B 144 -51.18 11.25 7.71
C ASP B 144 -52.45 10.50 8.10
N SER B 145 -52.52 10.01 9.32
CA SER B 145 -53.63 9.18 9.75
C SER B 145 -54.20 9.74 11.04
N THR B 146 -55.42 10.28 10.97
CA THR B 146 -56.08 10.75 12.17
C THR B 146 -56.52 9.57 13.05
N ASP B 147 -56.77 8.42 12.44
CA ASP B 147 -57.25 7.26 13.16
C ASP B 147 -56.15 6.67 14.05
N LYS B 148 -56.58 5.93 15.07
CA LYS B 148 -55.65 5.25 15.96
C LYS B 148 -55.12 3.99 15.30
N ALA B 149 -53.81 3.80 15.39
CA ALA B 149 -53.16 2.62 14.82
C ALA B 149 -52.94 1.57 15.91
N ASP B 150 -52.64 0.36 15.46
CA ASP B 150 -52.32 -0.72 16.38
C ASP B 150 -50.94 -0.48 17.00
N LEU B 151 -50.76 -0.99 18.22
CA LEU B 151 -49.53 -0.71 18.96
C LEU B 151 -48.34 -1.41 18.37
N ARG B 152 -48.47 -2.70 18.06
CA ARG B 152 -47.40 -3.42 17.40
C ARG B 152 -47.15 -2.91 15.99
N LEU B 153 -48.17 -2.33 15.36
CA LEU B 153 -47.97 -1.70 14.06
C LEU B 153 -47.08 -0.48 14.18
N ILE B 154 -47.31 0.36 15.18
CA ILE B 154 -46.47 1.54 15.39
C ILE B 154 -45.07 1.12 15.81
N TYR B 155 -44.98 0.04 16.60
CA TYR B 155 -43.67 -0.48 16.99
C TYR B 155 -42.88 -0.97 15.79
N LEU B 156 -43.51 -1.71 14.89
CA LEU B 156 -42.72 -2.21 13.77
C LEU B 156 -42.49 -1.13 12.72
N ALA B 157 -43.30 -0.08 12.72
CA ALA B 157 -42.91 1.10 11.97
C ALA B 157 -41.73 1.79 12.60
N LEU B 158 -41.56 1.65 13.91
CA LEU B 158 -40.52 2.43 14.57
C LEU B 158 -39.23 1.65 14.77
N ALA B 159 -39.28 0.32 14.81
CA ALA B 159 -38.07 -0.47 14.94
C ALA B 159 -37.34 -0.56 13.61
N HIS B 160 -38.08 -0.44 12.51
CA HIS B 160 -37.44 -0.14 11.24
C HIS B 160 -36.88 1.27 11.21
N MET B 161 -37.50 2.18 11.97
CA MET B 161 -37.17 3.59 11.85
C MET B 161 -35.81 3.89 12.44
N ILE B 162 -35.43 3.18 13.51
CA ILE B 162 -34.18 3.47 14.20
C ILE B 162 -33.05 2.55 13.81
N LYS B 163 -33.29 1.52 13.01
CA LYS B 163 -32.18 0.72 12.54
C LYS B 163 -31.58 1.22 11.25
N PHE B 164 -32.21 2.19 10.59
CA PHE B 164 -31.69 2.70 9.32
C PHE B 164 -31.79 4.22 9.41
N ARG B 165 -30.67 4.85 9.76
CA ARG B 165 -30.66 6.21 10.26
C ARG B 165 -30.02 7.20 9.31
N GLY B 166 -29.22 6.74 8.37
CA GLY B 166 -28.59 7.61 7.42
C GLY B 166 -27.17 7.97 7.81
N HIS B 167 -26.74 9.12 7.32
CA HIS B 167 -25.40 9.61 7.61
C HIS B 167 -25.51 10.87 8.47
N PHE B 168 -24.56 11.03 9.37
CA PHE B 168 -24.46 12.26 10.14
C PHE B 168 -23.42 13.20 9.58
N LEU B 169 -23.13 13.11 8.28
CA LEU B 169 -22.10 13.95 7.70
C LEU B 169 -22.56 15.39 7.59
N ILE B 170 -23.87 15.61 7.44
CA ILE B 170 -24.39 16.96 7.57
C ILE B 170 -24.59 17.26 9.05
N GLU B 171 -24.63 18.55 9.38
CA GLU B 171 -24.64 18.97 10.79
C GLU B 171 -25.67 20.06 11.01
N GLY B 172 -26.25 20.08 12.19
CA GLY B 172 -27.31 21.02 12.51
C GLY B 172 -28.65 20.50 12.05
N ASP B 173 -29.46 21.38 11.46
CA ASP B 173 -30.72 21.00 10.84
C ASP B 173 -30.77 21.60 9.44
N LEU B 174 -31.68 21.07 8.63
CA LEU B 174 -31.75 21.45 7.23
C LEU B 174 -32.32 22.85 7.06
N ASN B 175 -31.81 23.56 6.06
CA ASN B 175 -32.25 24.89 5.70
C ASN B 175 -31.88 25.14 4.24
N PRO B 176 -32.59 26.04 3.55
CA PRO B 176 -32.32 26.24 2.11
C PRO B 176 -30.92 26.76 1.77
N ASP B 177 -30.14 27.22 2.76
CA ASP B 177 -28.71 27.44 2.54
C ASP B 177 -27.93 26.14 2.46
N ASN B 178 -28.54 25.02 2.82
CA ASN B 178 -27.86 23.73 2.78
C ASN B 178 -28.76 22.62 2.25
N SER B 179 -30.03 22.90 1.97
CA SER B 179 -30.96 21.87 1.50
C SER B 179 -30.89 21.71 -0.02
N ASP B 180 -31.21 22.78 -0.74
CA ASP B 180 -31.36 22.72 -2.18
C ASP B 180 -30.04 23.00 -2.88
N VAL B 181 -29.99 22.65 -4.17
CA VAL B 181 -28.77 22.80 -4.96
C VAL B 181 -28.55 24.22 -5.43
N ASP B 182 -29.52 25.11 -5.25
CA ASP B 182 -29.39 26.48 -5.73
C ASP B 182 -28.32 27.24 -4.96
N LYS B 183 -28.46 27.29 -3.63
CA LYS B 183 -27.48 27.96 -2.79
C LYS B 183 -26.13 27.26 -2.82
N LEU B 184 -26.11 25.94 -3.02
CA LEU B 184 -24.85 25.22 -3.07
C LEU B 184 -24.10 25.47 -4.38
N PHE B 185 -24.82 25.56 -5.49
CA PHE B 185 -24.18 25.91 -6.76
C PHE B 185 -23.72 27.36 -6.74
N ILE B 186 -24.46 28.24 -6.09
CA ILE B 186 -23.99 29.61 -5.88
C ILE B 186 -22.74 29.62 -5.01
N GLN B 187 -22.69 28.72 -4.02
CA GLN B 187 -21.50 28.63 -3.17
C GLN B 187 -20.28 28.15 -3.94
N LEU B 188 -20.47 27.19 -4.84
CA LEU B 188 -19.31 26.69 -5.59
C LEU B 188 -18.87 27.68 -6.65
N VAL B 189 -19.80 28.42 -7.26
CA VAL B 189 -19.34 29.43 -8.23
C VAL B 189 -18.71 30.60 -7.48
N GLN B 190 -19.14 30.87 -6.24
CA GLN B 190 -18.46 31.87 -5.43
C GLN B 190 -17.05 31.45 -5.05
N THR B 191 -16.86 30.18 -4.69
CA THR B 191 -15.51 29.77 -4.29
C THR B 191 -14.60 29.61 -5.51
N TYR B 192 -15.16 29.33 -6.69
CA TYR B 192 -14.35 29.31 -7.90
C TYR B 192 -13.92 30.72 -8.29
N ASN B 193 -14.87 31.66 -8.25
CA ASN B 193 -14.59 33.06 -8.55
C ASN B 193 -13.62 33.66 -7.53
N GLN B 194 -13.72 33.25 -6.27
CA GLN B 194 -12.80 33.75 -5.26
C GLN B 194 -11.44 33.09 -5.36
N LEU B 195 -11.38 31.84 -5.81
CA LEU B 195 -10.10 31.16 -5.86
C LEU B 195 -9.28 31.63 -7.06
N PHE B 196 -9.92 31.92 -8.18
CA PHE B 196 -9.10 32.42 -9.28
C PHE B 196 -9.00 33.93 -9.32
N GLU B 197 -10.13 34.63 -9.10
CA GLU B 197 -10.22 36.11 -9.15
C GLU B 197 -9.74 36.69 -10.48
N GLU B 198 -9.86 35.91 -11.55
CA GLU B 198 -9.41 36.28 -12.87
C GLU B 198 -10.10 35.32 -13.83
N ASN B 199 -10.29 35.81 -15.08
CA ASN B 199 -11.06 35.31 -16.23
C ASN B 199 -12.27 34.46 -15.81
N PRO B 200 -13.17 34.99 -14.94
CA PRO B 200 -14.09 34.10 -14.23
C PRO B 200 -15.31 33.73 -15.05
N ILE B 201 -16.24 33.02 -14.42
CA ILE B 201 -17.52 32.68 -15.00
C ILE B 201 -18.60 33.00 -13.98
N ASN B 202 -19.74 33.50 -14.45
CA ASN B 202 -20.83 33.90 -13.58
C ASN B 202 -22.11 33.27 -14.08
N ALA B 203 -22.86 32.65 -13.17
CA ALA B 203 -24.10 31.96 -13.48
C ALA B 203 -25.28 32.63 -12.80
N SER B 204 -25.32 33.96 -12.84
CA SER B 204 -26.46 34.68 -12.31
C SER B 204 -27.67 34.58 -13.22
N GLY B 205 -27.45 34.41 -14.53
CA GLY B 205 -28.56 34.28 -15.47
C GLY B 205 -29.19 32.90 -15.47
N VAL B 206 -28.41 31.88 -15.84
CA VAL B 206 -28.91 30.51 -15.85
C VAL B 206 -28.95 29.97 -14.43
N ASP B 207 -29.99 29.21 -14.13
CA ASP B 207 -30.27 28.77 -12.76
C ASP B 207 -30.47 27.27 -12.76
N ALA B 208 -29.52 26.53 -12.22
CA ALA B 208 -29.55 25.07 -12.22
C ALA B 208 -30.32 24.48 -11.06
N LYS B 209 -31.23 25.25 -10.44
CA LYS B 209 -32.03 24.71 -9.34
C LYS B 209 -33.04 23.68 -9.85
N ALA B 210 -33.45 23.78 -11.10
CA ALA B 210 -34.31 22.79 -11.73
C ALA B 210 -33.67 22.10 -12.93
N ILE B 211 -32.73 22.77 -13.61
CA ILE B 211 -32.07 22.16 -14.76
C ILE B 211 -31.15 21.04 -14.31
N LEU B 212 -30.35 21.28 -13.27
CA LEU B 212 -29.51 20.22 -12.74
C LEU B 212 -30.30 19.23 -11.91
N SER B 213 -31.48 19.62 -11.44
CA SER B 213 -32.37 18.73 -10.70
C SER B 213 -33.38 18.02 -11.59
N ALA B 214 -33.20 18.04 -12.90
CA ALA B 214 -34.24 17.62 -13.82
C ALA B 214 -34.31 16.10 -13.91
N ARG B 215 -35.31 15.63 -14.64
CA ARG B 215 -35.53 14.20 -14.89
C ARG B 215 -35.01 13.91 -16.30
N LEU B 216 -33.72 13.56 -16.37
CA LEU B 216 -33.04 13.25 -17.61
C LEU B 216 -31.86 12.36 -17.27
N SER B 217 -30.95 12.20 -18.22
CA SER B 217 -29.71 11.45 -18.01
C SER B 217 -28.59 12.42 -17.65
N LYS B 218 -27.82 12.06 -16.61
CA LYS B 218 -26.75 12.93 -16.11
C LYS B 218 -25.67 13.14 -17.16
N SER B 219 -25.31 12.06 -17.87
CA SER B 219 -24.34 12.11 -18.96
C SER B 219 -24.84 12.87 -20.17
N ARG B 220 -26.11 13.31 -20.17
CA ARG B 220 -26.63 14.32 -21.07
C ARG B 220 -26.91 15.63 -20.33
N ARG B 221 -27.12 15.56 -19.01
CA ARG B 221 -27.47 16.76 -18.26
C ARG B 221 -26.28 17.70 -18.11
N LEU B 222 -25.05 17.16 -18.11
CA LEU B 222 -23.92 18.09 -18.05
C LEU B 222 -23.75 18.84 -19.36
N GLU B 223 -24.09 18.22 -20.50
CA GLU B 223 -24.12 18.97 -21.75
C GLU B 223 -25.27 19.98 -21.77
N ASN B 224 -26.39 19.65 -21.10
CA ASN B 224 -27.45 20.65 -20.93
C ASN B 224 -26.95 21.86 -20.16
N LEU B 225 -26.19 21.63 -19.09
CA LEU B 225 -25.77 22.73 -18.23
C LEU B 225 -24.66 23.54 -18.90
N ILE B 226 -23.77 22.89 -19.64
CA ILE B 226 -22.76 23.62 -20.40
C ILE B 226 -23.39 24.31 -21.60
N ALA B 227 -24.55 23.84 -22.06
CA ALA B 227 -25.30 24.61 -23.04
C ALA B 227 -25.90 25.86 -22.41
N GLN B 228 -26.35 25.76 -21.15
CA GLN B 228 -26.90 26.92 -20.48
C GLN B 228 -25.80 27.90 -20.08
N LEU B 229 -24.90 27.48 -19.20
CA LEU B 229 -23.77 28.29 -18.81
C LEU B 229 -22.61 28.02 -19.76
N PRO B 230 -22.08 29.02 -20.49
CA PRO B 230 -21.03 28.77 -21.48
C PRO B 230 -19.73 28.23 -20.90
N GLY B 231 -19.15 28.95 -19.92
CA GLY B 231 -17.98 28.44 -19.22
C GLY B 231 -16.77 28.38 -20.12
N GLU B 232 -16.13 27.21 -20.14
CA GLU B 232 -14.97 26.98 -20.99
C GLU B 232 -15.26 25.92 -22.05
N LYS B 233 -15.61 24.70 -21.65
CA LYS B 233 -15.76 23.58 -22.57
C LYS B 233 -16.49 22.46 -21.84
N LYS B 234 -16.70 21.36 -22.56
CA LYS B 234 -17.23 20.14 -21.97
C LYS B 234 -16.15 19.36 -21.21
N ASN B 235 -14.88 19.73 -21.37
CA ASN B 235 -13.81 19.23 -20.54
C ASN B 235 -13.08 20.35 -19.80
N GLY B 236 -13.76 21.47 -19.57
CA GLY B 236 -13.21 22.52 -18.75
C GLY B 236 -13.26 22.16 -17.27
N LEU B 237 -12.49 22.92 -16.48
CA LEU B 237 -12.31 22.61 -15.06
C LEU B 237 -13.60 22.78 -14.29
N PHE B 238 -14.33 23.87 -14.56
CA PHE B 238 -15.66 24.05 -14.02
C PHE B 238 -16.60 22.93 -14.49
N GLY B 239 -16.49 22.56 -15.77
CA GLY B 239 -17.32 21.48 -16.28
C GLY B 239 -16.91 20.12 -15.76
N ASN B 240 -15.61 19.88 -15.62
CA ASN B 240 -15.16 18.61 -15.05
C ASN B 240 -15.55 18.49 -13.59
N LEU B 241 -15.60 19.60 -12.86
CA LEU B 241 -16.03 19.51 -11.47
C LEU B 241 -17.54 19.32 -11.37
N ILE B 242 -18.31 19.88 -12.30
CA ILE B 242 -19.74 19.58 -12.35
C ILE B 242 -19.95 18.10 -12.69
N ALA B 243 -19.12 17.57 -13.58
CA ALA B 243 -19.19 16.14 -13.88
C ALA B 243 -18.77 15.29 -12.69
N LEU B 244 -17.86 15.81 -11.86
CA LEU B 244 -17.57 15.14 -10.60
C LEU B 244 -18.75 15.24 -9.65
N SER B 245 -19.55 16.29 -9.76
CA SER B 245 -20.71 16.44 -8.89
C SER B 245 -21.88 15.55 -9.29
N LEU B 246 -21.80 14.84 -10.41
CA LEU B 246 -22.90 14.00 -10.87
C LEU B 246 -22.46 12.57 -11.13
N GLY B 247 -21.41 12.13 -10.44
CA GLY B 247 -20.97 10.75 -10.51
C GLY B 247 -20.03 10.41 -11.63
N LEU B 248 -19.87 11.27 -12.63
CA LEU B 248 -18.96 11.00 -13.74
C LEU B 248 -17.51 11.11 -13.28
N THR B 249 -16.61 10.52 -14.07
CA THR B 249 -15.19 10.45 -13.75
C THR B 249 -14.39 11.17 -14.83
N PRO B 250 -14.21 12.48 -14.71
CA PRO B 250 -13.42 13.22 -15.69
C PRO B 250 -11.93 13.04 -15.43
N ASN B 251 -11.13 13.74 -16.22
CA ASN B 251 -9.70 13.82 -16.01
C ASN B 251 -9.26 15.27 -16.13
N PHE B 252 -8.02 15.53 -15.71
CA PHE B 252 -7.55 16.89 -15.54
C PHE B 252 -6.18 17.16 -16.14
N LYS B 253 -5.56 16.17 -16.79
CA LYS B 253 -4.23 16.37 -17.38
C LYS B 253 -4.27 17.35 -18.54
N SER B 254 -5.37 17.36 -19.30
CA SER B 254 -5.58 18.38 -20.31
C SER B 254 -6.14 19.66 -19.74
N ASN B 255 -6.31 19.74 -18.43
CA ASN B 255 -7.06 20.81 -17.78
C ASN B 255 -6.22 21.59 -16.78
N PHE B 256 -5.49 20.89 -15.91
CA PHE B 256 -4.55 21.51 -14.99
C PHE B 256 -3.25 21.97 -15.64
N ASP B 257 -3.05 21.64 -16.92
CA ASP B 257 -1.75 21.66 -17.58
C ASP B 257 -0.74 20.84 -16.77
N LEU B 258 -1.15 19.63 -16.42
CA LEU B 258 -0.33 18.66 -15.72
C LEU B 258 -0.15 17.41 -16.56
N ALA B 259 0.77 16.55 -16.12
CA ALA B 259 1.15 15.40 -16.94
C ALA B 259 0.19 14.23 -16.75
N GLU B 260 0.09 13.73 -15.53
CA GLU B 260 -0.67 12.50 -15.27
C GLU B 260 -2.17 12.77 -15.25
N ASP B 261 -2.94 11.75 -15.61
CA ASP B 261 -4.39 11.84 -15.59
C ASP B 261 -4.89 11.80 -14.14
N ALA B 262 -6.16 12.16 -13.96
CA ALA B 262 -6.72 12.30 -12.62
C ALA B 262 -8.18 11.85 -12.64
N LYS B 263 -8.42 10.59 -12.26
CA LYS B 263 -9.77 10.08 -12.15
C LYS B 263 -10.31 10.34 -10.74
N LEU B 264 -11.58 10.71 -10.66
CA LEU B 264 -12.22 10.98 -9.38
C LEU B 264 -13.66 10.50 -9.44
N GLN B 265 -14.12 9.84 -8.37
CA GLN B 265 -15.52 9.50 -8.23
C GLN B 265 -15.84 9.35 -6.75
N LEU B 266 -17.11 9.53 -6.42
CA LEU B 266 -17.53 9.48 -5.03
C LEU B 266 -17.99 8.09 -4.62
N SER B 267 -18.35 7.25 -5.59
CA SER B 267 -18.92 5.95 -5.29
C SER B 267 -17.88 4.95 -4.80
N LYS B 268 -16.60 5.18 -5.11
CA LYS B 268 -15.56 4.27 -4.63
C LYS B 268 -15.31 4.49 -3.15
N ASP B 269 -14.78 3.45 -2.51
CA ASP B 269 -14.39 3.55 -1.12
C ASP B 269 -13.11 4.38 -0.95
N THR B 270 -12.31 4.49 -2.00
CA THR B 270 -10.98 5.10 -1.94
C THR B 270 -10.97 6.51 -2.50
N TYR B 271 -11.99 7.31 -2.19
CA TYR B 271 -12.05 8.68 -2.70
C TYR B 271 -10.97 9.55 -2.08
N ASP B 272 -10.83 9.52 -0.75
CA ASP B 272 -9.93 10.45 -0.09
C ASP B 272 -8.46 10.09 -0.33
N ASP B 273 -8.16 8.79 -0.41
CA ASP B 273 -6.80 8.35 -0.64
C ASP B 273 -6.32 8.63 -2.05
N ASP B 274 -7.24 8.87 -2.99
CA ASP B 274 -6.85 9.33 -4.31
C ASP B 274 -6.94 10.84 -4.41
N LEU B 275 -7.80 11.46 -3.61
CA LEU B 275 -7.95 12.90 -3.64
C LEU B 275 -6.72 13.60 -3.09
N ASP B 276 -6.22 13.13 -1.94
CA ASP B 276 -4.98 13.71 -1.43
C ASP B 276 -3.78 13.31 -2.28
N ASN B 277 -3.87 12.15 -2.96
CA ASN B 277 -2.79 11.71 -3.84
C ASN B 277 -2.66 12.64 -5.04
N LEU B 278 -3.78 13.07 -5.61
CA LEU B 278 -3.72 14.08 -6.67
C LEU B 278 -3.45 15.47 -6.10
N LEU B 279 -3.89 15.71 -4.86
CA LEU B 279 -3.77 17.03 -4.27
C LEU B 279 -2.33 17.36 -3.91
N ALA B 280 -1.55 16.35 -3.54
CA ALA B 280 -0.12 16.55 -3.32
C ALA B 280 0.59 16.81 -4.64
N GLN B 281 0.06 16.28 -5.75
CA GLN B 281 0.68 16.54 -7.04
C GLN B 281 0.38 17.94 -7.53
N ILE B 282 -0.84 18.42 -7.30
CA ILE B 282 -1.24 19.72 -7.85
C ILE B 282 -1.09 20.87 -6.87
N GLY B 283 -0.89 20.58 -5.59
CA GLY B 283 -0.87 21.63 -4.59
C GLY B 283 -2.19 21.71 -3.82
N ASP B 284 -2.15 22.41 -2.69
CA ASP B 284 -3.29 22.42 -1.78
C ASP B 284 -4.27 23.55 -2.04
N GLN B 285 -3.92 24.49 -2.92
CA GLN B 285 -4.70 25.71 -3.15
C GLN B 285 -6.07 25.46 -3.78
N TYR B 286 -6.35 24.25 -4.24
CA TYR B 286 -7.66 23.90 -4.77
C TYR B 286 -8.55 23.18 -3.77
N ALA B 287 -7.97 22.75 -2.63
CA ALA B 287 -8.47 21.61 -1.87
C ALA B 287 -9.90 21.82 -1.37
N ASP B 288 -10.15 22.96 -0.70
CA ASP B 288 -11.46 23.24 -0.13
C ASP B 288 -12.55 23.34 -1.19
N LEU B 289 -12.18 23.78 -2.40
CA LEU B 289 -13.12 23.83 -3.52
C LEU B 289 -13.68 22.45 -3.82
N PHE B 290 -12.82 21.42 -3.80
CA PHE B 290 -13.30 20.08 -4.04
C PHE B 290 -14.24 19.60 -2.95
N LEU B 291 -14.04 20.10 -1.72
CA LEU B 291 -14.97 19.85 -0.62
C LEU B 291 -16.37 20.24 -1.00
N ALA B 292 -16.53 21.47 -1.53
CA ALA B 292 -17.84 21.95 -1.94
C ALA B 292 -18.39 21.12 -3.08
N ALA B 293 -17.50 20.61 -3.94
CA ALA B 293 -17.90 19.72 -5.03
C ALA B 293 -18.58 18.48 -4.48
N LYS B 294 -17.97 17.85 -3.48
CA LYS B 294 -18.59 16.69 -2.85
C LYS B 294 -19.90 17.08 -2.19
N ASN B 295 -19.90 18.27 -1.57
CA ASN B 295 -21.10 18.79 -0.94
C ASN B 295 -22.21 18.96 -1.97
N LEU B 296 -21.85 19.53 -3.12
CA LEU B 296 -22.82 19.75 -4.19
C LEU B 296 -23.34 18.42 -4.70
N SER B 297 -22.45 17.42 -4.77
CA SER B 297 -22.85 16.11 -5.28
C SER B 297 -23.89 15.48 -4.38
N ASP B 298 -23.72 15.63 -3.06
CA ASP B 298 -24.65 15.01 -2.13
C ASP B 298 -26.02 15.65 -2.27
N ALA B 299 -26.04 16.96 -2.56
CA ALA B 299 -27.30 17.68 -2.70
C ALA B 299 -28.09 17.15 -3.87
N ILE B 300 -27.42 16.82 -4.98
CA ILE B 300 -28.22 16.39 -6.13
C ILE B 300 -28.68 14.97 -5.89
N LEU B 301 -27.90 14.19 -5.13
CA LEU B 301 -28.38 12.86 -4.80
C LEU B 301 -29.55 12.93 -3.84
N LEU B 302 -29.60 14.00 -3.03
CA LEU B 302 -30.80 14.25 -2.24
C LEU B 302 -32.00 14.43 -3.16
N SER B 303 -31.82 15.25 -4.20
CA SER B 303 -32.88 15.44 -5.17
C SER B 303 -33.11 14.22 -6.04
N ASP B 304 -32.27 13.19 -5.94
CA ASP B 304 -32.61 11.95 -6.63
C ASP B 304 -33.66 11.16 -5.86
N ILE B 305 -33.61 11.16 -4.54
CA ILE B 305 -34.51 10.28 -3.80
C ILE B 305 -35.84 10.96 -3.52
N LEU B 306 -35.82 12.12 -2.87
CA LEU B 306 -37.05 12.88 -2.65
C LEU B 306 -37.29 13.78 -3.85
N ARG B 307 -38.45 13.61 -4.47
CA ARG B 307 -38.79 14.34 -5.68
C ARG B 307 -40.14 15.03 -5.60
N VAL B 308 -41.12 14.40 -4.95
CA VAL B 308 -42.46 14.97 -4.87
C VAL B 308 -42.44 16.17 -3.93
N ASN B 309 -42.79 17.33 -4.46
CA ASN B 309 -42.79 18.56 -3.68
C ASN B 309 -44.20 19.14 -3.57
N THR B 310 -45.22 18.43 -4.07
CA THR B 310 -46.57 18.96 -4.05
C THR B 310 -47.23 18.76 -2.68
N GLU B 311 -47.46 17.50 -2.30
CA GLU B 311 -47.88 17.16 -0.95
C GLU B 311 -46.68 16.78 -0.08
N ILE B 312 -45.66 17.65 -0.07
CA ILE B 312 -44.39 17.34 0.55
C ILE B 312 -44.41 17.46 2.06
N THR B 313 -45.53 17.84 2.65
CA THR B 313 -45.59 18.02 4.08
C THR B 313 -45.61 16.67 4.79
N LYS B 314 -44.76 16.55 5.81
CA LYS B 314 -44.76 15.51 6.84
C LYS B 314 -44.32 14.13 6.37
N ALA B 315 -44.07 13.95 5.07
CA ALA B 315 -43.51 12.68 4.56
C ALA B 315 -42.72 12.94 3.29
N PRO B 316 -41.52 13.51 3.40
CA PRO B 316 -40.74 13.75 2.19
C PRO B 316 -40.02 12.52 1.68
N LEU B 317 -39.68 11.57 2.55
CA LEU B 317 -38.96 10.38 2.14
C LEU B 317 -39.90 9.27 1.72
N SER B 318 -40.77 8.85 2.63
CA SER B 318 -41.54 7.63 2.44
C SER B 318 -42.60 7.78 1.37
N ALA B 319 -43.25 8.94 1.28
CA ALA B 319 -44.23 9.16 0.24
C ALA B 319 -43.60 9.34 -1.13
N SER B 320 -42.30 9.62 -1.21
CA SER B 320 -41.65 9.74 -2.50
C SER B 320 -41.49 8.38 -3.17
N MET B 321 -40.72 7.50 -2.55
CA MET B 321 -40.28 6.35 -3.34
C MET B 321 -41.30 5.23 -3.37
N ILE B 322 -42.41 5.35 -2.62
CA ILE B 322 -43.53 4.46 -2.89
C ILE B 322 -44.09 4.74 -4.27
N LYS B 323 -44.03 6.01 -4.72
CA LYS B 323 -44.29 6.34 -6.11
C LYS B 323 -43.31 5.61 -7.02
N ARG B 324 -42.05 5.49 -6.58
CA ARG B 324 -41.09 4.67 -7.32
C ARG B 324 -41.52 3.22 -7.34
N TYR B 325 -42.12 2.74 -6.24
CA TYR B 325 -42.72 1.42 -6.24
C TYR B 325 -43.81 1.31 -7.30
N ASP B 326 -44.61 2.37 -7.46
CA ASP B 326 -45.61 2.38 -8.51
C ASP B 326 -44.96 2.36 -9.88
N GLU B 327 -43.86 3.08 -10.06
CA GLU B 327 -43.25 2.99 -11.38
C GLU B 327 -42.43 1.72 -11.53
N HIS B 328 -42.29 0.95 -10.46
CA HIS B 328 -41.79 -0.40 -10.62
C HIS B 328 -42.89 -1.37 -11.00
N HIS B 329 -44.12 -1.12 -10.56
CA HIS B 329 -45.10 -2.20 -10.64
C HIS B 329 -45.72 -2.30 -12.02
N GLN B 330 -46.40 -1.23 -12.45
CA GLN B 330 -47.04 -1.22 -13.75
C GLN B 330 -46.03 -1.34 -14.88
N ASP B 331 -44.85 -0.74 -14.70
CA ASP B 331 -43.79 -0.86 -15.68
C ASP B 331 -43.04 -2.17 -15.59
N LEU B 332 -43.43 -3.04 -14.66
CA LEU B 332 -43.08 -4.43 -14.82
C LEU B 332 -44.07 -5.10 -15.77
N THR B 333 -45.37 -4.89 -15.53
CA THR B 333 -46.42 -5.62 -16.25
C THR B 333 -46.39 -5.30 -17.73
N LEU B 334 -46.23 -4.02 -18.05
CA LEU B 334 -45.97 -3.51 -19.40
C LEU B 334 -44.91 -4.33 -20.12
N LEU B 335 -43.77 -4.56 -19.46
CA LEU B 335 -42.70 -5.32 -20.08
C LEU B 335 -43.11 -6.77 -20.30
N LYS B 336 -43.85 -7.35 -19.35
CA LYS B 336 -44.39 -8.69 -19.59
C LYS B 336 -45.40 -8.67 -20.71
N ALA B 337 -46.23 -7.62 -20.75
CA ALA B 337 -47.17 -7.45 -21.87
C ALA B 337 -46.48 -7.03 -23.15
N LEU B 338 -45.16 -6.87 -23.13
CA LEU B 338 -44.39 -6.64 -24.34
C LEU B 338 -43.49 -7.81 -24.68
N VAL B 339 -43.39 -8.82 -23.81
CA VAL B 339 -42.53 -9.97 -24.13
C VAL B 339 -43.33 -11.07 -24.80
N ARG B 340 -44.45 -11.48 -24.19
CA ARG B 340 -45.23 -12.59 -24.74
C ARG B 340 -45.90 -12.25 -26.06
N GLN B 341 -46.09 -10.97 -26.36
CA GLN B 341 -46.72 -10.62 -27.62
C GLN B 341 -45.74 -10.75 -28.78
N GLN B 342 -44.44 -10.57 -28.52
CA GLN B 342 -43.47 -10.57 -29.60
C GLN B 342 -42.41 -11.66 -29.48
N LEU B 343 -42.06 -12.10 -28.28
CA LEU B 343 -41.07 -13.17 -28.09
C LEU B 343 -41.58 -14.18 -27.07
N PRO B 344 -42.19 -15.29 -27.51
CA PRO B 344 -42.56 -16.32 -26.55
C PRO B 344 -41.38 -17.08 -25.98
N GLU B 345 -40.31 -17.20 -26.75
CA GLU B 345 -39.05 -17.70 -26.23
C GLU B 345 -38.30 -16.51 -25.59
N LYS B 346 -37.36 -16.85 -24.70
CA LYS B 346 -36.74 -15.90 -23.76
C LYS B 346 -37.80 -15.20 -22.92
N TYR B 347 -38.69 -16.02 -22.37
CA TYR B 347 -39.58 -15.62 -21.29
C TYR B 347 -39.40 -16.60 -20.14
N LYS B 348 -39.12 -17.86 -20.49
CA LYS B 348 -38.80 -18.85 -19.47
C LYS B 348 -37.40 -18.67 -18.92
N GLU B 349 -36.54 -17.95 -19.63
CA GLU B 349 -35.18 -17.70 -19.19
C GLU B 349 -35.02 -16.29 -18.64
N ILE B 350 -36.10 -15.56 -18.44
CA ILE B 350 -36.07 -14.22 -17.87
C ILE B 350 -36.75 -14.18 -16.51
N PHE B 351 -37.86 -14.90 -16.37
CA PHE B 351 -38.66 -14.81 -15.17
C PHE B 351 -38.74 -16.10 -14.39
N PHE B 352 -38.38 -17.23 -14.99
CA PHE B 352 -38.27 -18.51 -14.29
C PHE B 352 -36.83 -19.01 -14.25
N ASP B 353 -35.85 -18.11 -14.39
CA ASP B 353 -34.48 -18.50 -14.67
C ASP B 353 -33.70 -18.91 -13.44
N GLN B 354 -33.58 -17.99 -12.48
CA GLN B 354 -32.91 -18.01 -11.17
C GLN B 354 -31.39 -17.85 -11.29
N SER B 355 -30.77 -18.01 -12.47
CA SER B 355 -29.32 -18.04 -12.46
C SER B 355 -28.60 -17.30 -13.60
N LYS B 356 -29.26 -16.48 -14.41
CA LYS B 356 -28.62 -15.96 -15.61
C LYS B 356 -28.90 -14.46 -15.76
N ASN B 357 -28.69 -13.72 -14.66
CA ASN B 357 -28.72 -12.25 -14.60
C ASN B 357 -30.04 -11.63 -15.08
N GLY B 358 -31.11 -12.40 -15.13
CA GLY B 358 -32.39 -11.90 -15.56
C GLY B 358 -33.16 -11.31 -14.40
N TYR B 359 -34.46 -11.13 -14.62
CA TYR B 359 -35.30 -10.61 -13.55
C TYR B 359 -35.50 -11.62 -12.45
N ALA B 360 -35.38 -12.91 -12.76
CA ALA B 360 -35.44 -13.92 -11.71
C ALA B 360 -34.22 -13.85 -10.81
N GLY B 361 -33.04 -13.63 -11.38
CA GLY B 361 -31.85 -13.48 -10.56
C GLY B 361 -31.69 -12.11 -9.94
N TYR B 362 -32.47 -11.13 -10.39
CA TYR B 362 -32.38 -9.79 -9.83
C TYR B 362 -33.07 -9.68 -8.48
N ILE B 363 -33.97 -10.60 -8.15
CA ILE B 363 -34.57 -10.58 -6.84
C ILE B 363 -34.19 -11.84 -6.07
N ASP B 364 -34.52 -13.01 -6.63
CA ASP B 364 -34.36 -14.23 -5.88
C ASP B 364 -32.93 -14.76 -5.87
N GLY B 365 -32.01 -14.11 -6.58
CA GLY B 365 -30.65 -14.58 -6.68
C GLY B 365 -29.66 -13.45 -6.52
N GLY B 366 -28.46 -13.67 -7.07
CA GLY B 366 -27.39 -12.70 -6.95
C GLY B 366 -27.20 -11.88 -8.20
N ALA B 367 -27.52 -10.61 -8.12
CA ALA B 367 -27.38 -9.67 -9.22
C ALA B 367 -27.28 -8.27 -8.65
N SER B 368 -27.27 -7.28 -9.53
CA SER B 368 -27.31 -5.88 -9.12
C SER B 368 -28.20 -5.16 -10.11
N GLN B 369 -28.30 -3.83 -9.95
CA GLN B 369 -29.02 -3.03 -10.93
C GLN B 369 -28.30 -3.04 -12.27
N GLU B 370 -26.98 -2.91 -12.24
CA GLU B 370 -26.23 -2.67 -13.46
C GLU B 370 -26.06 -3.94 -14.28
N GLU B 371 -25.89 -5.10 -13.62
CA GLU B 371 -25.80 -6.36 -14.35
C GLU B 371 -27.10 -6.67 -15.06
N PHE B 372 -28.22 -6.42 -14.39
CA PHE B 372 -29.52 -6.63 -15.02
C PHE B 372 -29.77 -5.64 -16.14
N TYR B 373 -29.29 -4.40 -15.99
CA TYR B 373 -29.46 -3.43 -17.07
C TYR B 373 -28.64 -3.82 -18.29
N LYS B 374 -27.42 -4.32 -18.07
CA LYS B 374 -26.61 -4.79 -19.19
C LYS B 374 -27.22 -6.03 -19.83
N PHE B 375 -27.91 -6.85 -19.05
CA PHE B 375 -28.51 -8.02 -19.68
C PHE B 375 -29.76 -7.67 -20.47
N ILE B 376 -30.56 -6.71 -20.01
CA ILE B 376 -31.75 -6.39 -20.79
C ILE B 376 -31.52 -5.24 -21.76
N LYS B 377 -30.30 -4.73 -21.87
CA LYS B 377 -30.01 -3.83 -22.98
C LYS B 377 -30.17 -4.48 -24.35
N PRO B 378 -29.57 -5.65 -24.67
CA PRO B 378 -29.73 -6.15 -26.06
C PRO B 378 -31.11 -6.69 -26.35
N ILE B 379 -31.78 -7.28 -25.35
CA ILE B 379 -33.11 -7.83 -25.59
C ILE B 379 -34.12 -6.72 -25.78
N LEU B 380 -34.19 -5.79 -24.83
CA LEU B 380 -35.22 -4.76 -24.89
C LEU B 380 -34.86 -3.68 -25.92
N GLU B 381 -33.59 -3.52 -26.28
CA GLU B 381 -33.25 -2.62 -27.36
C GLU B 381 -33.61 -3.19 -28.72
N LYS B 382 -33.71 -4.53 -28.82
CA LYS B 382 -34.07 -5.18 -30.07
C LYS B 382 -35.54 -5.04 -30.39
N MET B 383 -36.38 -4.82 -29.38
CA MET B 383 -37.82 -4.86 -29.54
C MET B 383 -38.31 -3.70 -30.40
N ASP B 384 -39.44 -3.90 -31.07
CA ASP B 384 -39.87 -2.95 -32.09
C ASP B 384 -40.56 -1.74 -31.45
N GLY B 385 -41.70 -1.96 -30.81
CA GLY B 385 -42.37 -0.86 -30.16
C GLY B 385 -42.11 -0.82 -28.67
N THR B 386 -41.14 -0.01 -28.24
CA THR B 386 -40.86 0.14 -26.82
C THR B 386 -40.35 1.57 -26.62
N GLU B 387 -41.27 2.46 -26.32
CA GLU B 387 -40.90 3.82 -25.94
C GLU B 387 -40.99 3.95 -24.43
N GLU B 388 -40.42 5.04 -23.92
CA GLU B 388 -40.33 5.37 -22.49
C GLU B 388 -39.62 4.29 -21.67
N LEU B 389 -38.74 3.53 -22.30
CA LEU B 389 -37.92 2.58 -21.56
C LEU B 389 -36.44 2.83 -21.75
N LEU B 390 -36.00 3.11 -22.98
CA LEU B 390 -34.59 3.45 -23.17
C LEU B 390 -34.28 4.82 -22.59
N VAL B 391 -35.23 5.74 -22.64
CA VAL B 391 -35.04 7.03 -21.98
C VAL B 391 -35.11 6.87 -20.47
N LYS B 392 -35.70 5.78 -19.98
CA LYS B 392 -35.69 5.51 -18.56
C LYS B 392 -34.50 4.64 -18.16
N LEU B 393 -33.91 3.91 -19.11
CA LEU B 393 -32.78 3.05 -18.76
C LEU B 393 -31.51 3.85 -18.59
N ASN B 394 -31.29 4.85 -19.45
CA ASN B 394 -30.08 5.66 -19.35
C ASN B 394 -30.08 6.57 -18.13
N ARG B 395 -31.24 6.82 -17.54
CA ARG B 395 -31.34 7.62 -16.33
C ARG B 395 -31.47 6.78 -15.08
N GLU B 396 -31.28 5.45 -15.19
CA GLU B 396 -31.07 4.54 -14.06
C GLU B 396 -32.31 4.50 -13.15
N ASP B 397 -33.49 4.44 -13.75
CA ASP B 397 -34.69 4.46 -12.91
C ASP B 397 -35.78 3.56 -13.48
N LEU B 398 -35.43 2.35 -13.91
CA LEU B 398 -36.47 1.37 -14.21
C LEU B 398 -36.11 0.07 -13.51
N LEU B 399 -37.14 -0.62 -13.01
CA LEU B 399 -37.03 -1.93 -12.37
C LEU B 399 -36.06 -1.88 -11.20
N ARG B 400 -36.23 -0.84 -10.39
CA ARG B 400 -35.20 -0.42 -9.44
C ARG B 400 -35.78 -0.50 -8.04
N LYS B 401 -35.11 -1.24 -7.16
CA LYS B 401 -35.62 -1.55 -5.84
C LYS B 401 -35.59 -0.32 -4.94
N GLN B 402 -36.11 -0.47 -3.72
CA GLN B 402 -36.06 0.62 -2.75
C GLN B 402 -34.68 0.73 -2.13
N ARG B 403 -34.13 -0.39 -1.67
CA ARG B 403 -32.90 -0.38 -0.90
C ARG B 403 -31.71 -0.46 -1.86
N THR B 404 -31.33 0.69 -2.38
CA THR B 404 -30.26 0.75 -3.35
C THR B 404 -28.90 0.68 -2.66
N PHE B 405 -27.86 0.75 -3.45
CA PHE B 405 -26.55 1.08 -2.94
C PHE B 405 -26.28 2.56 -3.00
N ASP B 406 -27.27 3.36 -3.40
CA ASP B 406 -27.11 4.80 -3.55
C ASP B 406 -28.10 5.58 -2.69
N ASN B 407 -28.73 4.94 -1.72
CA ASN B 407 -29.37 5.67 -0.64
C ASN B 407 -28.48 5.78 0.59
N GLY B 408 -27.17 5.89 0.38
CA GLY B 408 -26.25 6.21 1.44
C GLY B 408 -25.99 7.70 1.48
N SER B 409 -26.97 8.46 1.00
CA SER B 409 -26.94 9.90 1.02
C SER B 409 -28.26 10.42 1.59
N ILE B 410 -28.65 9.87 2.73
CA ILE B 410 -29.86 10.26 3.43
C ILE B 410 -29.42 11.02 4.67
N PRO B 411 -29.55 12.35 4.71
CA PRO B 411 -29.36 13.08 5.96
C PRO B 411 -30.43 12.66 6.96
N HIS B 412 -30.00 12.41 8.19
CA HIS B 412 -30.86 11.80 9.21
C HIS B 412 -32.01 12.70 9.62
N GLN B 413 -31.92 14.01 9.36
CA GLN B 413 -32.99 14.92 9.71
C GLN B 413 -34.30 14.62 9.01
N ILE B 414 -34.25 13.99 7.83
CA ILE B 414 -35.48 13.57 7.16
C ILE B 414 -36.18 12.50 7.98
N HIS B 415 -35.42 11.49 8.39
CA HIS B 415 -35.93 10.44 9.28
C HIS B 415 -36.41 11.03 10.60
N LEU B 416 -35.67 12.01 11.13
CA LEU B 416 -36.03 12.61 12.40
C LEU B 416 -37.30 13.44 12.27
N GLY B 417 -37.49 14.10 11.13
CA GLY B 417 -38.70 14.88 10.93
C GLY B 417 -39.93 14.01 10.78
N GLU B 418 -39.80 12.90 10.04
CA GLU B 418 -40.99 12.07 9.95
C GLU B 418 -41.21 11.24 11.22
N LEU B 419 -40.18 11.01 12.04
CA LEU B 419 -40.43 10.41 13.35
C LEU B 419 -41.09 11.42 14.29
N HIS B 420 -40.68 12.69 14.19
CA HIS B 420 -41.34 13.78 14.89
C HIS B 420 -42.83 13.82 14.56
N ALA B 421 -43.16 13.69 13.28
CA ALA B 421 -44.56 13.66 12.87
C ALA B 421 -45.25 12.39 13.33
N ILE B 422 -44.56 11.25 13.31
CA ILE B 422 -45.19 9.98 13.64
C ILE B 422 -45.43 9.89 15.14
N LEU B 423 -44.75 10.70 15.94
CA LEU B 423 -45.11 10.77 17.34
C LEU B 423 -46.05 11.91 17.67
N ARG B 424 -46.12 12.95 16.82
CA ARG B 424 -47.16 13.96 17.05
C ARG B 424 -48.54 13.42 16.74
N ARG B 425 -48.68 12.64 15.68
CA ARG B 425 -50.00 12.15 15.29
C ARG B 425 -50.45 10.92 16.08
N GLN B 426 -49.74 10.56 17.15
CA GLN B 426 -50.18 9.50 18.04
C GLN B 426 -50.22 9.95 19.49
N GLU B 427 -49.78 11.18 19.78
CA GLU B 427 -49.67 11.66 21.15
C GLU B 427 -51.04 11.87 21.79
N ASP B 428 -52.06 12.16 20.99
CA ASP B 428 -53.40 12.40 21.53
C ASP B 428 -54.06 11.15 22.10
N PHE B 429 -53.53 9.96 21.80
CA PHE B 429 -54.22 8.72 22.10
C PHE B 429 -53.59 7.95 23.26
N TYR B 430 -52.27 7.89 23.34
CA TYR B 430 -51.62 6.94 24.21
C TYR B 430 -50.87 7.63 25.34
N PRO B 431 -51.05 7.18 26.58
CA PRO B 431 -50.49 7.92 27.73
C PRO B 431 -48.98 7.90 27.81
N PHE B 432 -48.40 6.70 27.73
CA PHE B 432 -46.95 6.52 27.85
C PHE B 432 -46.20 7.23 26.73
N LEU B 433 -46.81 7.31 25.56
CA LEU B 433 -46.14 7.87 24.39
C LEU B 433 -46.14 9.38 24.40
N LYS B 434 -46.96 10.00 25.26
CA LYS B 434 -47.10 11.45 25.25
C LYS B 434 -45.91 12.14 25.93
N ASP B 435 -45.21 11.44 26.82
CA ASP B 435 -44.14 12.06 27.61
C ASP B 435 -42.82 11.32 27.45
N ASN B 436 -42.60 10.69 26.30
CA ASN B 436 -41.35 10.01 26.02
C ASN B 436 -40.82 10.36 24.65
N ARG B 437 -41.49 11.27 23.93
CA ARG B 437 -41.09 11.62 22.57
C ARG B 437 -39.73 12.31 22.55
N GLU B 438 -39.42 13.06 23.60
CA GLU B 438 -38.07 13.59 23.77
C GLU B 438 -37.05 12.47 23.86
N LYS B 439 -37.38 11.42 24.60
CA LYS B 439 -36.44 10.31 24.75
C LYS B 439 -36.31 9.52 23.45
N ILE B 440 -37.39 9.38 22.69
CA ILE B 440 -37.34 8.62 21.44
C ILE B 440 -36.53 9.39 20.38
N GLU B 441 -36.80 10.69 20.24
CA GLU B 441 -36.00 11.49 19.32
C GLU B 441 -34.56 11.60 19.78
N LYS B 442 -34.31 11.54 21.09
CA LYS B 442 -32.94 11.58 21.59
C LYS B 442 -32.19 10.30 21.24
N ILE B 443 -32.82 9.13 21.41
CA ILE B 443 -32.13 7.90 21.04
C ILE B 443 -32.07 7.70 19.54
N LEU B 444 -32.85 8.47 18.77
CA LEU B 444 -32.58 8.53 17.35
C LEU B 444 -31.34 9.35 17.04
N THR B 445 -31.31 10.59 17.53
CA THR B 445 -30.27 11.51 17.10
C THR B 445 -28.96 11.35 17.87
N PHE B 446 -28.86 10.40 18.78
CA PHE B 446 -27.68 10.30 19.62
C PHE B 446 -26.48 9.77 18.86
N ARG B 447 -25.67 10.68 18.35
CA ARG B 447 -24.45 10.34 17.64
C ARG B 447 -23.34 10.42 18.68
N ILE B 448 -22.92 9.27 19.20
CA ILE B 448 -21.87 9.19 20.20
C ILE B 448 -20.56 9.74 19.63
N PRO B 449 -20.02 10.79 20.21
CA PRO B 449 -19.02 11.59 19.51
C PRO B 449 -17.65 10.93 19.39
N TYR B 450 -16.71 11.62 18.72
CA TYR B 450 -15.42 10.99 18.45
C TYR B 450 -14.59 10.92 19.71
N TYR B 451 -14.59 12.00 20.47
CA TYR B 451 -13.65 12.17 21.56
C TYR B 451 -14.00 11.34 22.77
N VAL B 452 -15.28 11.01 22.95
CA VAL B 452 -15.70 10.30 24.16
C VAL B 452 -15.34 8.83 24.14
N GLY B 453 -14.79 8.31 23.06
CA GLY B 453 -14.22 6.98 23.03
C GLY B 453 -15.20 5.86 23.23
N PRO B 454 -14.69 4.64 23.35
CA PRO B 454 -15.55 3.50 23.70
C PRO B 454 -16.00 3.63 25.14
N LEU B 455 -17.30 3.54 25.36
CA LEU B 455 -17.80 3.68 26.72
C LEU B 455 -17.49 2.41 27.50
N ALA B 456 -16.34 2.38 28.16
CA ALA B 456 -15.86 1.19 28.84
C ALA B 456 -15.94 1.39 30.35
N ARG B 457 -15.47 0.39 31.08
CA ARG B 457 -15.30 0.54 32.52
C ARG B 457 -13.96 -0.06 32.92
N GLY B 458 -12.91 0.34 32.21
CA GLY B 458 -11.56 -0.03 32.54
C GLY B 458 -11.10 -1.37 32.00
N ASN B 459 -12.00 -2.23 31.55
CA ASN B 459 -11.62 -3.53 31.00
C ASN B 459 -11.15 -3.44 29.56
N SER B 460 -11.07 -2.25 29.00
CA SER B 460 -10.68 -2.04 27.62
C SER B 460 -9.19 -2.29 27.42
N ARG B 461 -8.79 -2.26 26.16
CA ARG B 461 -7.42 -1.99 25.79
C ARG B 461 -7.29 -0.71 24.99
N PHE B 462 -8.40 -0.11 24.58
CA PHE B 462 -8.41 0.97 23.61
C PHE B 462 -9.11 2.23 24.10
N ALA B 463 -9.82 2.17 25.22
CA ALA B 463 -10.68 3.26 25.65
C ALA B 463 -10.00 4.13 26.70
N TRP B 464 -10.50 5.35 26.84
CA TRP B 464 -9.90 6.26 27.80
C TRP B 464 -10.86 7.18 28.53
N MET B 465 -12.17 7.07 28.34
CA MET B 465 -13.04 8.09 28.88
C MET B 465 -13.31 7.85 30.36
N THR B 466 -13.48 8.94 31.10
CA THR B 466 -13.72 8.89 32.53
C THR B 466 -15.13 9.34 32.85
N ARG B 467 -15.57 9.03 34.06
CA ARG B 467 -16.97 9.16 34.45
C ARG B 467 -17.12 10.04 35.68
N LYS B 468 -18.20 10.79 35.73
CA LYS B 468 -18.54 11.58 36.91
C LYS B 468 -19.51 10.85 37.84
N SER B 469 -19.89 9.62 37.51
CA SER B 469 -20.73 8.78 38.34
C SER B 469 -20.48 7.33 37.96
N GLU B 470 -21.21 6.40 38.59
CA GLU B 470 -21.06 4.96 38.28
C GLU B 470 -22.45 4.32 38.23
N GLU B 471 -23.05 4.32 37.05
CA GLU B 471 -24.26 3.56 36.78
C GLU B 471 -24.31 3.25 35.29
N THR B 472 -25.41 2.65 34.85
CA THR B 472 -25.52 2.20 33.47
C THR B 472 -25.75 3.38 32.54
N ILE B 473 -24.94 3.46 31.49
CA ILE B 473 -24.91 4.63 30.62
C ILE B 473 -26.04 4.53 29.60
N THR B 474 -26.86 5.56 29.53
CA THR B 474 -27.93 5.66 28.54
C THR B 474 -27.84 6.99 27.82
N PRO B 475 -28.30 7.06 26.56
CA PRO B 475 -28.39 8.36 25.89
C PRO B 475 -29.49 9.24 26.42
N TRP B 476 -30.37 8.69 27.26
CA TRP B 476 -31.22 9.47 28.14
C TRP B 476 -30.42 10.49 28.95
N ASN B 477 -29.27 10.06 29.50
CA ASN B 477 -28.51 10.87 30.45
C ASN B 477 -27.02 10.84 30.12
N PHE B 478 -26.67 11.11 28.86
CA PHE B 478 -25.26 11.02 28.48
C PHE B 478 -24.43 12.19 29.01
N GLU B 479 -25.05 13.35 29.22
CA GLU B 479 -24.30 14.53 29.64
C GLU B 479 -23.79 14.39 31.07
N GLU B 480 -24.68 14.15 32.02
CA GLU B 480 -24.30 14.20 33.43
C GLU B 480 -23.70 12.90 33.94
N VAL B 481 -23.20 12.02 33.08
CA VAL B 481 -22.47 10.83 33.49
C VAL B 481 -21.01 10.93 33.11
N VAL B 482 -20.71 11.09 31.84
CA VAL B 482 -19.33 11.15 31.41
C VAL B 482 -18.84 12.58 31.47
N ASP B 483 -17.54 12.74 31.73
CA ASP B 483 -16.94 14.05 31.86
C ASP B 483 -16.46 14.51 30.49
N LYS B 484 -16.68 15.79 30.21
CA LYS B 484 -16.29 16.32 28.90
C LYS B 484 -14.82 16.73 28.87
N GLY B 485 -14.46 17.70 29.71
CA GLY B 485 -13.13 18.31 29.62
C GLY B 485 -12.00 17.38 29.99
N ALA B 486 -12.23 16.49 30.96
CA ALA B 486 -11.20 15.51 31.31
C ALA B 486 -11.02 14.48 30.21
N SER B 487 -12.13 14.07 29.57
CA SER B 487 -12.01 13.13 28.47
C SER B 487 -11.39 13.79 27.24
N ALA B 488 -11.67 15.08 27.02
CA ALA B 488 -11.01 15.80 25.93
C ALA B 488 -9.52 15.97 26.20
N GLN B 489 -9.16 16.19 27.46
CA GLN B 489 -7.75 16.35 27.80
C GLN B 489 -7.00 15.04 27.68
N SER B 490 -7.62 13.93 28.04
CA SER B 490 -7.03 12.63 27.76
C SER B 490 -7.07 12.30 26.28
N PHE B 491 -7.98 12.92 25.53
CA PHE B 491 -8.10 12.66 24.11
C PHE B 491 -6.93 13.27 23.34
N ILE B 492 -6.63 14.55 23.59
CA ILE B 492 -5.65 15.25 22.78
C ILE B 492 -4.25 14.71 23.00
N GLU B 493 -3.97 14.20 24.20
CA GLU B 493 -2.61 13.72 24.45
C GLU B 493 -2.46 12.26 24.02
N ARG B 494 -3.57 11.55 23.81
CA ARG B 494 -3.42 10.15 23.43
C ARG B 494 -3.13 10.00 21.94
N MET B 495 -4.03 10.49 21.08
CA MET B 495 -3.81 10.36 19.65
C MET B 495 -3.08 11.56 19.06
N THR B 496 -2.28 12.26 19.86
CA THR B 496 -1.25 13.07 19.27
C THR B 496 -0.14 12.17 18.75
N ASN B 497 0.67 12.72 17.86
CA ASN B 497 1.78 11.98 17.28
C ASN B 497 3.09 12.60 17.73
N PHE B 498 3.95 11.80 18.31
CA PHE B 498 5.26 12.28 18.68
C PHE B 498 6.13 12.37 17.44
N ASP B 499 7.19 13.16 17.53
CA ASP B 499 8.07 13.33 16.38
C ASP B 499 9.28 12.41 16.51
N LYS B 500 9.65 11.79 15.39
CA LYS B 500 10.88 11.01 15.36
C LYS B 500 12.10 11.92 15.42
N ASN B 501 11.98 13.16 14.97
CA ASN B 501 13.08 14.11 15.04
C ASN B 501 13.28 14.67 16.44
N LEU B 502 12.23 14.72 17.25
CA LEU B 502 12.33 15.05 18.67
C LEU B 502 11.13 14.48 19.41
N PRO B 503 11.33 13.49 20.28
CA PRO B 503 10.18 12.85 20.93
C PRO B 503 9.63 13.68 22.08
N ASN B 504 8.66 13.11 22.80
CA ASN B 504 7.99 13.68 23.98
C ASN B 504 7.29 15.00 23.67
N GLU B 505 6.93 15.23 22.41
CA GLU B 505 6.33 16.50 22.00
C GLU B 505 5.19 16.23 21.03
N LYS B 506 4.22 17.13 21.03
CA LYS B 506 3.06 17.05 20.15
C LYS B 506 3.37 17.83 18.88
N VAL B 507 3.29 17.15 17.73
CA VAL B 507 3.65 17.78 16.47
C VAL B 507 2.61 18.82 16.09
N LEU B 508 3.02 19.76 15.27
CA LEU B 508 2.17 20.86 14.90
C LEU B 508 1.17 20.43 13.84
N PRO B 509 0.05 21.15 13.72
CA PRO B 509 -0.91 20.83 12.66
C PRO B 509 -0.36 21.15 11.28
N LYS B 510 -1.08 20.65 10.27
CA LYS B 510 -0.62 20.75 8.89
C LYS B 510 -0.59 22.16 8.37
N HIS B 511 -1.39 23.08 8.92
CA HIS B 511 -1.33 24.43 8.42
C HIS B 511 -1.36 25.44 9.57
N SER B 512 -0.51 25.23 10.57
CA SER B 512 -0.27 26.27 11.53
C SER B 512 0.52 27.41 10.91
N LEU B 513 0.53 28.56 11.60
CA LEU B 513 1.27 29.70 11.10
C LEU B 513 2.77 29.47 11.21
N LEU B 514 3.19 28.87 12.32
CA LEU B 514 4.61 28.62 12.56
C LEU B 514 5.16 27.59 11.59
N TYR B 515 4.40 26.53 11.33
CA TYR B 515 4.84 25.50 10.39
C TYR B 515 4.87 26.04 8.96
N GLU B 516 3.98 26.98 8.65
CA GLU B 516 4.01 27.62 7.34
C GLU B 516 5.23 28.50 7.18
N TYR B 517 5.57 29.27 8.23
CA TYR B 517 6.81 30.04 8.18
C TYR B 517 8.03 29.14 8.07
N PHE B 518 7.98 27.99 8.73
CA PHE B 518 9.04 27.00 8.61
C PHE B 518 9.20 26.50 7.18
N THR B 519 8.10 26.22 6.49
CA THR B 519 8.23 25.68 5.15
C THR B 519 8.63 26.76 4.14
N VAL B 520 8.11 27.98 4.28
CA VAL B 520 8.50 29.03 3.35
C VAL B 520 9.94 29.46 3.59
N TYR B 521 10.45 29.36 4.82
CA TYR B 521 11.84 29.65 5.09
C TYR B 521 12.73 28.43 4.97
N ASN B 522 12.18 27.27 4.65
CA ASN B 522 13.00 26.18 4.18
C ASN B 522 13.12 26.19 2.67
N GLU B 523 12.14 26.76 1.95
CA GLU B 523 12.32 26.86 0.52
C GLU B 523 13.13 28.10 0.14
N LEU B 524 12.80 29.27 0.72
CA LEU B 524 13.48 30.50 0.33
C LEU B 524 14.91 30.62 0.81
N THR B 525 15.51 29.63 1.47
CA THR B 525 16.93 29.68 1.82
C THR B 525 17.80 28.98 0.80
N LYS B 526 17.24 28.61 -0.36
CA LYS B 526 17.99 27.99 -1.44
C LYS B 526 17.58 28.55 -2.80
N VAL B 527 17.21 29.83 -2.83
CA VAL B 527 16.80 30.50 -4.05
C VAL B 527 17.84 31.57 -4.39
N LYS B 528 18.23 31.64 -5.66
CA LYS B 528 19.33 32.49 -6.09
C LYS B 528 18.89 33.38 -7.25
N TYR B 529 19.32 34.64 -7.20
CA TYR B 529 18.95 35.65 -8.17
C TYR B 529 20.18 36.16 -8.90
N VAL B 530 20.00 36.53 -10.17
CA VAL B 530 21.09 37.05 -11.00
C VAL B 530 20.59 38.32 -11.66
N THR B 531 21.20 39.44 -11.29
CA THR B 531 21.06 40.69 -12.03
C THR B 531 22.37 40.96 -12.77
N GLU B 532 22.33 41.95 -13.66
CA GLU B 532 23.50 42.30 -14.46
C GLU B 532 24.49 43.06 -13.60
N GLY B 533 25.60 42.43 -13.26
CA GLY B 533 26.64 43.10 -12.50
C GLY B 533 27.34 42.23 -11.46
N MET B 534 26.74 41.10 -11.11
CA MET B 534 27.33 40.23 -10.11
C MET B 534 28.28 39.19 -10.71
N ARG B 535 28.06 38.80 -11.97
CA ARG B 535 28.87 37.87 -12.75
C ARG B 535 28.98 36.47 -12.15
N LYS B 536 28.17 36.15 -11.15
CA LYS B 536 28.13 34.87 -10.45
C LYS B 536 26.84 34.85 -9.62
N PRO B 537 26.10 33.75 -9.61
CA PRO B 537 24.79 33.75 -8.96
C PRO B 537 24.90 33.80 -7.44
N ALA B 538 23.96 34.52 -6.82
CA ALA B 538 23.98 34.73 -5.38
C ALA B 538 22.57 34.57 -4.82
N PHE B 539 22.49 34.06 -3.59
CA PHE B 539 21.23 33.85 -2.91
C PHE B 539 20.85 35.10 -2.12
N LEU B 540 19.71 35.02 -1.45
CA LEU B 540 19.14 36.17 -0.75
C LEU B 540 19.85 36.41 0.57
N SER B 541 19.47 37.50 1.23
CA SER B 541 19.86 37.78 2.60
C SER B 541 18.63 37.73 3.51
N GLY B 542 18.86 37.95 4.80
CA GLY B 542 17.77 37.82 5.76
C GLY B 542 16.76 38.95 5.67
N GLU B 543 17.24 40.19 5.55
CA GLU B 543 16.35 41.34 5.47
C GLU B 543 15.57 41.34 4.16
N GLN B 544 16.17 40.80 3.09
CA GLN B 544 15.44 40.58 1.85
C GLN B 544 14.31 39.58 2.04
N LYS B 545 14.55 38.54 2.84
CA LYS B 545 13.49 37.57 3.14
C LYS B 545 12.36 38.22 3.94
N LYS B 546 12.70 39.08 4.90
CA LYS B 546 11.68 39.78 5.66
C LYS B 546 10.90 40.74 4.77
N ALA B 547 11.59 41.40 3.84
CA ALA B 547 10.91 42.33 2.92
C ALA B 547 9.99 41.60 1.96
N ILE B 548 10.39 40.43 1.48
CA ILE B 548 9.51 39.74 0.53
C ILE B 548 8.35 39.06 1.25
N VAL B 549 8.52 38.60 2.49
CA VAL B 549 7.36 38.04 3.17
C VAL B 549 6.44 39.12 3.70
N ASP B 550 6.92 40.36 3.83
CA ASP B 550 6.00 41.45 4.16
C ASP B 550 5.45 42.17 2.94
N LEU B 551 5.98 41.89 1.73
CA LEU B 551 5.57 42.65 0.56
C LEU B 551 4.96 41.82 -0.56
N LEU B 552 5.10 40.51 -0.57
CA LEU B 552 4.40 39.78 -1.63
C LEU B 552 3.56 38.63 -1.11
N PHE B 553 4.02 37.93 -0.06
CA PHE B 553 3.28 36.78 0.43
C PHE B 553 1.98 37.18 1.12
N LYS B 554 1.96 38.33 1.81
CA LYS B 554 0.73 38.79 2.43
C LYS B 554 -0.31 39.27 1.43
N THR B 555 0.06 39.44 0.16
CA THR B 555 -0.86 39.90 -0.87
C THR B 555 -1.67 38.76 -1.48
N ASN B 556 -0.99 37.79 -2.06
CA ASN B 556 -1.63 36.70 -2.79
C ASN B 556 -1.24 35.35 -2.20
N ARG B 557 -2.12 34.37 -2.38
CA ARG B 557 -1.85 33.01 -1.93
C ARG B 557 -0.67 32.40 -2.67
N LYS B 558 -0.82 32.21 -3.97
CA LYS B 558 0.25 31.68 -4.81
C LYS B 558 0.82 32.82 -5.64
N VAL B 559 2.14 32.93 -5.65
CA VAL B 559 2.85 34.00 -6.33
C VAL B 559 3.87 33.38 -7.27
N THR B 560 3.87 33.81 -8.52
CA THR B 560 4.83 33.33 -9.49
C THR B 560 6.09 34.19 -9.47
N VAL B 561 7.12 33.69 -10.16
CA VAL B 561 8.42 34.38 -10.21
C VAL B 561 8.28 35.68 -11.01
N LYS B 562 7.37 35.71 -11.97
CA LYS B 562 7.05 36.93 -12.71
C LYS B 562 6.51 38.01 -11.78
N GLN B 563 5.57 37.62 -10.90
CA GLN B 563 5.04 38.53 -9.90
C GLN B 563 6.10 38.93 -8.88
N LEU B 564 7.02 38.02 -8.58
CA LEU B 564 8.11 38.32 -7.66
C LEU B 564 9.03 39.39 -8.23
N LYS B 565 9.50 39.18 -9.47
CA LYS B 565 10.44 40.11 -10.08
C LYS B 565 9.78 41.39 -10.54
N GLU B 566 8.44 41.43 -10.63
CA GLU B 566 7.76 42.65 -11.02
C GLU B 566 7.07 43.36 -9.87
N ASP B 567 7.10 42.80 -8.66
CA ASP B 567 6.57 43.50 -7.51
C ASP B 567 7.58 43.72 -6.38
N TYR B 568 8.77 43.13 -6.46
CA TYR B 568 9.81 43.37 -5.46
C TYR B 568 11.06 43.99 -6.04
N PHE B 569 11.62 43.39 -7.09
CA PHE B 569 12.84 43.93 -7.68
C PHE B 569 12.57 45.23 -8.42
N LYS B 570 11.39 45.35 -9.05
CA LYS B 570 11.08 46.56 -9.78
C LYS B 570 10.56 47.66 -8.86
N LYS B 571 9.83 47.28 -7.80
CA LYS B 571 9.09 48.26 -7.01
C LYS B 571 10.00 49.08 -6.11
N ILE B 572 10.67 48.42 -5.17
CA ILE B 572 11.50 49.11 -4.21
C ILE B 572 12.99 48.82 -4.38
N GLU B 573 13.35 47.73 -5.06
CA GLU B 573 14.76 47.42 -5.29
C GLU B 573 15.31 48.09 -6.55
N CYS B 574 14.43 48.52 -7.46
CA CYS B 574 14.79 49.14 -8.75
C CYS B 574 15.69 48.24 -9.58
N PHE B 575 15.43 46.93 -9.53
CA PHE B 575 16.21 45.94 -10.26
C PHE B 575 15.37 45.43 -11.43
N ASP B 576 15.98 45.39 -12.62
CA ASP B 576 15.23 45.16 -13.85
C ASP B 576 15.62 43.87 -14.55
N SER B 577 16.91 43.69 -14.88
CA SER B 577 17.35 42.56 -15.70
C SER B 577 17.79 41.41 -14.80
N VAL B 578 16.80 40.81 -14.14
CA VAL B 578 17.03 39.79 -13.13
C VAL B 578 16.38 38.49 -13.61
N GLU B 579 17.12 37.39 -13.53
CA GLU B 579 16.57 36.06 -13.67
C GLU B 579 16.82 35.28 -12.38
N ILE B 580 15.87 34.41 -12.03
CA ILE B 580 15.90 33.71 -10.75
C ILE B 580 15.95 32.22 -11.02
N SER B 581 16.97 31.56 -10.48
CA SER B 581 17.19 30.14 -10.73
C SER B 581 16.53 29.24 -9.70
N GLY B 582 16.41 29.70 -8.45
CA GLY B 582 15.96 28.85 -7.37
C GLY B 582 14.50 28.44 -7.43
N VAL B 583 13.60 29.40 -7.24
CA VAL B 583 12.17 29.11 -7.40
C VAL B 583 11.88 28.92 -8.89
N GLU B 584 11.35 27.74 -9.23
CA GLU B 584 11.17 27.35 -10.63
C GLU B 584 10.17 28.24 -11.37
N ASP B 585 8.90 28.13 -11.01
CA ASP B 585 7.91 29.02 -11.60
C ASP B 585 6.98 29.57 -10.53
N ARG B 586 6.70 28.76 -9.51
CA ARG B 586 5.75 29.10 -8.46
C ARG B 586 6.28 28.56 -7.15
N PHE B 587 5.55 28.85 -6.07
CA PHE B 587 5.87 28.32 -4.76
C PHE B 587 4.87 27.23 -4.41
N ASN B 588 5.40 26.02 -4.17
CA ASN B 588 4.53 24.93 -3.73
C ASN B 588 4.08 25.12 -2.28
N ALA B 589 4.85 25.86 -1.48
CA ALA B 589 4.45 26.21 -0.13
C ALA B 589 3.61 27.48 -0.16
N SER B 590 2.52 27.48 0.58
CA SER B 590 1.55 28.57 0.52
C SER B 590 1.07 28.92 1.91
N LEU B 591 0.77 30.21 2.07
CA LEU B 591 0.24 30.76 3.32
C LEU B 591 -1.28 30.87 3.26
N GLY B 592 -1.89 29.69 3.13
CA GLY B 592 -3.32 29.63 2.87
C GLY B 592 -4.17 30.08 4.04
N THR B 593 -3.89 29.55 5.23
CA THR B 593 -4.67 29.92 6.40
C THR B 593 -4.39 31.33 6.87
N TYR B 594 -3.26 31.92 6.45
CA TYR B 594 -3.03 33.35 6.66
C TYR B 594 -4.13 34.17 5.98
N HIS B 595 -4.34 33.94 4.68
CA HIS B 595 -5.41 34.61 3.96
C HIS B 595 -6.78 34.19 4.43
N ASP B 596 -6.92 32.92 4.84
CA ASP B 596 -8.21 32.42 5.34
C ASP B 596 -8.63 33.18 6.59
N LEU B 597 -7.80 33.14 7.63
CA LEU B 597 -8.10 33.86 8.86
C LEU B 597 -8.09 35.37 8.66
N LEU B 598 -7.39 35.88 7.65
CA LEU B 598 -7.54 37.28 7.28
C LEU B 598 -8.95 37.56 6.78
N LYS B 599 -9.54 36.63 6.04
CA LYS B 599 -10.91 36.80 5.59
C LYS B 599 -11.88 36.64 6.75
N ILE B 600 -11.60 35.71 7.66
CA ILE B 600 -12.52 35.44 8.77
C ILE B 600 -12.54 36.61 9.76
N ILE B 601 -11.37 37.07 10.22
CA ILE B 601 -11.40 38.10 11.26
C ILE B 601 -11.53 39.50 10.67
N LYS B 602 -11.19 39.69 9.39
CA LYS B 602 -11.19 40.98 8.71
C LYS B 602 -10.37 42.03 9.45
N ASP B 603 -9.22 41.62 9.98
CA ASP B 603 -8.30 42.50 10.69
C ASP B 603 -6.91 42.23 10.18
N LYS B 604 -6.15 43.29 9.94
CA LYS B 604 -4.79 43.16 9.43
C LYS B 604 -3.75 43.27 10.53
N ASP B 605 -4.08 43.94 11.64
CA ASP B 605 -3.13 44.07 12.73
C ASP B 605 -2.99 42.77 13.50
N PHE B 606 -4.09 42.05 13.69
CA PHE B 606 -4.13 41.00 14.69
C PHE B 606 -3.39 39.74 14.24
N LEU B 607 -3.61 39.30 12.99
CA LEU B 607 -2.89 38.14 12.50
C LEU B 607 -1.42 38.45 12.26
N ASP B 608 -1.08 39.72 12.04
CA ASP B 608 0.30 40.12 11.81
C ASP B 608 1.03 40.47 13.09
N ASN B 609 0.35 40.51 14.24
CA ASN B 609 0.99 40.81 15.50
C ASN B 609 1.64 39.55 16.05
N GLU B 610 2.91 39.65 16.41
CA GLU B 610 3.71 38.50 16.78
C GLU B 610 3.53 38.07 18.24
N GLU B 611 2.61 38.69 18.98
CA GLU B 611 2.38 38.30 20.37
C GLU B 611 1.18 37.40 20.53
N ASN B 612 0.44 37.13 19.45
CA ASN B 612 -0.74 36.26 19.51
C ASN B 612 -0.45 34.89 18.92
N GLU B 613 0.80 34.42 19.02
CA GLU B 613 1.21 33.26 18.23
C GLU B 613 0.65 31.98 18.80
N ASP B 614 0.68 31.80 20.13
CA ASP B 614 0.10 30.61 20.71
C ASP B 614 -1.41 30.64 20.68
N ILE B 615 -2.00 31.84 20.73
CA ILE B 615 -3.44 32.00 20.62
C ILE B 615 -3.93 31.52 19.26
N LEU B 616 -3.30 32.00 18.19
CA LEU B 616 -3.70 31.59 16.85
C LEU B 616 -3.41 30.11 16.62
N GLU B 617 -2.25 29.63 17.08
CA GLU B 617 -1.93 28.25 16.75
C GLU B 617 -2.74 27.26 17.57
N ASP B 618 -3.18 27.61 18.79
CA ASP B 618 -4.02 26.62 19.45
C ASP B 618 -5.50 26.78 19.11
N ILE B 619 -5.92 27.92 18.55
CA ILE B 619 -7.21 27.95 17.88
C ILE B 619 -7.19 27.01 16.67
N VAL B 620 -6.11 27.05 15.88
CA VAL B 620 -5.99 26.14 14.75
C VAL B 620 -5.88 24.69 15.22
N LEU B 621 -5.23 24.47 16.36
CA LEU B 621 -5.10 23.12 16.91
C LEU B 621 -6.44 22.55 17.36
N THR B 622 -7.23 23.36 18.08
CA THR B 622 -8.53 22.86 18.49
C THR B 622 -9.51 22.77 17.33
N LEU B 623 -9.28 23.49 16.23
CA LEU B 623 -10.10 23.25 15.04
C LEU B 623 -9.72 21.94 14.37
N THR B 624 -8.43 21.67 14.22
CA THR B 624 -8.05 20.47 13.49
C THR B 624 -8.16 19.20 14.32
N LEU B 625 -8.36 19.30 15.63
CA LEU B 625 -8.47 18.09 16.43
C LEU B 625 -9.89 17.59 16.63
N PHE B 626 -10.89 18.46 16.70
CA PHE B 626 -12.22 18.05 17.10
C PHE B 626 -13.18 18.18 15.92
N GLU B 627 -14.28 17.47 16.00
CA GLU B 627 -15.11 17.50 14.81
C GLU B 627 -16.57 17.86 15.07
N ASP B 628 -17.16 17.40 16.18
CA ASP B 628 -18.56 17.68 16.42
C ASP B 628 -18.75 19.13 16.84
N ARG B 629 -19.99 19.60 16.76
CA ARG B 629 -20.27 21.03 16.87
C ARG B 629 -20.33 21.50 18.32
N GLU B 630 -20.53 20.60 19.29
CA GLU B 630 -20.66 21.07 20.66
C GLU B 630 -19.30 21.44 21.25
N MET B 631 -18.39 20.47 21.38
CA MET B 631 -17.12 20.69 22.08
C MET B 631 -16.23 21.68 21.34
N ILE B 632 -16.52 21.96 20.07
CA ILE B 632 -15.74 22.91 19.31
C ILE B 632 -15.97 24.34 19.75
N GLU B 633 -17.03 24.63 20.50
CA GLU B 633 -17.29 26.05 20.73
C GLU B 633 -16.76 26.58 22.05
N GLU B 634 -16.85 25.81 23.15
CA GLU B 634 -16.49 26.34 24.45
C GLU B 634 -14.97 26.52 24.59
N ARG B 635 -14.19 25.75 23.84
CA ARG B 635 -12.75 25.97 23.81
C ARG B 635 -12.39 27.23 23.04
N LEU B 636 -13.29 27.70 22.19
CA LEU B 636 -13.11 29.02 21.62
C LEU B 636 -13.62 30.11 22.56
N LYS B 637 -14.44 29.73 23.55
CA LYS B 637 -14.91 30.69 24.53
C LYS B 637 -13.80 31.15 25.47
N THR B 638 -12.70 30.40 25.54
CA THR B 638 -11.50 30.90 26.18
C THR B 638 -10.98 32.14 25.46
N TYR B 639 -11.09 32.16 24.14
CA TYR B 639 -10.64 33.31 23.38
C TYR B 639 -11.80 34.16 22.91
N ALA B 640 -12.90 34.16 23.67
CA ALA B 640 -14.07 34.93 23.32
C ALA B 640 -13.93 36.41 23.63
N HIS B 641 -12.85 36.82 24.29
CA HIS B 641 -12.66 38.22 24.64
C HIS B 641 -12.34 39.06 23.41
N LEU B 642 -11.44 38.58 22.56
CA LEU B 642 -11.06 39.28 21.35
C LEU B 642 -12.14 39.25 20.30
N PHE B 643 -13.03 38.27 20.33
CA PHE B 643 -13.89 38.01 19.19
C PHE B 643 -15.17 38.83 19.26
N ASP B 644 -15.85 38.91 18.13
CA ASP B 644 -16.85 39.96 17.88
C ASP B 644 -18.26 39.42 17.70
N ASP B 645 -18.50 38.15 18.03
CA ASP B 645 -19.80 37.47 18.08
C ASP B 645 -20.43 37.27 16.70
N LYS B 646 -19.81 37.80 15.64
CA LYS B 646 -20.21 37.51 14.28
C LYS B 646 -19.33 36.44 13.64
N VAL B 647 -18.13 36.24 14.19
CA VAL B 647 -17.24 35.20 13.68
C VAL B 647 -17.57 33.83 14.23
N MET B 648 -18.45 33.75 15.25
CA MET B 648 -18.79 32.48 15.89
C MET B 648 -19.45 31.51 14.91
N LYS B 649 -20.40 32.00 14.12
CA LYS B 649 -20.98 31.21 13.05
C LYS B 649 -20.08 31.16 11.82
N GLN B 650 -18.90 31.76 11.88
CA GLN B 650 -17.97 31.78 10.77
C GLN B 650 -16.70 30.99 11.04
N LEU B 651 -16.08 31.17 12.21
CA LEU B 651 -14.79 30.52 12.44
C LEU B 651 -14.93 29.05 12.79
N LYS B 652 -16.08 28.64 13.33
CA LYS B 652 -16.30 27.25 13.69
C LYS B 652 -16.67 26.39 12.49
N ARG B 653 -16.69 26.95 11.29
CA ARG B 653 -17.12 26.19 10.12
C ARG B 653 -15.97 25.44 9.49
N ARG B 654 -14.79 26.07 9.42
CA ARG B 654 -13.64 25.50 8.75
C ARG B 654 -13.10 24.30 9.50
N ARG B 655 -12.78 23.24 8.78
CA ARG B 655 -12.10 22.08 9.34
C ARG B 655 -10.70 21.99 8.76
N TYR B 656 -9.92 21.08 9.32
CA TYR B 656 -8.62 20.70 8.75
C TYR B 656 -8.46 19.21 8.97
N THR B 657 -7.46 18.63 8.30
CA THR B 657 -7.19 17.21 8.43
C THR B 657 -5.71 17.03 8.16
N GLY B 658 -5.08 16.10 8.87
CA GLY B 658 -3.67 15.85 8.70
C GLY B 658 -2.83 16.83 9.48
N TRP B 659 -1.57 16.45 9.68
CA TRP B 659 -0.66 17.19 10.52
C TRP B 659 0.62 17.51 9.77
N GLY B 660 1.46 18.31 10.41
CA GLY B 660 2.73 18.69 9.84
C GLY B 660 3.79 17.61 10.02
N ARG B 661 5.00 18.01 10.41
CA ARG B 661 6.05 17.02 10.51
C ARG B 661 6.80 17.12 11.84
N LEU B 662 6.84 18.31 12.43
CA LEU B 662 7.68 18.59 13.57
C LEU B 662 7.00 19.53 14.55
N SER B 663 7.37 19.42 15.82
CA SER B 663 6.68 20.11 16.90
C SER B 663 7.17 21.54 17.04
N ARG B 664 6.74 22.20 18.11
CA ARG B 664 7.12 23.59 18.35
C ARG B 664 8.43 23.67 19.14
N LYS B 665 8.70 22.71 20.00
CA LYS B 665 9.91 22.72 20.82
C LYS B 665 11.17 22.39 20.03
N LEU B 666 11.04 21.97 18.79
CA LEU B 666 12.17 21.73 17.90
C LEU B 666 12.45 22.90 16.99
N ILE B 667 11.46 23.74 16.73
CA ILE B 667 11.64 24.87 15.83
C ILE B 667 11.98 26.12 16.62
N ASN B 668 11.07 26.56 17.49
CA ASN B 668 11.29 27.75 18.29
C ASN B 668 11.72 27.37 19.70
N GLY B 669 12.43 26.26 19.81
CA GLY B 669 12.79 25.69 21.10
C GLY B 669 14.24 25.84 21.48
N ILE B 670 15.03 24.79 21.22
CA ILE B 670 16.42 24.74 21.65
C ILE B 670 17.25 25.78 20.90
N ARG B 671 18.27 26.29 21.58
CA ARG B 671 19.09 27.37 21.05
C ARG B 671 20.55 26.93 21.01
N ASP B 672 21.33 27.64 20.18
CA ASP B 672 22.73 27.31 20.00
C ASP B 672 23.52 27.75 21.22
N LYS B 673 24.56 26.97 21.55
CA LYS B 673 25.36 27.27 22.73
C LYS B 673 26.24 28.50 22.52
N GLN B 674 26.61 28.79 21.27
CA GLN B 674 27.47 29.93 20.97
C GLN B 674 26.72 31.13 20.43
N SER B 675 25.45 30.97 20.06
CA SER B 675 24.67 32.09 19.54
C SER B 675 23.45 32.39 20.39
N GLY B 676 22.67 31.38 20.76
CA GLY B 676 21.42 31.61 21.44
C GLY B 676 20.25 31.86 20.52
N LYS B 677 20.27 31.25 19.33
CA LYS B 677 19.21 31.40 18.35
C LYS B 677 18.63 30.04 18.01
N THR B 678 17.38 30.03 17.55
CA THR B 678 16.67 28.79 17.27
C THR B 678 16.83 28.42 15.80
N ILE B 679 16.08 27.40 15.36
CA ILE B 679 16.09 27.01 13.96
C ILE B 679 15.51 28.12 13.09
N LEU B 680 14.32 28.61 13.48
CA LEU B 680 13.69 29.70 12.75
C LEU B 680 14.51 30.97 12.80
N ASP B 681 15.20 31.22 13.92
CA ASP B 681 15.97 32.45 14.08
C ASP B 681 17.16 32.48 13.13
N PHE B 682 17.82 31.35 12.90
CA PHE B 682 18.81 31.31 11.84
C PHE B 682 18.15 31.34 10.46
N LEU B 683 17.06 30.61 10.28
CA LEU B 683 16.48 30.52 8.95
C LEU B 683 15.66 31.75 8.56
N LYS B 684 15.66 32.82 9.35
CA LYS B 684 15.39 34.13 8.77
C LYS B 684 16.51 35.13 9.01
N SER B 685 17.42 34.85 9.95
CA SER B 685 18.56 35.73 10.22
C SER B 685 19.81 34.85 10.33
N ASP B 686 20.46 34.60 9.20
CA ASP B 686 21.69 33.82 9.18
C ASP B 686 22.88 34.64 8.72
N GLY B 687 22.72 35.42 7.65
CA GLY B 687 23.82 36.22 7.14
C GLY B 687 24.13 35.90 5.68
N PHE B 688 25.39 35.54 5.41
CA PHE B 688 25.80 35.26 4.04
C PHE B 688 25.72 33.77 3.70
N ALA B 689 26.00 32.90 4.67
CA ALA B 689 26.01 31.45 4.44
C ALA B 689 24.56 30.94 4.40
N ASN B 690 23.95 31.08 3.22
CA ASN B 690 22.55 30.69 3.02
C ASN B 690 22.46 29.17 2.91
N ARG B 691 22.38 28.53 4.08
CA ARG B 691 22.33 27.08 4.16
C ARG B 691 20.88 26.61 4.05
N ASN B 692 20.62 25.35 4.36
CA ASN B 692 19.27 24.81 4.35
C ASN B 692 18.99 24.14 5.69
N PHE B 693 17.71 23.83 5.91
CA PHE B 693 17.31 23.17 7.15
C PHE B 693 17.83 21.74 7.21
N MET B 694 17.60 20.97 6.14
CA MET B 694 18.07 19.60 6.11
C MET B 694 19.59 19.53 6.03
N GLN B 695 20.21 20.52 5.39
CA GLN B 695 21.66 20.67 5.49
C GLN B 695 22.08 21.04 6.90
N LEU B 696 21.21 21.72 7.65
CA LEU B 696 21.47 21.96 9.06
C LEU B 696 21.37 20.68 9.86
N ILE B 697 20.47 19.77 9.46
CA ILE B 697 20.48 18.43 10.03
C ILE B 697 21.70 17.66 9.54
N HIS B 698 22.05 17.83 8.27
CA HIS B 698 23.22 17.15 7.71
C HIS B 698 24.55 17.70 8.23
N ASP B 699 24.54 18.84 8.91
CA ASP B 699 25.77 19.42 9.44
C ASP B 699 26.28 18.61 10.62
N ASP B 700 27.61 18.60 10.78
CA ASP B 700 28.27 17.96 11.90
C ASP B 700 28.78 18.96 12.94
N SER B 701 29.26 20.12 12.49
CA SER B 701 29.94 21.05 13.39
C SER B 701 28.98 21.83 14.28
N LEU B 702 27.77 22.10 13.80
CA LEU B 702 26.83 22.86 14.61
C LEU B 702 26.24 21.99 15.73
N THR B 703 25.69 22.67 16.73
CA THR B 703 25.27 22.04 17.97
C THR B 703 23.90 21.37 17.84
N PHE B 704 23.11 21.76 16.84
CA PHE B 704 21.70 21.40 16.80
C PHE B 704 21.49 19.92 16.50
N LYS B 705 22.32 19.33 15.63
CA LYS B 705 22.20 17.91 15.34
C LYS B 705 22.56 17.07 16.55
N GLU B 706 23.61 17.47 17.28
CA GLU B 706 23.98 16.77 18.50
C GLU B 706 22.90 16.92 19.56
N ASP B 707 22.26 18.10 19.64
CA ASP B 707 21.17 18.29 20.58
C ASP B 707 19.93 17.49 20.19
N ILE B 708 19.76 17.21 18.89
CA ILE B 708 18.73 16.27 18.48
C ILE B 708 19.04 14.87 19.00
N GLN B 709 20.25 14.35 18.71
CA GLN B 709 20.52 12.98 19.16
C GLN B 709 20.83 12.87 20.65
N LYS B 710 20.82 13.98 21.41
CA LYS B 710 20.74 13.87 22.86
C LYS B 710 19.46 13.15 23.28
N ALA B 711 18.32 13.65 22.84
CA ALA B 711 17.02 13.19 23.32
C ALA B 711 16.40 12.12 22.43
N GLN B 712 17.08 11.70 21.35
CA GLN B 712 16.54 10.61 20.53
C GLN B 712 16.55 9.29 21.27
N VAL B 713 17.53 9.08 22.15
CA VAL B 713 17.46 7.97 23.08
C VAL B 713 16.44 8.33 24.16
N SER B 714 15.80 7.30 24.73
CA SER B 714 14.86 7.49 25.82
C SER B 714 15.59 7.66 27.15
N GLY B 715 14.88 7.49 28.25
CA GLY B 715 15.50 7.60 29.55
C GLY B 715 16.00 6.25 29.98
N GLN B 716 15.29 5.58 30.88
CA GLN B 716 15.60 4.19 31.18
C GLN B 716 15.30 3.31 29.97
N GLY B 717 16.07 2.24 29.84
CA GLY B 717 15.90 1.33 28.71
C GLY B 717 14.59 0.56 28.83
N ASP B 718 13.82 0.54 27.75
CA ASP B 718 12.51 -0.07 27.75
C ASP B 718 12.63 -1.53 27.38
N SER B 719 11.50 -2.22 27.21
CA SER B 719 11.55 -3.55 26.64
C SER B 719 11.79 -3.44 25.14
N LEU B 720 12.21 -4.56 24.54
CA LEU B 720 12.55 -4.55 23.13
C LEU B 720 11.31 -4.40 22.25
N HIS B 721 10.16 -4.89 22.73
CA HIS B 721 8.91 -4.60 22.05
C HIS B 721 8.55 -3.12 22.18
N GLU B 722 8.79 -2.55 23.35
CA GLU B 722 8.65 -1.11 23.50
C GLU B 722 9.74 -0.35 22.75
N HIS B 723 10.90 -0.98 22.53
CA HIS B 723 11.91 -0.37 21.68
C HIS B 723 11.43 -0.27 20.24
N ILE B 724 10.91 -1.36 19.69
CA ILE B 724 10.43 -1.32 18.31
C ILE B 724 9.08 -0.65 18.17
N ALA B 725 8.41 -0.33 19.30
CA ALA B 725 7.06 0.20 19.26
C ALA B 725 6.98 1.60 18.67
N ASN B 726 8.07 2.35 18.67
CA ASN B 726 8.03 3.73 18.18
C ASN B 726 8.88 3.93 16.93
N LEU B 727 9.09 2.86 16.16
CA LEU B 727 9.75 2.97 14.88
C LEU B 727 8.75 3.36 13.80
N ALA B 728 9.19 3.30 12.55
CA ALA B 728 8.34 3.63 11.41
C ALA B 728 8.31 2.50 10.40
N GLY B 729 7.79 2.78 9.22
CA GLY B 729 7.74 1.80 8.16
C GLY B 729 6.51 0.93 8.24
N SER B 730 6.54 -0.15 7.46
CA SER B 730 5.51 -1.14 7.54
C SER B 730 5.67 -1.97 8.81
N PRO B 731 4.62 -2.66 9.25
CA PRO B 731 4.82 -3.69 10.27
C PRO B 731 5.62 -4.88 9.78
N ALA B 732 5.75 -5.06 8.45
CA ALA B 732 6.58 -6.14 7.92
C ALA B 732 8.05 -5.94 8.27
N ILE B 733 8.59 -4.74 8.01
CA ILE B 733 9.98 -4.50 8.36
C ILE B 733 10.16 -4.39 9.86
N LYS B 734 9.12 -4.04 10.62
CA LYS B 734 9.23 -4.09 12.08
C LYS B 734 9.34 -5.54 12.55
N LYS B 735 8.58 -6.45 11.93
CA LYS B 735 8.73 -7.86 12.23
C LYS B 735 10.11 -8.36 11.85
N GLY B 736 10.64 -7.85 10.75
CA GLY B 736 11.99 -8.21 10.35
C GLY B 736 13.06 -7.71 11.31
N ILE B 737 12.89 -6.49 11.82
CA ILE B 737 13.85 -5.93 12.76
C ILE B 737 13.82 -6.68 14.08
N LEU B 738 12.63 -7.05 14.55
CA LEU B 738 12.54 -7.79 15.79
C LEU B 738 13.11 -9.19 15.64
N GLN B 739 12.90 -9.82 14.48
CA GLN B 739 13.49 -11.12 14.26
C GLN B 739 15.01 -11.04 14.07
N THR B 740 15.52 -9.95 13.48
CA THR B 740 16.97 -9.92 13.33
C THR B 740 17.66 -9.60 14.65
N VAL B 741 17.01 -8.86 15.55
CA VAL B 741 17.57 -8.66 16.87
C VAL B 741 17.54 -9.98 17.65
N LYS B 742 16.47 -10.75 17.49
CA LYS B 742 16.41 -12.06 18.13
C LYS B 742 17.48 -13.01 17.61
N VAL B 743 17.72 -13.01 16.30
CA VAL B 743 18.71 -13.96 15.78
C VAL B 743 20.14 -13.48 16.00
N VAL B 744 20.38 -12.18 16.19
CA VAL B 744 21.71 -11.76 16.61
C VAL B 744 21.94 -12.15 18.06
N ASP B 745 20.96 -11.88 18.92
CA ASP B 745 21.10 -12.15 20.35
C ASP B 745 21.15 -13.64 20.64
N GLU B 746 20.60 -14.47 19.76
CA GLU B 746 20.84 -15.90 19.84
C GLU B 746 22.11 -16.30 19.12
N LEU B 747 22.53 -15.52 18.13
CA LEU B 747 23.67 -15.89 17.32
C LEU B 747 24.98 -15.66 18.06
N VAL B 748 24.99 -14.71 19.00
CA VAL B 748 26.14 -14.53 19.87
C VAL B 748 26.35 -15.76 20.75
N LYS B 749 25.25 -16.38 21.17
CA LYS B 749 25.28 -17.54 22.06
C LYS B 749 26.00 -18.73 21.44
N VAL B 750 25.90 -18.88 20.12
CA VAL B 750 26.41 -20.11 19.52
C VAL B 750 27.91 -20.05 19.26
N MET B 751 28.49 -18.86 19.08
CA MET B 751 29.91 -18.79 18.76
C MET B 751 30.71 -18.48 20.04
N GLY B 752 30.71 -19.46 20.93
CA GLY B 752 31.52 -19.40 22.15
C GLY B 752 31.16 -18.34 23.15
N ARG B 753 30.04 -17.64 22.95
CA ARG B 753 29.50 -16.58 23.80
C ARG B 753 30.48 -15.39 23.93
N HIS B 754 31.37 -15.22 22.94
CA HIS B 754 32.16 -14.01 22.83
C HIS B 754 31.40 -12.99 22.00
N LYS B 755 31.44 -11.73 22.43
CA LYS B 755 30.76 -10.69 21.69
C LYS B 755 31.52 -10.39 20.39
N PRO B 756 30.80 -9.97 19.33
CA PRO B 756 31.46 -9.73 18.04
C PRO B 756 32.28 -8.47 17.99
N GLU B 757 32.75 -8.13 16.79
CA GLU B 757 33.50 -6.90 16.58
C GLU B 757 32.81 -5.94 15.63
N ASN B 758 32.32 -6.41 14.49
CA ASN B 758 31.74 -5.53 13.49
C ASN B 758 30.44 -6.16 13.00
N ILE B 759 29.32 -5.50 13.27
CA ILE B 759 28.04 -5.99 12.79
C ILE B 759 27.52 -5.01 11.75
N VAL B 760 27.03 -5.55 10.64
CA VAL B 760 26.69 -4.79 9.44
C VAL B 760 25.20 -4.93 9.21
N ILE B 761 24.52 -3.85 8.85
CA ILE B 761 23.10 -3.94 8.52
C ILE B 761 22.79 -3.17 7.26
N GLU B 762 21.88 -3.70 6.43
CA GLU B 762 21.17 -2.85 5.46
C GLU B 762 19.86 -3.51 5.06
N MET B 763 18.96 -2.70 4.48
CA MET B 763 17.74 -3.19 3.85
C MET B 763 17.48 -2.44 2.55
N ALA B 764 16.79 -3.12 1.62
CA ALA B 764 16.43 -2.56 0.32
C ALA B 764 15.31 -3.38 -0.30
N ARG B 765 14.39 -2.71 -0.98
CA ARG B 765 13.18 -3.32 -1.52
C ARG B 765 12.51 -2.39 -2.52
N GLU B 766 11.26 -2.72 -2.85
CA GLU B 766 10.30 -1.86 -3.55
C GLU B 766 10.75 -1.47 -4.97
N ASN B 767 10.78 -2.48 -5.84
CA ASN B 767 10.96 -2.26 -7.28
C ASN B 767 9.60 -2.33 -7.99
N GLN B 768 8.86 -1.22 -7.96
CA GLN B 768 7.49 -1.16 -8.50
C GLN B 768 7.33 0.11 -9.35
N THR B 769 8.27 0.33 -10.28
CA THR B 769 8.24 1.55 -11.09
C THR B 769 7.18 1.48 -12.20
N THR B 770 6.65 0.28 -12.47
CA THR B 770 5.62 0.01 -13.49
C THR B 770 6.08 0.45 -14.88
N GLN B 771 7.24 -0.09 -15.28
CA GLN B 771 7.71 -0.16 -16.68
C GLN B 771 8.19 1.19 -17.24
N LYS B 772 7.94 2.28 -16.51
CA LYS B 772 8.33 3.66 -16.82
C LYS B 772 8.01 4.11 -18.25
N GLY B 773 6.91 3.60 -18.82
CA GLY B 773 6.62 3.85 -20.22
C GLY B 773 6.15 5.26 -20.49
N GLN B 774 5.36 5.83 -19.59
CA GLN B 774 4.88 7.19 -19.72
C GLN B 774 5.65 8.17 -18.84
N LYS B 775 6.56 7.70 -18.00
CA LYS B 775 7.31 8.57 -17.12
C LYS B 775 8.33 9.43 -17.86
N ASN B 776 8.85 8.96 -18.98
CA ASN B 776 9.79 9.76 -19.77
C ASN B 776 9.07 10.85 -20.56
N SER B 777 7.95 10.51 -21.20
CA SER B 777 7.23 11.46 -22.03
C SER B 777 6.38 12.42 -21.22
N ARG B 778 6.33 12.26 -19.90
CA ARG B 778 5.57 13.18 -19.06
C ARG B 778 6.38 14.43 -18.75
N GLU B 779 7.65 14.24 -18.36
CA GLU B 779 8.54 15.36 -18.06
C GLU B 779 9.81 15.34 -18.88
N ARG B 780 10.50 14.20 -18.96
CA ARG B 780 11.83 14.14 -19.55
C ARG B 780 11.80 14.26 -21.08
N MET B 781 11.18 13.29 -21.76
CA MET B 781 11.00 13.40 -23.21
C MET B 781 10.11 14.57 -23.56
N LYS B 782 9.16 14.92 -22.66
CA LYS B 782 8.33 16.11 -22.82
C LYS B 782 9.17 17.39 -22.88
N ARG B 783 10.41 17.35 -22.37
CA ARG B 783 11.35 18.46 -22.51
C ARG B 783 11.56 18.86 -23.97
N ILE B 784 11.59 17.88 -24.89
CA ILE B 784 11.77 18.25 -26.29
C ILE B 784 10.51 18.92 -26.85
N GLU B 785 9.35 18.65 -26.23
CA GLU B 785 8.14 19.42 -26.56
C GLU B 785 8.24 20.87 -26.12
N GLU B 786 9.00 21.19 -25.08
CA GLU B 786 9.37 22.60 -24.90
C GLU B 786 10.74 22.89 -25.47
N GLY B 787 11.43 21.87 -26.00
CA GLY B 787 12.53 22.14 -26.91
C GLY B 787 12.07 22.89 -28.13
N ILE B 788 10.86 22.57 -28.61
CA ILE B 788 10.21 23.34 -29.67
C ILE B 788 9.95 24.78 -29.20
N LYS B 789 9.77 24.97 -27.88
CA LYS B 789 9.66 26.30 -27.32
C LYS B 789 10.94 27.10 -27.49
N GLU B 790 12.10 26.43 -27.48
CA GLU B 790 13.37 27.15 -27.57
C GLU B 790 14.13 26.82 -28.86
N LEU B 791 14.39 25.54 -29.11
CA LEU B 791 15.25 25.15 -30.23
C LEU B 791 14.53 25.30 -31.56
N GLY B 792 13.44 24.56 -31.75
CA GLY B 792 12.67 24.58 -32.97
C GLY B 792 12.84 23.33 -33.82
N SER B 793 13.91 22.57 -33.62
CA SER B 793 14.16 21.38 -34.42
C SER B 793 13.24 20.24 -34.04
N GLN B 794 12.12 20.09 -34.75
CA GLN B 794 11.21 18.97 -34.53
C GLN B 794 11.87 17.72 -35.08
N ILE B 795 12.53 16.97 -34.21
CA ILE B 795 13.28 15.79 -34.61
C ILE B 795 12.34 14.67 -35.04
N LEU B 796 11.20 14.53 -34.35
CA LEU B 796 10.20 13.55 -34.74
C LEU B 796 9.49 13.88 -36.04
N LYS B 797 9.61 15.11 -36.54
CA LYS B 797 8.98 15.47 -37.81
C LYS B 797 9.64 14.78 -38.99
N GLU B 798 10.91 14.40 -38.89
CA GLU B 798 11.57 13.64 -39.94
C GLU B 798 11.51 12.14 -39.71
N HIS B 799 11.41 11.70 -38.45
CA HIS B 799 11.21 10.30 -38.12
C HIS B 799 10.33 10.20 -36.88
N PRO B 800 9.04 9.97 -37.04
CA PRO B 800 8.19 9.71 -35.86
C PRO B 800 8.52 8.35 -35.27
N VAL B 801 9.22 8.35 -34.14
CA VAL B 801 9.59 7.14 -33.43
C VAL B 801 8.83 7.15 -32.11
N GLU B 802 8.31 5.98 -31.73
CA GLU B 802 7.42 5.86 -30.57
C GLU B 802 8.17 6.18 -29.28
N ASN B 803 7.39 6.44 -28.24
CA ASN B 803 7.92 7.03 -27.01
C ASN B 803 7.61 6.15 -25.81
N THR B 804 7.45 4.84 -26.06
CA THR B 804 7.27 3.87 -24.99
C THR B 804 8.31 2.77 -25.00
N GLN B 805 9.13 2.65 -26.04
CA GLN B 805 10.24 1.71 -26.09
C GLN B 805 11.57 2.45 -26.01
N LEU B 806 11.62 3.51 -25.21
CA LEU B 806 12.84 4.24 -24.92
C LEU B 806 13.62 3.64 -23.76
N GLN B 807 13.29 2.41 -23.35
CA GLN B 807 13.96 1.78 -22.24
C GLN B 807 15.38 1.33 -22.60
N ASN B 808 15.65 1.12 -23.89
CA ASN B 808 17.02 0.91 -24.33
C ASN B 808 17.78 2.22 -24.20
N GLU B 809 18.91 2.17 -23.49
CA GLU B 809 19.57 3.38 -23.01
C GLU B 809 20.25 4.19 -24.10
N LYS B 810 20.64 3.57 -25.21
CA LYS B 810 21.44 4.28 -26.21
C LYS B 810 20.59 5.24 -27.02
N LEU B 811 19.44 4.78 -27.53
CA LEU B 811 18.55 5.68 -28.26
C LEU B 811 17.89 6.67 -27.31
N TYR B 812 17.71 6.27 -26.05
CA TYR B 812 17.19 7.16 -25.02
C TYR B 812 18.13 8.33 -24.79
N LEU B 813 19.42 8.04 -24.64
CA LEU B 813 20.40 9.09 -24.42
C LEU B 813 20.71 9.84 -25.72
N TYR B 814 20.41 9.22 -26.87
CA TYR B 814 20.50 9.95 -28.13
C TYR B 814 19.43 11.01 -28.23
N TYR B 815 18.18 10.62 -28.03
CA TYR B 815 17.08 11.57 -28.17
C TYR B 815 17.04 12.56 -27.02
N LEU B 816 17.71 12.26 -25.91
CA LEU B 816 17.99 13.26 -24.89
C LEU B 816 19.27 14.05 -25.16
N GLN B 817 19.70 14.13 -26.43
CA GLN B 817 20.93 14.84 -26.77
C GLN B 817 20.73 15.67 -28.03
N ASN B 818 19.49 16.09 -28.29
CA ASN B 818 19.10 17.02 -29.36
C ASN B 818 19.40 16.48 -30.77
N GLY B 819 19.69 15.19 -30.91
CA GLY B 819 20.22 14.67 -32.15
C GLY B 819 21.60 15.18 -32.46
N ARG B 820 22.36 15.59 -31.44
CA ARG B 820 23.63 16.27 -31.58
C ARG B 820 24.69 15.54 -30.77
N ASP B 821 25.85 16.16 -30.58
CA ASP B 821 26.85 15.72 -29.62
C ASP B 821 27.19 16.88 -28.71
N MET B 822 27.48 16.59 -27.43
CA MET B 822 28.02 17.60 -26.53
C MET B 822 29.53 17.74 -26.61
N TYR B 823 30.18 17.13 -27.59
CA TYR B 823 31.62 17.21 -27.70
C TYR B 823 32.07 17.99 -28.94
N VAL B 824 31.66 17.54 -30.12
CA VAL B 824 32.01 18.23 -31.37
C VAL B 824 30.74 18.47 -32.17
N ASP B 825 30.78 19.53 -32.97
CA ASP B 825 29.63 19.96 -33.77
C ASP B 825 29.47 19.02 -34.95
N GLN B 826 28.56 18.06 -34.82
CA GLN B 826 28.31 17.08 -35.87
C GLN B 826 26.88 16.55 -35.71
N GLU B 827 26.56 15.51 -36.47
CA GLU B 827 25.31 14.78 -36.34
C GLU B 827 25.63 13.32 -36.04
N LEU B 828 24.59 12.49 -35.99
CA LEU B 828 24.74 11.09 -35.66
C LEU B 828 23.83 10.24 -36.54
N ASP B 829 24.22 8.98 -36.69
CA ASP B 829 23.41 7.98 -37.38
C ASP B 829 22.61 7.20 -36.34
N ILE B 830 21.31 7.09 -36.57
CA ILE B 830 20.45 6.43 -35.60
C ILE B 830 20.62 4.91 -35.67
N ASN B 831 20.88 4.36 -36.86
CA ASN B 831 21.04 2.92 -37.00
C ASN B 831 22.46 2.46 -36.74
N ARG B 832 23.45 3.36 -36.81
CA ARG B 832 24.85 3.02 -36.55
C ARG B 832 25.29 3.45 -35.15
N LEU B 833 24.39 3.37 -34.17
CA LEU B 833 24.73 3.71 -32.79
C LEU B 833 25.51 2.62 -32.09
N SER B 834 25.67 1.44 -32.69
CA SER B 834 26.37 0.35 -32.02
C SER B 834 27.86 0.63 -31.89
N ASP B 835 28.47 1.17 -32.96
CA ASP B 835 29.87 1.56 -32.87
C ASP B 835 30.06 2.88 -32.14
N TYR B 836 29.00 3.68 -32.00
CA TYR B 836 29.09 4.92 -31.26
C TYR B 836 29.12 4.63 -29.77
N ASP B 837 29.91 5.40 -29.03
CA ASP B 837 30.30 4.99 -27.68
C ASP B 837 29.66 5.86 -26.61
N VAL B 838 29.26 5.22 -25.52
CA VAL B 838 28.71 5.88 -24.35
C VAL B 838 29.86 6.22 -23.41
N ASP B 839 30.06 7.50 -23.14
CA ASP B 839 31.07 7.96 -22.22
C ASP B 839 30.41 8.58 -21.00
N HIS B 840 31.23 8.94 -20.02
CA HIS B 840 30.73 9.47 -18.76
C HIS B 840 31.31 10.86 -18.53
N ILE B 841 30.52 11.71 -17.89
CA ILE B 841 30.97 13.06 -17.55
C ILE B 841 32.05 13.00 -16.47
N VAL B 842 32.01 11.99 -15.60
CA VAL B 842 33.02 11.76 -14.57
C VAL B 842 33.39 10.29 -14.65
N PRO B 843 34.67 9.94 -14.61
CA PRO B 843 35.07 8.57 -14.94
C PRO B 843 34.69 7.55 -13.89
N GLN B 844 34.95 6.27 -14.17
CA GLN B 844 34.64 5.18 -13.27
C GLN B 844 35.67 5.01 -12.16
N SER B 845 36.58 5.97 -11.99
CA SER B 845 37.48 6.02 -10.84
C SER B 845 37.14 7.15 -9.89
N PHE B 846 35.96 7.74 -10.00
CA PHE B 846 35.53 8.79 -9.08
C PHE B 846 34.16 8.56 -8.50
N LEU B 847 33.24 7.97 -9.25
CA LEU B 847 31.88 7.73 -8.77
C LEU B 847 31.43 6.35 -9.20
N LYS B 848 30.12 6.11 -9.06
CA LYS B 848 29.42 5.06 -9.80
C LYS B 848 27.96 5.48 -9.92
N ASP B 849 27.53 5.80 -11.14
CA ASP B 849 26.13 6.03 -11.43
C ASP B 849 25.89 5.77 -12.91
N ASP B 850 24.64 5.44 -13.23
CA ASP B 850 24.24 5.06 -14.58
C ASP B 850 23.11 5.95 -15.05
N SER B 851 23.18 7.23 -14.73
CA SER B 851 22.08 8.16 -14.93
C SER B 851 22.32 9.03 -16.15
N ILE B 852 21.33 9.85 -16.47
CA ILE B 852 21.46 10.83 -17.54
C ILE B 852 22.33 12.00 -17.08
N ASP B 853 22.40 12.22 -15.77
CA ASP B 853 23.33 13.19 -15.22
C ASP B 853 24.77 12.78 -15.46
N ASN B 854 25.04 11.48 -15.54
CA ASN B 854 26.40 10.99 -15.78
C ASN B 854 26.65 10.73 -17.26
N LYS B 855 25.88 9.84 -17.87
CA LYS B 855 26.22 9.29 -19.17
C LYS B 855 25.90 10.25 -20.30
N VAL B 856 26.83 10.38 -21.24
CA VAL B 856 26.59 11.04 -22.52
C VAL B 856 26.99 10.07 -23.62
N LEU B 857 26.57 10.39 -24.85
CA LEU B 857 26.81 9.55 -26.01
C LEU B 857 27.56 10.34 -27.06
N THR B 858 28.54 9.72 -27.69
CA THR B 858 29.35 10.40 -28.69
C THR B 858 29.91 9.36 -29.66
N ARG B 859 30.87 9.79 -30.49
CA ARG B 859 31.58 8.93 -31.42
C ARG B 859 32.97 8.56 -30.93
N SER B 860 33.77 9.55 -30.54
CA SER B 860 35.17 9.33 -30.20
C SER B 860 35.43 9.77 -28.77
N ASP B 861 36.21 8.96 -28.05
CA ASP B 861 36.63 9.30 -26.71
C ASP B 861 37.68 10.41 -26.69
N LYS B 862 38.37 10.64 -27.82
CA LYS B 862 39.33 11.73 -27.91
C LYS B 862 38.67 13.09 -27.89
N ASN B 863 37.38 13.17 -28.24
CA ASN B 863 36.66 14.44 -28.18
C ASN B 863 36.44 14.91 -26.75
N ARG B 864 36.49 14.00 -25.78
CA ARG B 864 36.33 14.39 -24.38
C ARG B 864 37.54 15.17 -23.89
N GLY B 865 38.70 14.55 -23.88
CA GLY B 865 39.90 15.18 -23.35
C GLY B 865 40.85 14.12 -22.85
N LYS B 866 42.02 14.60 -22.41
CA LYS B 866 43.08 13.70 -22.00
C LYS B 866 43.38 13.84 -20.52
N SER B 867 42.34 13.88 -19.70
CA SER B 867 42.50 13.90 -18.26
C SER B 867 41.33 13.17 -17.62
N ASP B 868 41.54 12.71 -16.38
CA ASP B 868 40.48 12.13 -15.57
C ASP B 868 39.56 13.19 -14.98
N ASN B 869 39.86 14.46 -15.18
CA ASN B 869 39.08 15.58 -14.70
C ASN B 869 37.96 15.86 -15.71
N VAL B 870 37.31 17.00 -15.58
CA VAL B 870 36.28 17.51 -16.49
C VAL B 870 36.88 17.72 -17.88
N PRO B 871 36.09 17.72 -18.95
CA PRO B 871 36.65 17.92 -20.30
C PRO B 871 37.22 19.31 -20.53
N SER B 872 37.76 19.50 -21.72
CA SER B 872 38.66 20.62 -21.99
C SER B 872 37.90 21.93 -22.13
N GLU B 873 38.68 23.02 -22.14
CA GLU B 873 38.14 24.37 -22.06
C GLU B 873 37.49 24.81 -23.37
N GLU B 874 38.02 24.37 -24.49
CA GLU B 874 37.42 24.75 -25.78
C GLU B 874 36.07 24.07 -25.96
N VAL B 875 35.94 22.81 -25.53
CA VAL B 875 34.72 22.05 -25.71
C VAL B 875 33.57 22.66 -24.91
N VAL B 876 33.86 23.16 -23.70
CA VAL B 876 32.82 23.85 -22.96
C VAL B 876 32.58 25.26 -23.51
N LYS B 877 33.62 26.00 -23.91
CA LYS B 877 33.41 27.37 -24.35
C LYS B 877 32.92 27.49 -25.78
N LYS B 878 33.18 26.52 -26.66
CA LYS B 878 32.56 26.58 -27.98
C LYS B 878 31.11 26.14 -27.96
N MET B 879 30.69 25.42 -26.92
CA MET B 879 29.30 25.01 -26.75
C MET B 879 28.66 25.67 -25.54
N LYS B 880 29.24 26.75 -25.02
CA LYS B 880 28.61 27.46 -23.92
C LYS B 880 27.34 28.17 -24.35
N ASN B 881 27.21 28.46 -25.66
CA ASN B 881 25.96 29.01 -26.18
C ASN B 881 24.86 27.96 -26.16
N TYR B 882 25.08 26.83 -26.85
CA TYR B 882 24.02 25.84 -27.05
C TYR B 882 23.65 25.11 -25.77
N TRP B 883 24.60 24.97 -24.84
CA TRP B 883 24.29 24.29 -23.58
C TRP B 883 23.36 25.12 -22.72
N ARG B 884 23.40 26.44 -22.87
CA ARG B 884 22.41 27.30 -22.24
C ARG B 884 21.03 27.07 -22.84
N GLN B 885 20.94 26.69 -24.12
CA GLN B 885 19.63 26.34 -24.67
C GLN B 885 19.15 24.97 -24.18
N LEU B 886 20.00 23.94 -24.24
CA LEU B 886 19.46 22.64 -23.81
C LEU B 886 19.40 22.49 -22.29
N LEU B 887 19.96 23.43 -21.52
CA LEU B 887 19.54 23.57 -20.14
C LEU B 887 18.26 24.40 -20.06
N ASN B 888 18.15 25.40 -20.92
CA ASN B 888 16.97 26.26 -20.94
C ASN B 888 15.75 25.50 -21.43
N ALA B 889 15.95 24.53 -22.32
CA ALA B 889 14.88 23.64 -22.75
C ALA B 889 14.67 22.46 -21.81
N LYS B 890 15.44 22.40 -20.71
CA LYS B 890 15.30 21.44 -19.60
C LYS B 890 15.52 20.00 -20.10
N LEU B 891 16.39 19.89 -21.10
CA LEU B 891 16.78 18.57 -21.59
C LEU B 891 17.73 17.87 -20.62
N ILE B 892 18.68 18.60 -20.04
CA ILE B 892 19.51 18.09 -18.96
C ILE B 892 19.23 18.90 -17.71
N THR B 893 19.66 18.36 -16.58
CA THR B 893 19.48 19.03 -15.30
C THR B 893 20.58 20.07 -15.09
N GLN B 894 20.44 20.84 -14.00
CA GLN B 894 21.41 21.88 -13.66
C GLN B 894 22.75 21.29 -13.24
N ARG B 895 22.73 20.09 -12.64
CA ARG B 895 23.91 19.54 -11.97
C ARG B 895 24.99 19.16 -12.97
N LYS B 896 24.63 18.45 -14.04
CA LYS B 896 25.65 18.04 -15.00
C LYS B 896 26.16 19.21 -15.82
N PHE B 897 25.32 20.22 -16.09
CA PHE B 897 25.78 21.43 -16.76
C PHE B 897 26.79 22.16 -15.90
N ASP B 898 26.54 22.22 -14.59
CA ASP B 898 27.52 22.81 -13.69
C ASP B 898 28.77 21.95 -13.59
N ASN B 899 28.63 20.63 -13.83
CA ASN B 899 29.80 19.76 -13.78
C ASN B 899 30.69 19.94 -15.00
N LEU B 900 30.12 20.18 -16.19
CA LEU B 900 31.00 20.36 -17.34
C LEU B 900 31.67 21.73 -17.31
N THR B 901 31.04 22.72 -16.69
CA THR B 901 31.58 24.07 -16.65
C THR B 901 32.58 24.28 -15.52
N LYS B 902 33.26 23.22 -15.08
CA LYS B 902 34.29 23.33 -14.06
C LYS B 902 35.60 23.88 -14.58
N ALA B 903 35.68 24.28 -15.86
CA ALA B 903 36.81 25.06 -16.33
C ALA B 903 36.83 26.45 -15.69
N GLU B 904 35.65 26.97 -15.32
CA GLU B 904 35.59 28.13 -14.46
C GLU B 904 36.11 27.83 -13.06
N ARG B 905 35.72 26.68 -12.50
CA ARG B 905 36.09 26.29 -11.15
C ARG B 905 37.35 25.43 -11.10
N GLY B 906 38.13 25.39 -12.18
CA GLY B 906 39.39 24.68 -12.20
C GLY B 906 39.29 23.19 -12.47
N GLY B 907 38.14 22.57 -12.21
CA GLY B 907 38.00 21.13 -12.36
C GLY B 907 37.35 20.50 -11.15
N LEU B 908 38.07 19.60 -10.48
CA LEU B 908 37.55 18.95 -9.27
C LEU B 908 38.00 19.78 -8.07
N SER B 909 37.08 20.56 -7.51
CA SER B 909 37.38 21.36 -6.34
C SER B 909 37.46 20.46 -5.10
N GLU B 910 38.07 21.00 -4.03
CA GLU B 910 38.25 20.23 -2.81
C GLU B 910 36.92 19.96 -2.12
N LEU B 911 36.05 20.97 -2.07
CA LEU B 911 34.68 20.75 -1.58
C LEU B 911 33.90 19.84 -2.51
N ASP B 912 34.20 19.89 -3.81
CA ASP B 912 33.54 19.03 -4.79
C ASP B 912 33.94 17.58 -4.60
N LYS B 913 35.24 17.30 -4.51
CA LYS B 913 35.69 15.93 -4.31
C LYS B 913 35.34 15.42 -2.91
N ALA B 914 35.20 16.32 -1.94
CA ALA B 914 34.69 15.92 -0.63
C ALA B 914 33.22 15.52 -0.70
N GLY B 915 32.43 16.29 -1.46
CA GLY B 915 31.04 15.95 -1.67
C GLY B 915 30.86 14.66 -2.43
N PHE B 916 31.80 14.33 -3.31
CA PHE B 916 31.70 13.03 -3.98
C PHE B 916 32.18 11.89 -3.08
N ILE B 917 33.25 12.10 -2.30
CA ILE B 917 33.78 11.03 -1.48
C ILE B 917 32.84 10.71 -0.32
N LYS B 918 31.98 11.65 0.09
CA LYS B 918 31.04 11.32 1.15
C LYS B 918 29.60 11.27 0.64
N ARG B 919 29.37 11.63 -0.63
CA ARG B 919 28.04 11.52 -1.23
C ARG B 919 27.58 10.06 -1.28
N GLN B 920 28.51 9.14 -1.49
CA GLN B 920 28.11 7.74 -1.50
C GLN B 920 27.81 7.24 -0.09
N LEU B 921 28.49 7.76 0.92
CA LEU B 921 28.43 7.15 2.24
C LEU B 921 27.51 7.87 3.22
N VAL B 922 26.91 9.00 2.85
CA VAL B 922 25.82 9.53 3.65
C VAL B 922 24.60 8.66 3.44
N GLU B 923 24.17 7.98 4.50
CA GLU B 923 23.11 6.99 4.40
C GLU B 923 21.99 7.44 5.33
N THR B 924 20.99 8.07 4.74
CA THR B 924 20.08 8.97 5.45
C THR B 924 18.67 8.41 5.47
N ARG B 925 18.56 7.09 5.65
CA ARG B 925 17.27 6.45 5.84
C ARG B 925 17.12 6.12 7.32
N GLN B 926 15.98 6.48 7.91
CA GLN B 926 15.86 6.53 9.36
C GLN B 926 15.84 5.14 9.98
N ILE B 927 15.36 4.16 9.22
CA ILE B 927 15.24 2.79 9.72
C ILE B 927 16.62 2.21 9.98
N THR B 928 17.60 2.57 9.14
CA THR B 928 18.97 2.12 9.32
C THR B 928 19.57 2.65 10.61
N LYS B 929 19.39 3.95 10.87
CA LYS B 929 19.93 4.55 12.08
C LYS B 929 19.23 4.00 13.32
N HIS B 930 17.94 3.71 13.23
CA HIS B 930 17.25 3.21 14.41
C HIS B 930 17.58 1.75 14.71
N VAL B 931 17.73 0.91 13.68
CA VAL B 931 18.15 -0.46 13.96
C VAL B 931 19.60 -0.49 14.41
N ALA B 932 20.40 0.50 13.96
CA ALA B 932 21.74 0.66 14.48
C ALA B 932 21.73 0.99 15.96
N GLN B 933 20.82 1.88 16.38
CA GLN B 933 20.72 2.24 17.79
C GLN B 933 20.25 1.07 18.64
N ILE B 934 19.26 0.33 18.15
CA ILE B 934 18.73 -0.82 18.90
C ILE B 934 19.80 -1.90 19.05
N LEU B 935 20.50 -2.21 17.97
CA LEU B 935 21.46 -3.29 18.06
C LEU B 935 22.77 -2.83 18.69
N ASP B 936 23.01 -1.53 18.77
CA ASP B 936 24.11 -1.02 19.57
C ASP B 936 23.81 -1.16 21.05
N SER B 937 22.62 -0.74 21.46
CA SER B 937 22.31 -0.66 22.88
C SER B 937 22.13 -2.02 23.55
N ARG B 938 22.12 -3.12 22.79
CA ARG B 938 21.97 -4.43 23.40
C ARG B 938 23.30 -5.08 23.75
N MET B 939 24.23 -5.09 22.81
CA MET B 939 25.46 -5.86 22.99
C MET B 939 26.64 -5.00 23.43
N ASN B 940 26.46 -3.69 23.53
CA ASN B 940 27.57 -2.77 23.76
C ASN B 940 27.19 -1.89 24.95
N THR B 941 27.44 -2.40 26.16
CA THR B 941 26.93 -1.74 27.35
C THR B 941 27.89 -1.71 28.53
N LYS B 942 29.09 -2.29 28.43
CA LYS B 942 30.00 -2.34 29.56
C LYS B 942 30.60 -0.98 29.84
N TYR B 943 30.93 -0.74 31.11
CA TYR B 943 31.40 0.55 31.57
C TYR B 943 32.82 0.45 32.12
N ASP B 944 33.36 1.61 32.47
CA ASP B 944 34.75 1.75 32.90
C ASP B 944 34.78 2.77 34.04
N GLU B 945 35.99 3.29 34.32
CA GLU B 945 36.20 4.20 35.44
C GLU B 945 35.50 5.55 35.27
N ASN B 946 35.15 5.94 34.04
CA ASN B 946 34.35 7.13 33.81
C ASN B 946 32.99 6.76 33.24
N ASP B 947 32.16 7.78 33.03
CA ASP B 947 30.77 7.58 32.64
C ASP B 947 30.62 7.10 31.19
N LYS B 948 31.57 7.40 30.33
CA LYS B 948 31.43 7.16 28.90
C LYS B 948 31.45 5.67 28.59
N LEU B 949 30.90 5.33 27.43
CA LEU B 949 30.65 3.95 27.06
C LEU B 949 31.86 3.34 26.37
N ILE B 950 32.26 2.16 26.82
CA ILE B 950 33.28 1.39 26.11
C ILE B 950 32.62 0.84 24.86
N ARG B 951 32.88 1.45 23.71
CA ARG B 951 32.24 1.02 22.47
C ARG B 951 32.91 -0.27 22.02
N GLU B 952 32.39 -1.39 22.52
CA GLU B 952 32.99 -2.68 22.28
C GLU B 952 32.76 -3.16 20.84
N VAL B 953 31.50 -3.25 20.44
CA VAL B 953 31.12 -3.81 19.15
C VAL B 953 30.75 -2.66 18.22
N LYS B 954 31.37 -2.63 17.05
CA LYS B 954 31.13 -1.55 16.10
C LYS B 954 29.94 -1.89 15.21
N VAL B 955 28.92 -1.07 15.29
CA VAL B 955 27.81 -1.11 14.33
C VAL B 955 28.27 -0.42 13.05
N ILE B 956 27.85 -0.94 11.90
CA ILE B 956 28.27 -0.39 10.63
C ILE B 956 27.13 -0.56 9.62
N THR B 957 27.03 0.42 8.73
CA THR B 957 25.85 0.61 7.90
C THR B 957 26.32 0.99 6.51
N LEU B 958 26.13 0.09 5.55
CA LEU B 958 26.51 0.32 4.17
C LEU B 958 25.29 0.26 3.27
N LYS B 959 25.35 0.96 2.14
CA LYS B 959 24.26 0.94 1.17
C LYS B 959 24.24 -0.37 0.39
N SER B 960 23.24 -0.50 -0.47
CA SER B 960 23.20 -1.60 -1.41
C SER B 960 24.00 -1.32 -2.66
N LYS B 961 24.46 -0.09 -2.86
CA LYS B 961 25.18 0.26 -4.07
C LYS B 961 26.56 -0.37 -4.10
N LEU B 962 27.26 -0.37 -2.96
CA LEU B 962 28.60 -0.94 -2.91
C LEU B 962 28.57 -2.45 -3.05
N VAL B 963 27.58 -3.09 -2.44
CA VAL B 963 27.53 -4.54 -2.54
C VAL B 963 27.00 -4.95 -3.91
N SER B 964 26.17 -4.11 -4.55
CA SER B 964 25.78 -4.38 -5.92
C SER B 964 26.95 -4.21 -6.88
N ASP B 965 27.83 -3.25 -6.61
CA ASP B 965 28.99 -3.06 -7.47
C ASP B 965 30.02 -4.16 -7.31
N PHE B 966 30.31 -4.57 -6.07
CA PHE B 966 31.17 -5.72 -5.83
C PHE B 966 30.56 -7.00 -6.39
N ARG B 967 29.24 -7.05 -6.47
CA ARG B 967 28.59 -8.17 -7.13
C ARG B 967 28.80 -8.14 -8.63
N LYS B 968 28.58 -6.98 -9.25
CA LYS B 968 28.54 -6.89 -10.70
C LYS B 968 29.93 -6.96 -11.33
N ASP B 969 30.87 -6.15 -10.84
CA ASP B 969 32.13 -5.99 -11.57
C ASP B 969 33.02 -7.21 -11.50
N PHE B 970 32.86 -8.08 -10.52
CA PHE B 970 33.81 -9.17 -10.32
C PHE B 970 33.20 -10.53 -10.64
N GLN B 971 32.14 -10.54 -11.46
CA GLN B 971 31.48 -11.74 -11.97
C GLN B 971 30.96 -12.63 -10.83
N PHE B 972 30.13 -12.01 -9.99
CA PHE B 972 29.55 -12.65 -8.81
C PHE B 972 28.03 -12.56 -8.84
N TYR B 973 27.47 -12.87 -10.01
CA TYR B 973 26.10 -12.51 -10.37
C TYR B 973 25.07 -13.29 -9.55
N LYS B 974 23.83 -12.82 -9.65
CA LYS B 974 22.67 -13.50 -9.09
C LYS B 974 21.45 -13.07 -9.87
N VAL B 975 20.52 -14.00 -10.04
CA VAL B 975 19.16 -13.66 -10.44
C VAL B 975 18.24 -14.35 -9.47
N ARG B 976 17.16 -13.65 -9.08
CA ARG B 976 16.43 -13.98 -7.87
C ARG B 976 15.67 -15.29 -7.97
N GLU B 977 15.38 -15.77 -9.17
CA GLU B 977 14.44 -16.85 -9.35
C GLU B 977 15.08 -18.22 -9.39
N ILE B 978 16.35 -18.33 -9.05
CA ILE B 978 17.00 -19.65 -9.02
C ILE B 978 16.67 -20.38 -7.74
N ASN B 979 17.11 -19.84 -6.61
CA ASN B 979 16.85 -20.38 -5.31
C ASN B 979 16.66 -19.21 -4.35
N ASN B 980 16.47 -19.53 -3.08
CA ASN B 980 16.45 -18.51 -2.05
C ASN B 980 17.76 -18.44 -1.29
N TYR B 981 18.86 -18.90 -1.89
CA TYR B 981 20.16 -18.63 -1.31
C TYR B 981 20.58 -17.19 -1.53
N HIS B 982 19.98 -16.48 -2.48
CA HIS B 982 20.42 -15.13 -2.80
C HIS B 982 20.04 -14.13 -1.74
N HIS B 983 19.30 -14.52 -0.71
CA HIS B 983 19.27 -13.73 0.51
C HIS B 983 20.59 -13.87 1.24
N ALA B 984 20.93 -15.11 1.62
CA ALA B 984 22.02 -15.37 2.56
C ALA B 984 23.37 -14.95 2.01
N HIS B 985 23.66 -15.37 0.76
CA HIS B 985 24.88 -14.97 0.09
C HIS B 985 25.01 -13.47 -0.01
N ASP B 986 23.88 -12.76 -0.18
CA ASP B 986 23.90 -11.31 -0.23
C ASP B 986 24.43 -10.74 1.06
N ALA B 987 23.96 -11.29 2.18
CA ALA B 987 24.41 -10.84 3.49
C ALA B 987 25.90 -11.06 3.67
N TYR B 988 26.42 -12.15 3.09
CA TYR B 988 27.85 -12.45 3.19
C TYR B 988 28.68 -11.35 2.59
N LEU B 989 28.25 -10.82 1.44
CA LEU B 989 29.05 -9.79 0.82
C LEU B 989 28.96 -8.51 1.62
N ASN B 990 27.83 -8.32 2.30
CA ASN B 990 27.67 -7.19 3.21
C ASN B 990 28.62 -7.25 4.37
N ALA B 991 29.11 -8.43 4.73
CA ALA B 991 30.15 -8.47 5.74
C ALA B 991 31.50 -8.09 5.14
N VAL B 992 31.78 -8.56 3.92
CA VAL B 992 33.15 -8.50 3.39
C VAL B 992 33.51 -7.06 3.07
N VAL B 993 32.70 -6.41 2.22
CA VAL B 993 32.79 -4.99 1.95
C VAL B 993 32.64 -4.17 3.23
N GLY B 994 31.98 -4.72 4.25
CA GLY B 994 32.06 -4.15 5.58
C GLY B 994 33.47 -4.15 6.14
N THR B 995 34.02 -5.34 6.40
CA THR B 995 35.25 -5.42 7.20
C THR B 995 36.44 -4.90 6.41
N ALA B 996 36.54 -5.27 5.15
CA ALA B 996 37.56 -4.75 4.28
C ALA B 996 37.35 -3.29 3.94
N LEU B 997 36.39 -2.56 4.49
CA LEU B 997 36.45 -1.11 4.45
C LEU B 997 36.91 -0.52 5.78
N ILE B 998 36.62 -1.17 6.90
CA ILE B 998 37.00 -0.60 8.19
C ILE B 998 38.43 -1.00 8.53
N LYS B 999 38.82 -2.23 8.20
CA LYS B 999 40.21 -2.64 8.38
C LYS B 999 41.15 -1.86 7.46
N LYS B 1000 40.65 -1.40 6.32
CA LYS B 1000 41.48 -0.60 5.43
C LYS B 1000 41.36 0.89 5.72
N TYR B 1001 40.21 1.37 6.17
CA TYR B 1001 40.05 2.75 6.60
C TYR B 1001 39.70 2.78 8.08
N PRO B 1002 40.69 2.79 8.98
CA PRO B 1002 40.37 2.95 10.39
C PRO B 1002 39.95 4.36 10.74
N LYS B 1003 40.50 5.36 10.04
CA LYS B 1003 40.25 6.74 10.45
C LYS B 1003 38.88 7.22 10.02
N LEU B 1004 38.39 6.80 8.86
CA LEU B 1004 37.19 7.39 8.31
C LEU B 1004 35.97 6.49 8.54
N GLU B 1005 35.93 5.85 9.71
CA GLU B 1005 34.74 5.16 10.18
C GLU B 1005 33.84 6.08 10.99
N SER B 1006 34.22 7.34 11.17
CA SER B 1006 33.53 8.25 12.06
C SER B 1006 32.34 8.95 11.41
N GLU B 1007 31.85 8.45 10.28
CA GLU B 1007 30.64 8.99 9.69
C GLU B 1007 29.59 7.95 9.35
N PHE B 1008 29.88 6.66 9.49
CA PHE B 1008 28.84 5.66 9.26
C PHE B 1008 28.97 4.51 10.26
N VAL B 1009 29.52 4.79 11.44
CA VAL B 1009 29.22 4.05 12.66
C VAL B 1009 28.23 4.89 13.47
N TYR B 1010 27.19 4.27 13.99
CA TYR B 1010 26.35 4.95 14.97
C TYR B 1010 27.13 5.07 16.27
N GLY B 1011 27.43 6.30 16.66
CA GLY B 1011 28.16 6.55 17.88
C GLY B 1011 28.74 7.94 17.89
N ASP B 1012 29.12 8.38 19.09
CA ASP B 1012 29.74 9.68 19.28
C ASP B 1012 31.20 9.56 18.88
N TYR B 1013 31.54 10.17 17.75
CA TYR B 1013 32.91 10.25 17.26
C TYR B 1013 33.30 11.69 16.97
N LYS B 1014 34.49 11.85 16.40
CA LYS B 1014 35.07 13.16 16.19
C LYS B 1014 34.44 13.85 14.99
N VAL B 1015 34.82 15.11 14.81
CA VAL B 1015 34.33 15.94 13.72
C VAL B 1015 35.32 15.95 12.54
N TYR B 1016 36.24 14.98 12.52
CA TYR B 1016 37.36 14.92 11.58
C TYR B 1016 36.89 14.77 10.14
N ASP B 1017 37.03 15.85 9.36
CA ASP B 1017 36.41 15.97 8.06
C ASP B 1017 37.23 15.26 6.98
N VAL B 1018 36.85 15.48 5.72
CA VAL B 1018 37.55 14.88 4.59
C VAL B 1018 38.18 15.93 3.67
N ARG B 1019 38.04 17.22 3.98
CA ARG B 1019 38.63 18.25 3.13
C ARG B 1019 40.15 18.25 3.19
N LYS B 1020 40.73 17.69 4.24
CA LYS B 1020 42.18 17.47 4.32
C LYS B 1020 42.54 16.00 4.34
N MET B 1021 41.67 15.13 3.80
CA MET B 1021 41.94 13.70 3.71
C MET B 1021 42.15 13.23 2.28
N ILE B 1022 41.91 14.09 1.29
CA ILE B 1022 42.15 13.76 -0.12
C ILE B 1022 43.20 14.73 -0.63
N ALA B 1023 44.23 14.20 -1.28
CA ALA B 1023 45.33 15.02 -1.76
C ALA B 1023 44.88 15.88 -2.94
N LYS B 1024 45.29 17.15 -2.94
CA LYS B 1024 44.99 18.07 -4.03
C LYS B 1024 46.09 18.10 -5.07
N SER B 1025 46.83 17.02 -5.22
CA SER B 1025 47.99 16.97 -6.10
C SER B 1025 47.98 15.59 -6.77
N GLU B 1026 49.14 15.19 -7.30
CA GLU B 1026 49.28 13.92 -7.98
C GLU B 1026 49.25 12.75 -6.99
N GLN B 1027 49.52 11.55 -7.52
CA GLN B 1027 49.43 10.32 -6.73
C GLN B 1027 50.47 10.31 -5.62
N GLU B 1028 49.98 10.23 -4.38
CA GLU B 1028 50.83 10.32 -3.21
C GLU B 1028 51.46 8.97 -2.91
N ILE B 1029 52.06 8.85 -1.72
CA ILE B 1029 52.77 7.62 -1.36
C ILE B 1029 51.77 6.49 -1.12
N GLY B 1030 52.12 5.31 -1.61
CA GLY B 1030 51.28 4.15 -1.41
C GLY B 1030 51.37 3.59 -0.01
N LYS B 1031 50.28 3.74 0.76
CA LYS B 1031 50.14 3.28 2.14
C LYS B 1031 51.19 3.90 3.07
N ALA B 1032 51.64 5.12 2.77
CA ALA B 1032 52.54 5.84 3.65
C ALA B 1032 52.28 7.34 3.69
N THR B 1033 51.23 7.83 3.03
CA THR B 1033 51.02 9.25 2.85
C THR B 1033 49.97 9.77 3.83
N ALA B 1034 49.81 11.11 3.82
CA ALA B 1034 48.90 11.76 4.76
C ALA B 1034 47.45 11.61 4.34
N LYS B 1035 47.18 11.70 3.03
CA LYS B 1035 45.82 11.62 2.54
C LYS B 1035 45.32 10.18 2.57
N TYR B 1036 44.00 10.02 2.58
CA TYR B 1036 43.41 8.69 2.56
C TYR B 1036 43.44 8.10 1.16
N PHE B 1037 43.02 8.87 0.16
CA PHE B 1037 43.02 8.44 -1.23
C PHE B 1037 43.05 9.68 -2.12
N PHE B 1038 43.12 9.45 -3.43
CA PHE B 1038 42.94 10.50 -4.41
C PHE B 1038 41.77 10.23 -5.35
N TYR B 1039 41.65 9.01 -5.83
CA TYR B 1039 40.52 8.65 -6.69
C TYR B 1039 39.26 8.51 -5.85
N SER B 1040 38.27 9.36 -6.14
CA SER B 1040 37.11 9.53 -5.28
C SER B 1040 36.16 8.34 -5.28
N ASN B 1041 36.36 7.35 -6.13
CA ASN B 1041 35.60 6.11 -6.02
C ASN B 1041 36.27 5.25 -4.97
N ILE B 1042 35.48 4.89 -3.94
CA ILE B 1042 35.97 4.09 -2.83
C ILE B 1042 36.30 2.68 -3.30
N MET B 1043 35.55 2.17 -4.26
CA MET B 1043 35.69 0.77 -4.63
C MET B 1043 36.87 0.51 -5.57
N ASN B 1044 37.72 1.51 -5.82
CA ASN B 1044 38.97 1.25 -6.51
C ASN B 1044 39.92 0.43 -5.66
N PHE B 1045 39.71 0.41 -4.35
CA PHE B 1045 40.45 -0.49 -3.47
C PHE B 1045 40.27 -1.95 -3.87
N PHE B 1046 39.06 -2.34 -4.24
CA PHE B 1046 38.85 -3.73 -4.63
C PHE B 1046 39.28 -4.03 -6.06
N LYS B 1047 39.52 -3.02 -6.87
CA LYS B 1047 39.84 -3.26 -8.27
C LYS B 1047 41.27 -3.81 -8.39
N THR B 1048 41.40 -4.92 -9.10
CA THR B 1048 42.72 -5.51 -9.32
C THR B 1048 43.58 -4.62 -10.21
N GLU B 1049 42.93 -3.91 -11.14
CA GLU B 1049 43.63 -3.05 -12.10
C GLU B 1049 42.60 -2.06 -12.62
N ILE B 1050 42.77 -0.79 -12.28
CA ILE B 1050 41.75 0.20 -12.64
C ILE B 1050 41.82 0.52 -14.13
N THR B 1051 40.76 1.14 -14.63
CA THR B 1051 40.67 1.46 -16.05
C THR B 1051 39.83 2.72 -16.22
N LEU B 1052 40.39 3.71 -16.89
CA LEU B 1052 39.66 4.93 -17.25
C LEU B 1052 39.80 5.18 -18.75
N ALA B 1053 39.16 6.26 -19.21
CA ALA B 1053 39.04 6.54 -20.63
C ALA B 1053 40.33 7.01 -21.27
N ASN B 1054 41.33 7.42 -20.49
CA ASN B 1054 42.61 7.82 -21.06
C ASN B 1054 43.47 6.64 -21.45
N GLY B 1055 43.08 5.42 -21.10
CA GLY B 1055 43.92 4.26 -21.31
C GLY B 1055 45.05 4.13 -20.32
N GLU B 1056 45.09 4.96 -19.29
CA GLU B 1056 46.11 4.85 -18.25
C GLU B 1056 45.78 3.66 -17.38
N ILE B 1057 46.41 2.52 -17.67
CA ILE B 1057 46.12 1.28 -16.96
C ILE B 1057 47.03 1.28 -15.74
N ARG B 1058 46.60 1.98 -14.70
CA ARG B 1058 47.41 2.20 -13.50
C ARG B 1058 47.26 1.01 -12.55
N LYS B 1059 48.39 0.53 -12.03
CA LYS B 1059 48.41 -0.67 -11.19
C LYS B 1059 48.45 -0.23 -9.73
N ARG B 1060 47.32 -0.32 -9.06
CA ARG B 1060 47.32 -0.34 -7.61
C ARG B 1060 47.89 -1.69 -7.15
N PRO B 1061 48.60 -1.72 -6.02
CA PRO B 1061 49.41 -2.90 -5.68
C PRO B 1061 48.60 -4.15 -5.42
N LEU B 1062 49.30 -5.29 -5.47
CA LEU B 1062 48.62 -6.59 -5.52
C LEU B 1062 48.02 -6.95 -4.17
N ILE B 1063 48.86 -7.13 -3.15
CA ILE B 1063 48.40 -7.46 -1.81
C ILE B 1063 48.39 -6.16 -1.02
N GLU B 1064 47.19 -5.64 -0.74
CA GLU B 1064 47.08 -4.31 -0.20
C GLU B 1064 47.18 -4.35 1.33
N THR B 1065 47.84 -3.35 1.89
CA THR B 1065 48.07 -3.23 3.32
C THR B 1065 47.62 -1.85 3.76
N ASN B 1066 47.01 -1.76 4.94
CA ASN B 1066 46.45 -0.50 5.45
C ASN B 1066 47.51 0.58 5.62
N GLY B 1067 47.09 1.82 5.43
CA GLY B 1067 47.98 2.94 5.18
C GLY B 1067 48.60 3.62 6.38
N GLU B 1068 48.36 3.14 7.59
CA GLU B 1068 48.98 3.75 8.76
C GLU B 1068 49.56 2.76 9.76
N THR B 1069 49.11 1.50 9.79
CA THR B 1069 49.51 0.57 10.83
C THR B 1069 50.26 -0.66 10.33
N GLY B 1070 50.22 -0.94 9.04
CA GLY B 1070 50.93 -2.10 8.52
C GLY B 1070 50.29 -3.42 8.87
N GLU B 1071 49.08 -3.66 8.37
CA GLU B 1071 48.41 -4.94 8.49
C GLU B 1071 47.74 -5.26 7.17
N ILE B 1072 47.95 -6.48 6.66
CA ILE B 1072 47.30 -6.90 5.44
C ILE B 1072 45.81 -7.05 5.69
N VAL B 1073 45.00 -6.51 4.79
CA VAL B 1073 43.56 -6.52 4.98
C VAL B 1073 42.90 -7.32 3.87
N TRP B 1074 43.59 -7.45 2.75
CA TRP B 1074 42.91 -7.88 1.52
C TRP B 1074 43.94 -8.60 0.64
N ASP B 1075 43.99 -9.91 0.77
CA ASP B 1075 45.03 -10.73 0.15
C ASP B 1075 44.49 -11.31 -1.15
N LYS B 1076 45.01 -10.83 -2.28
CA LYS B 1076 44.45 -11.11 -3.59
C LYS B 1076 44.52 -12.60 -3.94
N GLY B 1077 45.62 -13.26 -3.57
CA GLY B 1077 45.75 -14.68 -3.83
C GLY B 1077 44.84 -15.55 -2.98
N ARG B 1078 44.33 -15.00 -1.88
CA ARG B 1078 43.45 -15.75 -0.99
C ARG B 1078 42.17 -14.97 -0.67
N ASP B 1079 41.70 -14.14 -1.59
CA ASP B 1079 40.40 -13.49 -1.43
C ASP B 1079 39.38 -14.06 -2.40
N PHE B 1080 39.62 -13.92 -3.70
CA PHE B 1080 38.60 -14.30 -4.67
C PHE B 1080 38.49 -15.80 -4.85
N ALA B 1081 39.56 -16.54 -4.54
CA ALA B 1081 39.42 -17.98 -4.40
C ALA B 1081 38.49 -18.31 -3.25
N THR B 1082 38.66 -17.62 -2.12
CA THR B 1082 37.83 -17.89 -0.94
C THR B 1082 36.40 -17.41 -1.15
N VAL B 1083 36.22 -16.24 -1.76
CA VAL B 1083 34.88 -15.70 -1.98
C VAL B 1083 34.13 -16.52 -3.02
N ARG B 1084 34.81 -16.93 -4.09
CA ARG B 1084 34.15 -17.78 -5.06
C ARG B 1084 33.94 -19.19 -4.54
N LYS B 1085 34.71 -19.62 -3.55
CA LYS B 1085 34.40 -20.90 -2.93
C LYS B 1085 33.19 -20.80 -2.02
N VAL B 1086 33.07 -19.71 -1.27
CA VAL B 1086 31.96 -19.63 -0.32
C VAL B 1086 30.64 -19.32 -1.02
N LEU B 1087 30.64 -18.55 -2.11
CA LEU B 1087 29.39 -18.37 -2.82
C LEU B 1087 28.99 -19.60 -3.62
N SER B 1088 29.90 -20.55 -3.81
CA SER B 1088 29.57 -21.83 -4.44
C SER B 1088 29.38 -22.94 -3.40
N MET B 1089 29.09 -22.59 -2.18
CA MET B 1089 28.90 -23.65 -1.20
C MET B 1089 27.49 -24.22 -1.29
N PRO B 1090 27.35 -25.53 -1.18
CA PRO B 1090 26.05 -26.15 -1.43
C PRO B 1090 25.08 -26.04 -0.26
N GLN B 1091 25.57 -26.09 0.96
CA GLN B 1091 24.72 -26.33 2.12
C GLN B 1091 24.62 -25.04 2.93
N VAL B 1092 23.53 -24.31 2.74
CA VAL B 1092 23.24 -23.11 3.49
C VAL B 1092 22.01 -23.38 4.34
N ASN B 1093 22.00 -22.87 5.57
CA ASN B 1093 20.87 -23.09 6.46
C ASN B 1093 19.84 -22.00 6.23
N ILE B 1094 18.84 -22.29 5.41
CA ILE B 1094 17.62 -21.51 5.35
C ILE B 1094 16.55 -22.30 6.08
N VAL B 1095 15.74 -21.60 6.85
CA VAL B 1095 14.63 -22.21 7.57
C VAL B 1095 13.41 -21.34 7.37
N LYS B 1096 12.25 -21.97 7.30
CA LYS B 1096 10.98 -21.28 7.33
C LYS B 1096 10.45 -21.42 8.75
N LYS B 1097 10.29 -20.30 9.45
CA LYS B 1097 9.95 -20.38 10.86
C LYS B 1097 8.49 -20.79 11.04
N THR B 1098 8.22 -21.42 12.16
CA THR B 1098 6.87 -21.90 12.40
C THR B 1098 5.99 -20.75 12.88
N GLU B 1099 4.70 -20.88 12.63
CA GLU B 1099 3.69 -19.96 13.15
C GLU B 1099 2.46 -20.75 13.53
N VAL B 1100 1.70 -20.19 14.46
CA VAL B 1100 0.35 -20.64 14.72
C VAL B 1100 -0.59 -19.71 13.97
N GLN B 1101 -1.48 -20.27 13.17
CA GLN B 1101 -2.30 -19.47 12.27
C GLN B 1101 -3.41 -18.82 13.06
N THR B 1102 -3.15 -17.60 13.49
CA THR B 1102 -4.20 -16.73 13.99
C THR B 1102 -4.92 -16.08 12.83
N GLY B 1103 -6.20 -15.82 13.01
CA GLY B 1103 -6.98 -15.24 11.94
C GLY B 1103 -8.43 -15.66 12.05
N GLY B 1104 -9.11 -15.60 10.91
CA GLY B 1104 -10.53 -15.82 10.90
C GLY B 1104 -10.90 -17.27 11.18
N PHE B 1105 -12.12 -17.43 11.70
CA PHE B 1105 -12.65 -18.77 11.97
C PHE B 1105 -12.82 -19.56 10.69
N SER B 1106 -13.51 -18.99 9.72
CA SER B 1106 -13.67 -19.63 8.44
C SER B 1106 -13.72 -18.55 7.36
N LYS B 1107 -13.96 -19.00 6.14
CA LYS B 1107 -14.11 -18.09 5.01
C LYS B 1107 -15.30 -17.18 5.23
N GLU B 1108 -15.12 -15.89 4.99
CA GLU B 1108 -16.12 -14.89 5.32
C GLU B 1108 -17.18 -14.83 4.24
N SER B 1109 -17.91 -15.93 4.05
CA SER B 1109 -19.01 -15.97 3.09
C SER B 1109 -19.91 -17.14 3.48
N ILE B 1110 -21.02 -16.85 4.16
CA ILE B 1110 -21.94 -17.91 4.54
C ILE B 1110 -22.81 -18.27 3.35
N LEU B 1111 -22.92 -19.57 3.10
CA LEU B 1111 -23.43 -20.16 1.88
C LEU B 1111 -24.63 -21.05 2.19
N PRO B 1112 -25.58 -21.19 1.24
CA PRO B 1112 -26.88 -21.78 1.58
C PRO B 1112 -26.82 -23.26 1.93
N LYS B 1113 -27.97 -23.77 2.37
CA LYS B 1113 -28.06 -25.06 3.04
C LYS B 1113 -27.74 -26.21 2.11
N ARG B 1114 -27.18 -27.27 2.69
CA ARG B 1114 -26.83 -28.49 1.99
C ARG B 1114 -26.60 -29.59 3.00
N ASN B 1115 -26.64 -30.84 2.53
CA ASN B 1115 -26.70 -31.97 3.44
C ASN B 1115 -25.30 -32.39 3.89
N SER B 1116 -24.27 -31.70 3.42
CA SER B 1116 -22.92 -32.00 3.84
C SER B 1116 -22.70 -31.56 5.29
N ASP B 1117 -22.07 -32.42 6.08
CA ASP B 1117 -21.95 -32.18 7.51
C ASP B 1117 -20.78 -31.27 7.87
N LYS B 1118 -19.92 -30.92 6.91
CA LYS B 1118 -18.72 -30.14 7.22
C LYS B 1118 -19.02 -28.64 7.09
N LEU B 1119 -20.13 -28.24 7.72
CA LEU B 1119 -20.52 -26.85 7.82
C LEU B 1119 -20.38 -26.41 9.27
N ILE B 1120 -20.13 -25.12 9.46
CA ILE B 1120 -19.92 -24.54 10.78
C ILE B 1120 -21.05 -23.56 11.06
N ALA B 1121 -21.68 -23.72 12.21
CA ALA B 1121 -22.95 -23.06 12.51
C ALA B 1121 -22.77 -21.57 12.76
N ARG B 1122 -23.89 -20.86 12.72
CA ARG B 1122 -23.92 -19.43 12.95
C ARG B 1122 -23.93 -19.12 14.44
N LYS B 1123 -24.87 -19.71 15.16
CA LYS B 1123 -24.95 -19.69 16.61
C LYS B 1123 -24.88 -21.13 17.11
N LYS B 1124 -25.16 -21.34 18.40
CA LYS B 1124 -25.02 -22.67 18.98
C LYS B 1124 -26.08 -23.63 18.43
N ASP B 1125 -27.35 -23.27 18.56
CA ASP B 1125 -28.43 -24.21 18.30
C ASP B 1125 -28.95 -24.17 16.87
N TRP B 1126 -28.20 -23.60 15.93
CA TRP B 1126 -28.65 -23.52 14.55
C TRP B 1126 -27.90 -24.58 13.75
N ASP B 1127 -28.47 -25.78 13.75
CA ASP B 1127 -27.88 -26.97 13.14
C ASP B 1127 -27.76 -26.79 11.63
N PRO B 1128 -26.55 -26.78 11.07
CA PRO B 1128 -26.36 -26.31 9.69
C PRO B 1128 -26.90 -27.21 8.60
N LYS B 1129 -27.58 -28.31 8.92
CA LYS B 1129 -28.33 -29.04 7.93
C LYS B 1129 -29.69 -28.43 7.66
N LYS B 1130 -30.00 -27.33 8.29
CA LYS B 1130 -31.22 -26.56 8.05
C LYS B 1130 -30.94 -25.09 7.79
N TYR B 1131 -29.95 -24.52 8.45
CA TYR B 1131 -29.72 -23.08 8.37
C TYR B 1131 -28.46 -22.72 7.61
N GLY B 1132 -27.55 -23.67 7.39
CA GLY B 1132 -26.35 -23.42 6.62
C GLY B 1132 -25.39 -22.51 7.34
N GLY B 1133 -24.30 -22.18 6.63
CA GLY B 1133 -23.36 -21.24 7.20
C GLY B 1133 -21.94 -21.37 6.73
N PHE B 1134 -21.01 -21.28 7.67
CA PHE B 1134 -19.59 -21.19 7.37
C PHE B 1134 -19.01 -22.54 6.97
N ASP B 1135 -18.10 -22.51 6.00
CA ASP B 1135 -17.37 -23.68 5.55
C ASP B 1135 -15.89 -23.34 5.48
N SER B 1136 -15.05 -24.38 5.39
CA SER B 1136 -13.60 -24.34 5.25
C SER B 1136 -12.93 -23.59 6.39
N PRO B 1137 -12.84 -24.18 7.58
CA PRO B 1137 -12.19 -23.48 8.69
C PRO B 1137 -10.69 -23.42 8.52
N THR B 1138 -10.11 -22.31 8.98
CA THR B 1138 -8.67 -22.17 8.98
C THR B 1138 -8.08 -22.96 10.14
N VAL B 1139 -7.16 -23.85 9.84
CA VAL B 1139 -6.50 -24.63 10.87
C VAL B 1139 -5.33 -23.82 11.43
N ALA B 1140 -5.24 -23.76 12.76
CA ALA B 1140 -4.13 -23.05 13.37
C ALA B 1140 -2.91 -23.94 13.50
N TYR B 1141 -3.10 -25.16 13.98
CA TYR B 1141 -2.00 -26.10 14.06
C TYR B 1141 -2.54 -27.52 14.16
N SER B 1142 -1.86 -28.43 13.49
CA SER B 1142 -2.27 -29.81 13.61
C SER B 1142 -1.66 -30.42 14.87
N VAL B 1143 -2.22 -31.55 15.28
CA VAL B 1143 -1.63 -32.32 16.35
C VAL B 1143 -1.43 -33.74 15.86
N LEU B 1144 -0.25 -34.29 16.16
CA LEU B 1144 0.00 -35.71 15.98
C LEU B 1144 -0.49 -36.40 17.24
N VAL B 1145 -1.44 -37.32 17.07
CA VAL B 1145 -2.08 -38.01 18.16
C VAL B 1145 -1.95 -39.50 17.94
N VAL B 1146 -1.47 -40.21 18.96
CA VAL B 1146 -1.57 -41.66 19.02
C VAL B 1146 -2.72 -42.02 19.95
N ALA B 1147 -3.59 -42.92 19.50
CA ALA B 1147 -4.81 -43.23 20.23
C ALA B 1147 -5.32 -44.59 19.77
N LYS B 1148 -6.55 -44.90 20.12
CA LYS B 1148 -7.25 -46.03 19.56
C LYS B 1148 -8.65 -45.60 19.12
N VAL B 1149 -9.14 -46.26 18.07
CA VAL B 1149 -10.47 -46.01 17.56
C VAL B 1149 -11.33 -47.23 17.80
N GLU B 1150 -12.64 -47.00 17.77
CA GLU B 1150 -13.63 -48.07 17.98
C GLU B 1150 -14.05 -48.67 16.63
N LYS B 1151 -13.05 -49.22 15.96
CA LYS B 1151 -13.24 -49.71 14.60
C LYS B 1151 -13.99 -51.03 14.60
N GLY B 1152 -14.55 -51.37 13.44
CA GLY B 1152 -15.28 -52.60 13.28
C GLY B 1152 -16.66 -52.57 13.89
N LYS B 1153 -17.42 -53.63 13.64
CA LYS B 1153 -18.77 -53.72 14.18
C LYS B 1153 -18.76 -54.06 15.67
N SER B 1154 -17.68 -54.69 16.14
CA SER B 1154 -17.53 -55.04 17.55
C SER B 1154 -16.95 -53.90 18.38
N LYS B 1155 -16.73 -52.73 17.75
CA LYS B 1155 -16.24 -51.51 18.39
C LYS B 1155 -14.87 -51.73 19.04
N LYS B 1156 -14.05 -52.56 18.39
CA LYS B 1156 -12.76 -52.92 18.97
C LYS B 1156 -11.78 -51.77 18.81
N LEU B 1157 -11.01 -51.52 19.86
CA LEU B 1157 -10.12 -50.37 19.92
C LEU B 1157 -8.82 -50.73 19.19
N LYS B 1158 -8.73 -50.29 17.94
CA LYS B 1158 -7.53 -50.48 17.13
C LYS B 1158 -6.61 -49.28 17.28
N SER B 1159 -5.30 -49.56 17.32
CA SER B 1159 -4.32 -48.51 17.54
C SER B 1159 -4.14 -47.66 16.29
N VAL B 1160 -4.17 -46.34 16.47
CA VAL B 1160 -4.05 -45.39 15.38
C VAL B 1160 -3.04 -44.31 15.74
N LYS B 1161 -2.46 -43.71 14.69
CA LYS B 1161 -1.48 -42.65 14.81
C LYS B 1161 -1.74 -41.70 13.64
N GLU B 1162 -2.25 -40.51 13.92
CA GLU B 1162 -2.67 -39.67 12.80
C GLU B 1162 -2.51 -38.20 13.13
N LEU B 1163 -2.54 -37.40 12.08
CA LEU B 1163 -2.71 -35.97 12.21
C LEU B 1163 -4.18 -35.63 12.42
N LEU B 1164 -4.40 -34.59 13.19
CA LEU B 1164 -5.74 -34.07 13.38
C LEU B 1164 -5.67 -32.56 13.33
N GLY B 1165 -6.45 -31.97 12.43
CA GLY B 1165 -6.49 -30.53 12.34
C GLY B 1165 -7.24 -29.93 13.51
N ILE B 1166 -6.75 -28.80 13.98
CA ILE B 1166 -7.41 -28.01 15.02
C ILE B 1166 -7.63 -26.62 14.45
N THR B 1167 -8.88 -26.20 14.44
CA THR B 1167 -9.21 -24.87 13.95
C THR B 1167 -8.95 -23.87 15.06
N ILE B 1168 -9.09 -22.59 14.76
CA ILE B 1168 -9.02 -21.59 15.81
C ILE B 1168 -10.32 -21.51 16.59
N MET B 1169 -11.40 -22.12 16.09
CA MET B 1169 -12.69 -22.11 16.77
C MET B 1169 -12.66 -22.79 18.12
N GLU B 1170 -11.90 -23.87 18.26
CA GLU B 1170 -11.86 -24.58 19.53
C GLU B 1170 -10.45 -24.62 20.10
N ARG B 1171 -9.62 -23.63 19.77
CA ARG B 1171 -8.23 -23.59 20.21
C ARG B 1171 -8.12 -23.37 21.72
N SER B 1172 -8.82 -22.36 22.23
CA SER B 1172 -8.87 -22.17 23.67
C SER B 1172 -9.61 -23.33 24.33
N SER B 1173 -10.64 -23.84 23.67
CA SER B 1173 -11.31 -25.05 24.13
C SER B 1173 -10.40 -26.27 24.06
N PHE B 1174 -9.39 -26.25 23.19
CA PHE B 1174 -8.39 -27.29 23.23
C PHE B 1174 -7.48 -27.14 24.44
N GLU B 1175 -6.86 -25.98 24.57
CA GLU B 1175 -5.80 -25.83 25.57
C GLU B 1175 -6.32 -25.59 26.98
N LYS B 1176 -7.63 -25.50 27.20
CA LYS B 1176 -8.08 -25.52 28.59
C LYS B 1176 -8.12 -26.94 29.14
N ASN B 1177 -8.43 -27.94 28.29
CA ASN B 1177 -8.45 -29.33 28.70
C ASN B 1177 -8.33 -30.21 27.46
N PRO B 1178 -7.13 -30.65 27.10
CA PRO B 1178 -6.96 -31.35 25.81
C PRO B 1178 -7.51 -32.77 25.82
N ILE B 1179 -7.37 -33.50 26.93
CA ILE B 1179 -7.75 -34.91 26.90
C ILE B 1179 -9.26 -35.08 26.91
N ASP B 1180 -9.99 -34.17 27.56
CA ASP B 1180 -11.45 -34.27 27.56
C ASP B 1180 -12.02 -33.91 26.20
N PHE B 1181 -11.44 -32.90 25.54
CA PHE B 1181 -11.86 -32.54 24.20
C PHE B 1181 -11.53 -33.65 23.21
N LEU B 1182 -10.40 -34.34 23.40
CA LEU B 1182 -10.08 -35.43 22.50
C LEU B 1182 -10.93 -36.67 22.75
N GLU B 1183 -11.37 -36.88 24.00
CA GLU B 1183 -12.38 -37.92 24.22
C GLU B 1183 -13.72 -37.54 23.63
N ALA B 1184 -14.05 -36.24 23.62
CA ALA B 1184 -15.28 -35.79 23.00
C ALA B 1184 -15.22 -35.88 21.49
N LYS B 1185 -14.02 -35.81 20.90
CA LYS B 1185 -13.89 -35.96 19.46
C LYS B 1185 -14.14 -37.41 19.05
N GLY B 1186 -13.91 -38.37 19.95
CA GLY B 1186 -14.13 -39.76 19.64
C GLY B 1186 -12.86 -40.58 19.60
N TYR B 1187 -11.93 -40.26 20.48
CA TYR B 1187 -10.70 -41.03 20.60
C TYR B 1187 -10.49 -41.43 22.05
N LYS B 1188 -9.92 -42.61 22.25
CA LYS B 1188 -9.64 -43.14 23.56
C LYS B 1188 -8.14 -43.40 23.71
N GLU B 1189 -7.72 -43.55 24.98
CA GLU B 1189 -6.33 -43.81 25.38
C GLU B 1189 -5.40 -42.71 24.87
N VAL B 1190 -5.62 -41.51 25.38
CA VAL B 1190 -4.82 -40.36 25.01
C VAL B 1190 -3.57 -40.33 25.88
N LYS B 1191 -2.41 -40.34 25.24
CA LYS B 1191 -1.12 -40.32 25.93
C LYS B 1191 -0.64 -38.88 25.91
N LYS B 1192 -0.78 -38.20 27.06
CA LYS B 1192 -0.65 -36.75 27.13
C LYS B 1192 0.77 -36.27 26.84
N ASP B 1193 1.77 -37.10 27.14
CA ASP B 1193 3.14 -36.75 26.77
C ASP B 1193 3.34 -36.82 25.26
N LEU B 1194 2.57 -37.66 24.57
CA LEU B 1194 2.79 -37.91 23.16
C LEU B 1194 1.94 -37.04 22.25
N ILE B 1195 1.19 -36.09 22.79
CA ILE B 1195 0.41 -35.15 21.98
C ILE B 1195 1.40 -34.17 21.37
N ILE B 1196 1.74 -34.34 20.10
CA ILE B 1196 2.81 -33.56 19.49
C ILE B 1196 2.19 -32.39 18.76
N LYS B 1197 2.47 -31.19 19.25
CA LYS B 1197 2.00 -29.98 18.59
C LYS B 1197 2.80 -29.77 17.31
N LEU B 1198 2.10 -29.42 16.22
CA LEU B 1198 2.73 -29.35 14.90
C LEU B 1198 2.15 -28.16 14.17
N PRO B 1199 2.81 -27.03 14.21
CA PRO B 1199 2.23 -25.82 13.63
C PRO B 1199 2.33 -25.81 12.12
N LYS B 1200 1.92 -24.70 11.51
CA LYS B 1200 2.16 -24.54 10.08
C LYS B 1200 3.66 -24.34 9.86
N TYR B 1201 4.12 -24.76 8.68
CA TYR B 1201 5.51 -24.64 8.22
C TYR B 1201 6.46 -25.41 9.15
N SER B 1202 6.30 -26.72 9.14
CA SER B 1202 7.13 -27.59 9.96
C SER B 1202 7.86 -28.59 9.09
N LEU B 1203 9.16 -28.72 9.30
CA LEU B 1203 10.03 -29.48 8.41
C LEU B 1203 9.94 -30.98 8.69
N PHE B 1204 9.67 -31.75 7.65
CA PHE B 1204 9.77 -33.20 7.68
C PHE B 1204 10.86 -33.64 6.73
N GLU B 1205 11.77 -34.47 7.22
CA GLU B 1205 12.84 -35.02 6.41
C GLU B 1205 12.68 -36.52 6.33
N LEU B 1206 12.86 -37.06 5.13
CA LEU B 1206 12.82 -38.49 4.92
C LEU B 1206 13.73 -38.82 3.75
N GLU B 1207 13.56 -40.02 3.17
CA GLU B 1207 14.59 -40.75 2.45
C GLU B 1207 15.16 -39.98 1.26
N ASN B 1208 16.46 -40.20 1.02
CA ASN B 1208 17.28 -39.50 0.03
C ASN B 1208 17.28 -37.99 0.24
N GLY B 1209 17.15 -37.54 1.48
CA GLY B 1209 17.19 -36.13 1.78
C GLY B 1209 15.96 -35.35 1.35
N ARG B 1210 14.83 -36.01 1.21
CA ARG B 1210 13.62 -35.34 0.75
C ARG B 1210 13.03 -34.53 1.90
N LYS B 1211 12.91 -33.22 1.70
CA LYS B 1211 12.34 -32.33 2.71
C LYS B 1211 10.98 -31.83 2.24
N ARG B 1212 9.95 -32.10 3.04
CA ARG B 1212 8.60 -31.63 2.78
C ARG B 1212 8.10 -30.88 3.99
N MET B 1213 7.45 -29.76 3.78
CA MET B 1213 7.03 -28.94 4.90
C MET B 1213 5.54 -28.65 4.80
N LEU B 1214 4.88 -28.72 5.95
CA LEU B 1214 3.47 -29.07 6.10
C LEU B 1214 2.63 -27.83 6.43
N ALA B 1215 1.79 -27.40 5.50
CA ALA B 1215 1.09 -26.13 5.63
C ALA B 1215 -0.32 -26.26 6.20
N SER B 1216 -0.94 -27.42 6.10
CA SER B 1216 -2.22 -27.67 6.75
C SER B 1216 -2.34 -29.17 6.97
N ALA B 1217 -3.54 -29.65 7.27
CA ALA B 1217 -3.74 -31.08 7.43
C ALA B 1217 -3.61 -31.83 6.12
N GLY B 1218 -3.89 -31.18 5.01
CA GLY B 1218 -3.84 -31.84 3.72
C GLY B 1218 -3.03 -31.07 2.70
N GLU B 1219 -1.97 -30.42 3.16
CA GLU B 1219 -1.12 -29.65 2.28
C GLU B 1219 0.32 -30.01 2.59
N LEU B 1220 1.14 -30.07 1.54
CA LEU B 1220 2.57 -30.19 1.72
C LEU B 1220 3.24 -29.23 0.76
N GLN B 1221 4.41 -28.74 1.13
CA GLN B 1221 5.16 -27.84 0.29
C GLN B 1221 6.61 -28.31 0.20
N LYS B 1222 7.20 -28.14 -0.98
CA LYS B 1222 8.54 -28.63 -1.25
C LYS B 1222 9.57 -27.86 -0.44
N GLY B 1223 10.55 -28.57 0.10
CA GLY B 1223 11.49 -27.98 1.02
C GLY B 1223 12.92 -27.84 0.53
N ASN B 1224 13.39 -28.78 -0.27
CA ASN B 1224 14.80 -28.81 -0.66
C ASN B 1224 15.08 -27.73 -1.71
N GLU B 1225 16.36 -27.42 -1.90
CA GLU B 1225 16.79 -26.44 -2.90
C GLU B 1225 18.03 -26.94 -3.63
N LEU B 1226 18.55 -26.09 -4.51
CA LEU B 1226 19.53 -26.49 -5.51
C LEU B 1226 20.94 -26.07 -5.12
N ALA B 1227 21.89 -26.98 -5.35
CA ALA B 1227 23.31 -26.64 -5.25
C ALA B 1227 23.80 -26.33 -6.66
N LEU B 1228 23.44 -25.13 -7.12
CA LEU B 1228 23.76 -24.74 -8.48
C LEU B 1228 25.01 -23.87 -8.46
N PRO B 1229 26.13 -24.32 -9.03
CA PRO B 1229 27.42 -23.64 -8.82
C PRO B 1229 27.54 -22.27 -9.49
N SER B 1230 28.72 -21.65 -9.34
CA SER B 1230 28.90 -20.25 -9.68
C SER B 1230 28.94 -20.00 -11.18
N LYS B 1231 29.51 -20.94 -11.94
CA LYS B 1231 29.60 -20.74 -13.38
C LYS B 1231 28.24 -20.82 -14.05
N TYR B 1232 27.34 -21.64 -13.53
CA TYR B 1232 26.02 -21.77 -14.14
C TYR B 1232 25.18 -20.52 -13.91
N VAL B 1233 25.20 -19.98 -12.69
CA VAL B 1233 24.43 -18.77 -12.41
C VAL B 1233 25.03 -17.56 -13.11
N ASN B 1234 26.36 -17.51 -13.20
CA ASN B 1234 26.99 -16.41 -13.94
C ASN B 1234 26.65 -16.48 -15.42
N PHE B 1235 26.63 -17.68 -15.99
CA PHE B 1235 26.22 -17.82 -17.38
C PHE B 1235 24.75 -17.50 -17.57
N LEU B 1236 23.88 -17.88 -16.63
CA LEU B 1236 22.45 -17.65 -16.85
C LEU B 1236 22.11 -16.17 -16.73
N TYR B 1237 22.73 -15.45 -15.81
CA TYR B 1237 22.50 -14.02 -15.77
C TYR B 1237 23.12 -13.33 -16.97
N LEU B 1238 24.32 -13.75 -17.39
CA LEU B 1238 24.98 -13.03 -18.46
C LEU B 1238 24.33 -13.33 -19.81
N ALA B 1239 23.88 -14.56 -20.02
CA ALA B 1239 23.20 -14.92 -21.26
C ALA B 1239 21.80 -14.34 -21.31
N SER B 1240 21.08 -14.39 -20.19
CA SER B 1240 19.71 -13.91 -20.15
C SER B 1240 19.59 -12.39 -20.18
N HIS B 1241 20.70 -11.66 -20.23
CA HIS B 1241 20.69 -10.21 -20.32
C HIS B 1241 21.70 -9.77 -21.37
N TYR B 1242 21.57 -10.36 -22.56
CA TYR B 1242 22.52 -10.17 -23.66
C TYR B 1242 22.56 -8.72 -24.15
N GLU B 1243 21.51 -7.95 -23.92
CA GLU B 1243 21.50 -6.53 -24.22
C GLU B 1243 21.25 -5.68 -22.98
N LYS B 1244 21.39 -6.25 -21.79
CA LYS B 1244 20.99 -5.62 -20.54
C LYS B 1244 22.14 -5.65 -19.54
N LEU B 1245 23.31 -5.16 -19.97
CA LEU B 1245 24.41 -4.97 -19.03
C LEU B 1245 24.96 -3.55 -19.03
N LYS B 1246 25.06 -2.93 -20.22
CA LYS B 1246 25.44 -1.51 -20.40
C LYS B 1246 26.80 -1.19 -19.78
N GLY B 1247 27.83 -1.89 -20.25
CA GLY B 1247 29.17 -1.67 -19.73
C GLY B 1247 30.13 -1.10 -20.76
N SER B 1248 31.00 -1.96 -21.29
CA SER B 1248 31.99 -1.65 -22.30
C SER B 1248 31.74 -2.45 -23.57
N PRO B 1249 32.09 -1.90 -24.74
CA PRO B 1249 32.02 -2.71 -25.97
C PRO B 1249 32.97 -3.89 -25.97
N GLU B 1250 34.13 -3.76 -25.32
CA GLU B 1250 35.01 -4.90 -25.11
C GLU B 1250 34.36 -5.93 -24.20
N ASP B 1251 33.67 -5.45 -23.16
CA ASP B 1251 32.86 -6.33 -22.32
C ASP B 1251 31.74 -6.98 -23.11
N ASN B 1252 31.20 -6.26 -24.10
CA ASN B 1252 30.15 -6.83 -24.94
C ASN B 1252 30.67 -7.96 -25.81
N GLU B 1253 31.86 -7.79 -26.41
CA GLU B 1253 32.44 -8.90 -27.16
C GLU B 1253 32.87 -10.04 -26.24
N GLN B 1254 33.29 -9.73 -25.01
CA GLN B 1254 33.66 -10.79 -24.07
C GLN B 1254 32.45 -11.63 -23.67
N LYS B 1255 31.32 -10.99 -23.36
CA LYS B 1255 30.13 -11.76 -23.02
C LYS B 1255 29.57 -12.50 -24.23
N GLN B 1256 29.69 -11.92 -25.42
CA GLN B 1256 29.19 -12.58 -26.63
C GLN B 1256 29.99 -13.83 -26.93
N LEU B 1257 31.32 -13.73 -26.92
CA LEU B 1257 32.15 -14.92 -27.10
C LEU B 1257 32.02 -15.87 -25.92
N PHE B 1258 31.68 -15.37 -24.73
CA PHE B 1258 31.51 -16.24 -23.57
C PHE B 1258 30.28 -17.11 -23.73
N VAL B 1259 29.16 -16.53 -24.16
CA VAL B 1259 27.97 -17.35 -24.34
C VAL B 1259 28.09 -18.23 -25.58
N GLU B 1260 28.79 -17.76 -26.63
CA GLU B 1260 28.94 -18.60 -27.82
C GLU B 1260 29.95 -19.72 -27.60
N GLN B 1261 30.83 -19.61 -26.63
CA GLN B 1261 31.68 -20.73 -26.27
C GLN B 1261 31.08 -21.60 -25.17
N HIS B 1262 30.18 -21.06 -24.36
CA HIS B 1262 29.60 -21.81 -23.26
C HIS B 1262 28.11 -22.10 -23.49
N LYS B 1263 27.72 -22.21 -24.76
CA LYS B 1263 26.43 -22.80 -25.14
C LYS B 1263 26.28 -24.25 -24.65
N HIS B 1264 27.37 -24.91 -24.27
CA HIS B 1264 27.39 -26.27 -23.72
C HIS B 1264 26.67 -26.43 -22.38
N TYR B 1265 26.13 -25.36 -21.81
CA TYR B 1265 25.59 -25.42 -20.44
C TYR B 1265 24.12 -25.79 -20.37
N LEU B 1266 23.33 -25.46 -21.39
CA LEU B 1266 21.90 -25.67 -21.29
C LEU B 1266 21.50 -27.11 -21.49
N ASP B 1267 22.42 -27.98 -21.89
CA ASP B 1267 22.18 -29.41 -21.85
C ASP B 1267 23.00 -30.10 -20.78
N GLU B 1268 23.27 -29.40 -19.68
CA GLU B 1268 23.68 -30.08 -18.46
C GLU B 1268 22.89 -29.54 -17.28
N ILE B 1269 22.43 -28.29 -17.39
CA ILE B 1269 21.45 -27.76 -16.43
C ILE B 1269 20.20 -28.62 -16.41
N ILE B 1270 19.77 -29.06 -17.59
CA ILE B 1270 18.55 -29.84 -17.73
C ILE B 1270 18.68 -31.21 -17.07
N GLU B 1271 19.81 -31.90 -17.25
CA GLU B 1271 19.87 -33.18 -16.56
C GLU B 1271 20.18 -33.04 -15.07
N GLN B 1272 20.81 -31.95 -14.63
CA GLN B 1272 20.89 -31.70 -13.19
C GLN B 1272 19.51 -31.55 -12.58
N ILE B 1273 18.65 -30.77 -13.22
CA ILE B 1273 17.26 -30.64 -12.78
C ILE B 1273 16.53 -31.98 -12.89
N SER B 1274 16.92 -32.81 -13.87
CA SER B 1274 16.25 -34.09 -14.05
C SER B 1274 16.51 -35.04 -12.88
N GLU B 1275 17.79 -35.27 -12.55
CA GLU B 1275 18.04 -36.16 -11.40
C GLU B 1275 17.64 -35.49 -10.09
N PHE B 1276 17.65 -34.16 -10.03
CA PHE B 1276 17.25 -33.47 -8.81
C PHE B 1276 15.76 -33.66 -8.55
N SER B 1277 14.92 -33.29 -9.51
CA SER B 1277 13.48 -33.44 -9.38
C SER B 1277 13.06 -34.90 -9.37
N LYS B 1278 13.86 -35.80 -9.92
CA LYS B 1278 13.57 -37.22 -9.76
C LYS B 1278 13.93 -37.69 -8.35
N ARG B 1279 14.80 -36.99 -7.65
CA ARG B 1279 15.06 -37.36 -6.27
C ARG B 1279 14.07 -36.74 -5.28
N VAL B 1280 13.79 -35.44 -5.41
CA VAL B 1280 13.15 -34.69 -4.33
C VAL B 1280 11.72 -34.27 -4.63
N ILE B 1281 11.23 -34.45 -5.85
CA ILE B 1281 9.90 -34.04 -6.22
C ILE B 1281 9.00 -35.23 -6.54
N LEU B 1282 9.55 -36.22 -7.26
CA LEU B 1282 8.84 -37.43 -7.69
C LEU B 1282 7.58 -37.14 -8.48
N ALA B 1283 7.60 -36.06 -9.27
CA ALA B 1283 6.54 -35.74 -10.19
C ALA B 1283 7.04 -36.11 -11.57
N ASP B 1284 6.66 -37.31 -12.03
CA ASP B 1284 7.27 -37.86 -13.24
C ASP B 1284 6.66 -37.30 -14.51
N ALA B 1285 5.33 -37.07 -14.50
CA ALA B 1285 4.62 -36.79 -15.75
C ALA B 1285 4.96 -35.41 -16.29
N ASN B 1286 4.83 -34.38 -15.46
CA ASN B 1286 5.17 -33.02 -15.89
C ASN B 1286 6.66 -32.87 -16.18
N LEU B 1287 7.49 -33.65 -15.49
CA LEU B 1287 8.92 -33.61 -15.76
C LEU B 1287 9.25 -34.20 -17.13
N ASP B 1288 8.59 -35.31 -17.49
CA ASP B 1288 8.81 -35.86 -18.84
C ASP B 1288 8.24 -34.93 -19.90
N LYS B 1289 7.12 -34.26 -19.58
CA LYS B 1289 6.56 -33.27 -20.48
C LYS B 1289 7.53 -32.12 -20.72
N VAL B 1290 8.19 -31.64 -19.66
CA VAL B 1290 9.07 -30.50 -19.87
C VAL B 1290 10.41 -30.92 -20.45
N LEU B 1291 10.82 -32.19 -20.29
CA LEU B 1291 12.00 -32.68 -21.02
C LEU B 1291 11.73 -32.73 -22.51
N SER B 1292 10.56 -33.24 -22.90
CA SER B 1292 10.20 -33.25 -24.33
C SER B 1292 10.03 -31.84 -24.87
N ALA B 1293 9.46 -30.93 -24.06
CA ALA B 1293 9.30 -29.55 -24.48
C ALA B 1293 10.64 -28.84 -24.60
N TYR B 1294 11.62 -29.23 -23.80
CA TYR B 1294 12.97 -28.72 -23.99
C TYR B 1294 13.58 -29.28 -25.27
N ASN B 1295 13.31 -30.55 -25.57
CA ASN B 1295 13.81 -31.14 -26.81
C ASN B 1295 13.21 -30.49 -28.04
N LYS B 1296 12.00 -29.94 -27.93
CA LYS B 1296 11.33 -29.37 -29.09
C LYS B 1296 11.84 -27.96 -29.41
N HIS B 1297 12.51 -27.29 -28.48
CA HIS B 1297 13.10 -25.98 -28.74
C HIS B 1297 14.62 -25.99 -28.67
N ARG B 1298 15.24 -27.00 -29.26
CA ARG B 1298 16.70 -27.10 -29.17
C ARG B 1298 17.39 -26.07 -30.06
N ASP B 1299 16.79 -25.72 -31.19
CA ASP B 1299 17.38 -24.76 -32.11
C ASP B 1299 16.91 -23.33 -31.86
N LYS B 1300 16.31 -23.06 -30.70
CA LYS B 1300 15.85 -21.73 -30.38
C LYS B 1300 17.05 -20.81 -30.09
N PRO B 1301 16.90 -19.50 -30.28
CA PRO B 1301 18.00 -18.58 -29.95
C PRO B 1301 18.26 -18.49 -28.46
N ILE B 1302 19.37 -17.83 -28.12
CA ILE B 1302 19.98 -18.02 -26.81
C ILE B 1302 19.27 -17.19 -25.74
N ARG B 1303 18.98 -15.93 -26.04
CA ARG B 1303 18.42 -15.02 -25.04
C ARG B 1303 17.03 -15.44 -24.59
N GLU B 1304 16.18 -15.81 -25.54
CA GLU B 1304 14.84 -16.27 -25.21
C GLU B 1304 14.89 -17.60 -24.46
N GLN B 1305 15.83 -18.47 -24.82
CA GLN B 1305 15.89 -19.76 -24.16
C GLN B 1305 16.43 -19.63 -22.75
N ALA B 1306 17.33 -18.67 -22.51
CA ALA B 1306 17.81 -18.44 -21.15
C ALA B 1306 16.73 -17.81 -20.27
N GLU B 1307 15.93 -16.89 -20.85
CA GLU B 1307 14.84 -16.33 -20.05
C GLU B 1307 13.78 -17.37 -19.77
N ASN B 1308 13.52 -18.27 -20.71
CA ASN B 1308 12.57 -19.34 -20.42
C ASN B 1308 13.15 -20.38 -19.47
N ILE B 1309 14.46 -20.54 -19.40
CA ILE B 1309 14.95 -21.52 -18.43
C ILE B 1309 15.01 -20.91 -17.02
N ILE B 1310 15.19 -19.60 -16.89
CA ILE B 1310 15.05 -19.05 -15.54
C ILE B 1310 13.58 -18.95 -15.13
N HIS B 1311 12.65 -18.86 -16.08
CA HIS B 1311 11.26 -19.12 -15.69
C HIS B 1311 10.99 -20.59 -15.44
N LEU B 1312 11.81 -21.48 -15.98
CA LEU B 1312 11.65 -22.91 -15.70
C LEU B 1312 12.12 -23.28 -14.31
N PHE B 1313 13.02 -22.48 -13.73
CA PHE B 1313 13.51 -22.74 -12.37
C PHE B 1313 12.44 -22.78 -11.28
N THR B 1314 11.28 -22.15 -11.47
CA THR B 1314 10.27 -22.13 -10.42
C THR B 1314 9.48 -23.44 -10.31
N LEU B 1315 9.89 -24.48 -11.04
CA LEU B 1315 9.43 -25.82 -10.74
C LEU B 1315 9.89 -26.28 -9.37
N THR B 1316 11.01 -25.76 -8.88
CA THR B 1316 11.70 -26.37 -7.75
C THR B 1316 12.20 -25.32 -6.77
N ASN B 1317 11.39 -24.33 -6.45
CA ASN B 1317 11.66 -23.48 -5.30
C ASN B 1317 11.09 -24.13 -4.05
N LEU B 1318 11.04 -23.37 -2.96
CA LEU B 1318 10.32 -23.80 -1.77
C LEU B 1318 8.86 -23.37 -1.89
N GLY B 1319 8.10 -23.54 -0.80
CA GLY B 1319 6.73 -23.08 -0.82
C GLY B 1319 5.83 -23.99 -1.64
N ALA B 1320 4.66 -23.45 -1.96
CA ALA B 1320 3.70 -24.21 -2.75
C ALA B 1320 4.15 -24.28 -4.20
N PRO B 1321 3.93 -25.40 -4.88
CA PRO B 1321 4.27 -25.48 -6.30
C PRO B 1321 3.30 -24.65 -7.11
N ALA B 1322 3.79 -24.14 -8.24
CA ALA B 1322 2.99 -23.26 -9.06
C ALA B 1322 3.05 -23.70 -10.51
N ALA B 1323 2.23 -23.05 -11.33
CA ALA B 1323 2.21 -23.27 -12.77
C ALA B 1323 2.99 -22.16 -13.44
N PHE B 1324 3.86 -22.53 -14.36
CA PHE B 1324 4.85 -21.61 -14.91
C PHE B 1324 4.68 -21.42 -16.40
N LYS B 1325 4.90 -20.20 -16.86
CA LYS B 1325 4.84 -19.89 -18.28
C LYS B 1325 6.15 -20.32 -18.92
N TYR B 1326 6.11 -21.36 -19.72
CA TYR B 1326 7.25 -21.83 -20.49
C TYR B 1326 7.22 -21.10 -21.84
N PHE B 1327 7.97 -21.59 -22.84
CA PHE B 1327 7.80 -21.20 -24.24
C PHE B 1327 6.35 -21.18 -24.67
N ASP B 1328 5.74 -22.32 -24.72
CA ASP B 1328 4.32 -22.47 -25.00
C ASP B 1328 3.61 -23.40 -24.03
N THR B 1329 4.28 -24.46 -23.60
CA THR B 1329 3.62 -25.59 -22.94
C THR B 1329 3.51 -25.24 -21.45
N THR B 1330 2.54 -24.39 -21.13
CA THR B 1330 2.23 -24.12 -19.74
C THR B 1330 1.57 -25.35 -19.13
N ILE B 1331 2.30 -26.04 -18.26
CA ILE B 1331 1.85 -27.33 -17.72
C ILE B 1331 1.22 -27.10 -16.36
N ASP B 1332 0.54 -28.12 -15.86
CA ASP B 1332 -0.22 -27.98 -14.63
C ASP B 1332 0.68 -28.20 -13.41
N ARG B 1333 0.39 -27.42 -12.37
CA ARG B 1333 1.00 -27.60 -11.06
C ARG B 1333 0.60 -28.96 -10.47
N LYS B 1334 1.41 -29.45 -9.56
CA LYS B 1334 1.20 -30.77 -8.96
C LYS B 1334 1.20 -30.60 -7.45
N ARG B 1335 0.02 -30.39 -6.87
CA ARG B 1335 -0.08 -30.20 -5.43
C ARG B 1335 -0.06 -31.54 -4.72
N TYR B 1336 0.50 -31.54 -3.51
CA TYR B 1336 0.54 -32.73 -2.68
C TYR B 1336 -0.57 -32.65 -1.65
N THR B 1337 -1.38 -33.70 -1.54
CA THR B 1337 -2.35 -33.74 -0.46
C THR B 1337 -2.25 -35.08 0.25
N SER B 1338 -1.48 -36.00 -0.32
CA SER B 1338 -1.36 -37.33 0.25
C SER B 1338 -0.51 -37.30 1.50
N THR B 1339 -1.13 -37.00 2.63
CA THR B 1339 -0.38 -36.79 3.87
C THR B 1339 -0.04 -38.07 4.60
N LYS B 1340 -0.23 -39.25 3.99
CA LYS B 1340 0.11 -40.51 4.62
C LYS B 1340 1.62 -40.67 4.80
N GLU B 1341 2.42 -40.20 3.84
CA GLU B 1341 3.87 -40.40 3.89
C GLU B 1341 4.55 -39.56 4.96
N VAL B 1342 3.85 -38.56 5.50
CA VAL B 1342 4.43 -37.73 6.54
C VAL B 1342 4.47 -38.47 7.86
N LEU B 1343 3.55 -39.41 8.07
CA LEU B 1343 3.35 -40.07 9.36
C LEU B 1343 4.51 -40.98 9.75
N ASP B 1344 5.37 -41.36 8.82
CA ASP B 1344 6.45 -42.28 9.13
C ASP B 1344 7.82 -41.68 8.82
N ALA B 1345 7.87 -40.37 8.64
CA ALA B 1345 9.10 -39.66 8.35
C ALA B 1345 9.72 -39.15 9.66
N THR B 1346 10.73 -38.33 9.55
CA THR B 1346 11.32 -37.70 10.72
C THR B 1346 10.94 -36.22 10.75
N LEU B 1347 10.82 -35.68 11.96
CA LEU B 1347 10.38 -34.30 12.17
C LEU B 1347 11.52 -33.48 12.74
N ILE B 1348 11.67 -32.25 12.27
CA ILE B 1348 12.73 -31.38 12.77
C ILE B 1348 12.09 -30.16 13.41
N HIS B 1349 12.13 -30.11 14.74
CA HIS B 1349 11.86 -28.86 15.44
C HIS B 1349 13.15 -28.07 15.40
N GLN B 1350 13.25 -27.13 14.47
CA GLN B 1350 14.48 -26.38 14.36
C GLN B 1350 14.38 -25.08 15.14
N SER B 1351 15.53 -24.53 15.50
CA SER B 1351 15.57 -23.26 16.19
C SER B 1351 15.36 -22.10 15.23
N ILE B 1352 15.58 -20.88 15.70
CA ILE B 1352 15.24 -19.73 14.90
C ILE B 1352 16.24 -19.52 13.76
N THR B 1353 17.53 -19.72 14.01
CA THR B 1353 18.51 -19.57 12.95
C THR B 1353 18.78 -20.86 12.22
N GLY B 1354 18.19 -21.96 12.66
CA GLY B 1354 18.45 -23.25 12.05
C GLY B 1354 19.75 -23.89 12.47
N LEU B 1355 20.57 -23.20 13.25
CA LEU B 1355 21.80 -23.80 13.75
C LEU B 1355 21.50 -24.86 14.79
N TYR B 1356 20.87 -24.45 15.90
CA TYR B 1356 20.31 -25.40 16.83
C TYR B 1356 19.08 -26.07 16.23
N GLU B 1357 18.81 -27.28 16.67
CA GLU B 1357 17.76 -28.12 16.10
C GLU B 1357 17.51 -29.29 17.02
N THR B 1358 16.37 -29.95 16.82
CA THR B 1358 16.16 -31.26 17.40
C THR B 1358 15.29 -32.08 16.47
N ARG B 1359 15.56 -33.38 16.45
CA ARG B 1359 14.94 -34.31 15.52
C ARG B 1359 14.16 -35.33 16.33
N ILE B 1360 12.86 -35.41 16.07
CA ILE B 1360 12.03 -36.41 16.73
C ILE B 1360 11.54 -37.39 15.66
N ASP B 1361 11.32 -38.62 16.09
CA ASP B 1361 11.02 -39.72 15.18
C ASP B 1361 9.61 -40.20 15.43
N LEU B 1362 8.95 -40.65 14.36
CA LEU B 1362 7.57 -41.05 14.42
C LEU B 1362 7.32 -42.49 14.02
N SER B 1363 8.37 -43.25 13.69
CA SER B 1363 8.17 -44.66 13.35
C SER B 1363 7.89 -45.48 14.61
N GLN B 1364 8.73 -45.35 15.62
CA GLN B 1364 8.57 -46.07 16.88
C GLN B 1364 7.75 -45.29 17.88
N LEU B 1365 7.09 -44.21 17.45
CA LEU B 1365 6.34 -43.35 18.35
C LEU B 1365 5.07 -44.09 18.75
N GLY B 1366 5.18 -44.88 19.81
CA GLY B 1366 4.06 -45.67 20.30
C GLY B 1366 4.37 -46.38 21.59
N MET C 1 -10.94 0.61 2.87
CA MET C 1 -9.83 -0.12 2.29
C MET C 1 -9.46 -1.31 3.16
N THR C 2 -9.80 -2.51 2.70
CA THR C 2 -9.52 -3.73 3.42
C THR C 2 -8.13 -4.21 2.97
N THR C 3 -7.76 -5.44 3.31
CA THR C 3 -6.47 -5.97 2.87
C THR C 3 -6.46 -6.33 1.39
N ALA C 4 -7.63 -6.43 0.76
CA ALA C 4 -7.72 -6.79 -0.64
C ALA C 4 -8.42 -5.75 -1.48
N ARG C 5 -8.92 -4.68 -0.88
CA ARG C 5 -9.70 -3.73 -1.66
C ARG C 5 -8.80 -2.83 -2.51
N LYS C 6 -7.83 -2.16 -1.88
CA LYS C 6 -6.97 -1.25 -2.63
C LYS C 6 -6.04 -2.00 -3.59
N LYS C 7 -5.73 -3.26 -3.28
CA LYS C 7 -4.93 -3.99 -4.26
C LYS C 7 -5.78 -4.52 -5.40
N PHE C 8 -7.10 -4.70 -5.20
CA PHE C 8 -8.01 -4.87 -6.32
C PHE C 8 -8.08 -3.61 -7.17
N TYR C 9 -8.02 -2.44 -6.54
CA TYR C 9 -8.08 -1.22 -7.34
C TYR C 9 -6.81 -1.01 -8.14
N GLN C 10 -5.64 -1.34 -7.58
CA GLN C 10 -4.44 -1.28 -8.41
C GLN C 10 -4.37 -2.43 -9.40
N ALA C 11 -5.09 -3.53 -9.13
CA ALA C 11 -5.23 -4.61 -10.11
C ALA C 11 -5.94 -4.12 -11.36
N ILE C 12 -7.11 -3.50 -11.19
CA ILE C 12 -7.79 -3.00 -12.38
C ILE C 12 -7.10 -1.75 -12.93
N SER C 13 -6.29 -1.06 -12.13
CA SER C 13 -5.48 0.02 -12.68
C SER C 13 -4.42 -0.51 -13.65
N GLU C 14 -3.74 -1.59 -13.29
CA GLU C 14 -2.76 -2.11 -14.22
C GLU C 14 -3.41 -2.90 -15.36
N PHE C 15 -4.65 -3.36 -15.18
CA PHE C 15 -5.41 -3.84 -16.32
C PHE C 15 -5.69 -2.71 -17.31
N GLU C 16 -6.12 -1.56 -16.81
CA GLU C 16 -6.32 -0.40 -17.68
C GLU C 16 -5.02 0.14 -18.25
N ALA C 17 -3.89 -0.14 -17.59
CA ALA C 17 -2.59 0.23 -18.16
C ALA C 17 -2.13 -0.75 -19.21
N MET C 18 -2.55 -2.01 -19.14
CA MET C 18 -2.14 -2.99 -20.16
C MET C 18 -2.84 -2.74 -21.49
N THR C 19 -4.12 -2.36 -21.45
CA THR C 19 -4.91 -2.21 -22.66
C THR C 19 -5.47 -0.80 -22.74
N GLY C 20 -6.46 -0.59 -23.61
CA GLY C 20 -7.19 0.67 -23.72
C GLY C 20 -7.70 1.20 -22.40
N LYS C 21 -7.37 2.46 -22.10
CA LYS C 21 -7.38 2.95 -20.73
C LYS C 21 -8.75 3.40 -20.24
N ASP C 22 -9.68 3.73 -21.13
CA ASP C 22 -10.91 4.41 -20.76
C ASP C 22 -11.87 3.44 -20.06
N VAL C 23 -11.58 3.18 -18.78
CA VAL C 23 -12.43 2.36 -17.93
C VAL C 23 -13.30 3.30 -17.11
N GLU C 24 -14.46 2.83 -16.69
CA GLU C 24 -15.39 3.65 -15.94
C GLU C 24 -16.28 2.77 -15.09
N ARG C 25 -16.51 3.19 -13.84
CA ARG C 25 -17.46 2.60 -12.91
C ARG C 25 -17.11 1.14 -12.66
N THR C 26 -16.04 0.91 -11.90
CA THR C 26 -15.71 -0.43 -11.42
C THR C 26 -16.87 -1.00 -10.60
N PRO C 27 -17.11 -2.32 -10.67
CA PRO C 27 -18.27 -2.89 -10.00
C PRO C 27 -18.09 -2.95 -8.48
N GLN C 28 -19.12 -2.51 -7.76
CA GLN C 28 -19.11 -2.49 -6.31
C GLN C 28 -19.39 -3.91 -5.84
N ILE C 29 -18.34 -4.71 -5.73
CA ILE C 29 -18.45 -6.07 -5.22
C ILE C 29 -18.42 -6.04 -3.69
N ALA C 30 -19.04 -7.02 -3.08
CA ALA C 30 -19.13 -7.04 -1.63
C ALA C 30 -17.82 -7.47 -1.01
N ASP C 31 -17.72 -7.28 0.31
CA ASP C 31 -16.49 -7.65 1.01
C ASP C 31 -16.40 -9.16 1.20
N GLU C 32 -17.56 -9.83 1.19
CA GLU C 32 -17.59 -11.26 1.50
C GLU C 32 -16.95 -12.08 0.38
N VAL C 33 -16.96 -11.56 -0.85
CA VAL C 33 -16.35 -12.29 -1.95
C VAL C 33 -14.92 -11.86 -2.16
N LEU C 34 -14.60 -10.63 -1.74
CA LEU C 34 -13.27 -10.12 -1.96
C LEU C 34 -12.30 -10.65 -0.92
N ASN C 35 -12.72 -10.76 0.32
CA ASN C 35 -11.81 -11.20 1.37
C ASN C 35 -11.62 -12.71 1.44
N ASP C 36 -12.18 -13.47 0.51
CA ASP C 36 -11.87 -14.89 0.38
C ASP C 36 -11.66 -15.23 -1.08
N ALA C 37 -10.81 -14.47 -1.75
CA ALA C 37 -10.52 -14.68 -3.16
C ALA C 37 -9.03 -14.88 -3.34
N GLU C 38 -8.66 -15.93 -4.08
CA GLU C 38 -7.24 -16.24 -4.23
C GLU C 38 -6.66 -15.62 -5.50
N TYR C 39 -7.43 -15.60 -6.58
CA TYR C 39 -6.93 -15.19 -7.88
C TYR C 39 -7.98 -14.38 -8.60
N ILE C 40 -7.60 -13.21 -9.10
CA ILE C 40 -8.50 -12.38 -9.90
C ILE C 40 -8.09 -12.55 -11.36
N ALA C 41 -8.92 -13.23 -12.13
CA ALA C 41 -8.63 -13.41 -13.55
C ALA C 41 -9.48 -12.47 -14.37
N PHE C 42 -8.92 -12.03 -15.49
CA PHE C 42 -9.63 -11.21 -16.46
C PHE C 42 -9.66 -11.94 -17.79
N THR C 43 -10.74 -11.76 -18.54
CA THR C 43 -10.88 -12.42 -19.83
C THR C 43 -11.87 -11.66 -20.69
N LYS C 44 -12.17 -12.24 -21.85
CA LYS C 44 -13.08 -11.63 -22.81
C LYS C 44 -14.47 -12.25 -22.80
N THR C 45 -14.56 -13.58 -22.71
CA THR C 45 -15.83 -14.27 -22.77
C THR C 45 -16.37 -14.50 -21.37
N GLU C 46 -17.71 -14.57 -21.27
CA GLU C 46 -18.34 -14.81 -19.98
C GLU C 46 -18.06 -16.22 -19.49
N LYS C 47 -18.00 -17.20 -20.39
CA LYS C 47 -17.69 -18.57 -20.00
C LYS C 47 -16.21 -18.67 -19.69
N TYR C 48 -15.88 -18.81 -18.41
CA TYR C 48 -14.51 -18.87 -17.93
C TYR C 48 -14.08 -20.32 -17.79
N ALA C 49 -13.04 -20.70 -18.51
CA ALA C 49 -12.42 -21.97 -18.26
C ALA C 49 -11.64 -21.91 -16.95
N LEU C 50 -11.93 -22.86 -16.07
CA LEU C 50 -11.22 -22.92 -14.81
C LEU C 50 -10.07 -23.91 -14.90
N TYR C 51 -9.08 -23.73 -14.03
CA TYR C 51 -7.83 -24.45 -14.13
C TYR C 51 -7.96 -25.85 -13.55
N LEU C 52 -6.82 -26.49 -13.33
CA LEU C 52 -6.77 -27.90 -12.97
C LEU C 52 -5.36 -28.23 -12.52
N CYS C 53 -5.23 -29.38 -11.85
CA CYS C 53 -3.97 -29.84 -11.32
C CYS C 53 -4.11 -31.32 -11.03
N THR C 54 -2.99 -32.02 -10.98
CA THR C 54 -3.02 -33.42 -10.63
C THR C 54 -2.66 -33.59 -9.16
N SER C 55 -2.55 -34.84 -8.73
CA SER C 55 -2.18 -35.16 -7.35
C SER C 55 -1.57 -36.55 -7.32
N ASN C 56 -1.31 -37.04 -6.11
CA ASN C 56 -0.85 -38.38 -5.86
C ASN C 56 -1.63 -39.00 -4.73
N VAL C 57 -2.96 -38.85 -4.78
CA VAL C 57 -3.82 -39.11 -3.62
C VAL C 57 -4.20 -40.60 -3.69
N GLU C 58 -3.31 -41.43 -3.14
CA GLU C 58 -3.53 -42.86 -2.88
C GLU C 58 -3.87 -43.63 -4.15
N GLY C 59 -2.93 -43.65 -5.08
CA GLY C 59 -3.28 -44.04 -6.42
C GLY C 59 -4.02 -42.89 -7.07
N LEU C 60 -4.82 -43.25 -8.09
CA LEU C 60 -5.61 -42.31 -8.91
C LEU C 60 -4.73 -41.23 -9.54
N GLU C 61 -3.50 -41.60 -9.89
CA GLU C 61 -2.56 -40.63 -10.42
C GLU C 61 -2.87 -40.37 -11.89
N ASP C 62 -2.30 -39.26 -12.39
CA ASP C 62 -2.49 -38.74 -13.75
C ASP C 62 -3.95 -38.44 -14.08
N ARG C 63 -4.79 -38.23 -13.08
CA ARG C 63 -6.11 -37.69 -13.28
C ARG C 63 -6.03 -36.17 -13.16
N TYR C 64 -7.15 -35.49 -13.32
CA TYR C 64 -7.16 -34.04 -13.34
C TYR C 64 -8.13 -33.52 -12.31
N PHE C 65 -7.64 -32.70 -11.38
CA PHE C 65 -8.46 -32.14 -10.31
C PHE C 65 -8.48 -30.64 -10.45
N LEU C 66 -9.67 -30.08 -10.62
CA LEU C 66 -9.78 -28.63 -10.70
C LEU C 66 -9.59 -28.02 -9.32
N ASP C 67 -9.00 -26.82 -9.29
CA ASP C 67 -8.66 -26.18 -8.03
C ASP C 67 -9.45 -24.89 -7.89
N GLU C 68 -9.53 -24.06 -8.92
CA GLU C 68 -10.07 -22.72 -8.73
C GLU C 68 -11.57 -22.71 -9.01
N GLU C 69 -12.37 -22.76 -7.95
CA GLU C 69 -13.82 -22.81 -8.03
C GLU C 69 -14.35 -21.38 -8.05
N CYS C 70 -15.18 -21.07 -9.02
CA CYS C 70 -15.70 -19.72 -9.18
C CYS C 70 -16.73 -19.42 -8.10
N LEU C 71 -16.67 -18.22 -7.52
CA LEU C 71 -17.67 -17.77 -6.57
C LEU C 71 -18.23 -16.40 -6.92
N ASP C 72 -17.62 -15.70 -7.87
CA ASP C 72 -18.14 -14.43 -8.33
C ASP C 72 -17.65 -14.15 -9.74
N SER C 73 -18.58 -13.99 -10.68
CA SER C 73 -18.27 -13.74 -12.08
C SER C 73 -19.05 -12.51 -12.50
N THR C 74 -18.50 -11.34 -12.22
CA THR C 74 -19.11 -10.08 -12.60
C THR C 74 -18.34 -9.49 -13.76
N PHE C 75 -18.85 -8.42 -14.35
CA PHE C 75 -18.22 -7.83 -15.51
C PHE C 75 -17.91 -6.36 -15.23
N LEU C 76 -16.99 -5.79 -16.00
CA LEU C 76 -16.74 -4.35 -16.01
C LEU C 76 -16.78 -3.87 -17.44
N GLU C 77 -17.18 -2.62 -17.63
CA GLU C 77 -17.35 -2.03 -18.94
C GLU C 77 -16.36 -0.89 -19.14
N THR C 78 -15.84 -0.77 -20.35
CA THR C 78 -14.90 0.28 -20.70
C THR C 78 -15.53 1.17 -21.75
N GLU C 79 -14.91 2.32 -21.99
CA GLU C 79 -15.42 3.27 -22.99
C GLU C 79 -14.71 3.04 -24.32
N ASP C 80 -15.44 2.57 -25.33
CA ASP C 80 -16.88 2.32 -25.25
C ASP C 80 -17.25 0.95 -25.81
N ASN C 81 -18.18 0.29 -25.11
CA ASN C 81 -18.89 -0.90 -25.59
C ASN C 81 -17.97 -2.08 -25.85
N GLU C 82 -16.99 -2.29 -24.96
CA GLU C 82 -16.18 -3.49 -24.98
C GLU C 82 -16.25 -4.13 -23.61
N THR C 83 -16.65 -5.40 -23.57
CA THR C 83 -17.01 -6.07 -22.32
C THR C 83 -15.86 -6.98 -21.88
N TYR C 84 -15.41 -6.80 -20.64
CA TYR C 84 -14.44 -7.68 -20.03
C TYR C 84 -15.05 -8.28 -18.77
N TYR C 85 -14.82 -9.56 -18.55
CA TYR C 85 -15.44 -10.28 -17.45
C TYR C 85 -14.42 -10.57 -16.35
N ILE C 86 -14.72 -10.09 -15.15
CA ILE C 86 -13.91 -10.29 -13.97
C ILE C 86 -14.26 -11.66 -13.40
N HIS C 87 -13.28 -12.36 -12.86
CA HIS C 87 -13.58 -13.61 -12.18
C HIS C 87 -12.77 -13.71 -10.89
N PHE C 88 -13.47 -13.95 -9.80
CA PHE C 88 -12.80 -14.22 -8.52
C PHE C 88 -12.82 -15.72 -8.27
N LEU C 89 -11.75 -16.20 -7.65
CA LEU C 89 -11.55 -17.63 -7.53
C LEU C 89 -11.12 -17.99 -6.11
N GLN C 90 -11.29 -19.26 -5.78
CA GLN C 90 -10.94 -19.79 -4.48
C GLN C 90 -10.21 -21.10 -4.67
N GLU C 91 -9.13 -21.31 -3.93
CA GLU C 91 -8.39 -22.55 -4.01
C GLU C 91 -9.19 -23.64 -3.30
N THR C 92 -9.16 -24.83 -3.87
CA THR C 92 -9.93 -25.95 -3.34
C THR C 92 -9.12 -26.70 -2.30
N GLU C 93 -9.54 -26.64 -1.05
CA GLU C 93 -8.83 -27.33 0.03
C GLU C 93 -9.40 -28.73 0.21
N PHE C 94 -9.15 -29.57 -0.79
CA PHE C 94 -9.59 -30.96 -0.76
C PHE C 94 -8.52 -31.78 -0.05
N SER C 95 -8.98 -32.62 0.87
CA SER C 95 -8.05 -33.42 1.65
C SER C 95 -8.03 -34.86 1.18
N GLU C 96 -7.34 -35.71 1.93
CA GLU C 96 -7.35 -37.13 1.68
C GLU C 96 -8.37 -37.79 2.59
N ASP C 97 -9.62 -37.32 2.53
CA ASP C 97 -10.74 -37.87 3.29
C ASP C 97 -12.07 -37.61 2.60
N ASP C 98 -12.57 -38.60 1.87
CA ASP C 98 -13.86 -38.54 1.18
C ASP C 98 -14.37 -39.95 0.92
N ASN C 99 -15.62 -40.06 0.49
CA ASN C 99 -16.14 -41.29 -0.10
C ASN C 99 -16.00 -41.26 -1.62
N GLU C 100 -14.76 -40.99 -2.08
CA GLU C 100 -14.38 -40.70 -3.48
C GLU C 100 -15.39 -39.81 -4.22
N ASP C 101 -15.87 -38.79 -3.52
CA ASP C 101 -16.73 -37.77 -4.11
C ASP C 101 -16.57 -36.50 -3.29
N GLU C 102 -16.87 -35.37 -3.95
CA GLU C 102 -16.76 -33.96 -3.55
C GLU C 102 -15.30 -33.50 -3.57
N LEU C 103 -14.34 -34.41 -3.71
CA LEU C 103 -13.04 -34.00 -4.21
C LEU C 103 -13.21 -33.78 -5.71
N PRO C 104 -12.87 -32.62 -6.24
CA PRO C 104 -13.29 -32.29 -7.60
C PRO C 104 -12.51 -33.08 -8.65
N LEU C 105 -13.23 -33.94 -9.35
CA LEU C 105 -12.66 -34.81 -10.35
C LEU C 105 -12.76 -34.14 -11.72
N ALA C 106 -12.36 -34.87 -12.77
CA ALA C 106 -12.07 -34.27 -14.07
C ALA C 106 -13.33 -33.76 -14.76
N THR C 107 -14.28 -34.66 -15.07
CA THR C 107 -15.51 -34.46 -15.87
C THR C 107 -15.22 -33.67 -17.16
N GLU C 108 -14.64 -34.36 -18.16
CA GLU C 108 -13.67 -33.82 -19.10
C GLU C 108 -14.20 -32.70 -20.01
N GLU C 109 -15.45 -32.24 -19.81
CA GLU C 109 -15.89 -31.00 -20.44
C GLU C 109 -14.97 -29.84 -20.10
N GLN C 110 -14.57 -29.73 -18.83
CA GLN C 110 -13.61 -28.69 -18.45
C GLN C 110 -12.22 -28.97 -19.00
N ILE C 111 -11.89 -30.24 -19.25
CA ILE C 111 -10.59 -30.57 -19.83
C ILE C 111 -10.51 -30.05 -21.27
N GLU C 112 -11.54 -30.33 -22.07
CA GLU C 112 -11.57 -29.81 -23.43
C GLU C 112 -11.70 -28.29 -23.43
N ALA C 113 -12.40 -27.73 -22.43
CA ALA C 113 -12.50 -26.28 -22.32
C ALA C 113 -11.14 -25.66 -22.02
N TYR C 114 -10.35 -26.30 -21.16
CA TYR C 114 -9.01 -25.79 -20.86
C TYR C 114 -8.08 -25.97 -22.05
N ASP C 115 -8.28 -27.03 -22.83
CA ASP C 115 -7.50 -27.22 -24.05
C ASP C 115 -7.74 -26.07 -25.02
N LYS C 116 -9.01 -25.72 -25.24
CA LYS C 116 -9.32 -24.59 -26.10
C LYS C 116 -8.85 -23.27 -25.50
N GLN C 117 -8.88 -23.15 -24.18
CA GLN C 117 -8.47 -21.92 -23.52
C GLN C 117 -6.96 -21.72 -23.61
N GLU C 118 -6.20 -22.81 -23.49
CA GLU C 118 -4.75 -22.71 -23.60
C GLU C 118 -4.33 -22.52 -25.04
N GLU C 119 -5.04 -23.13 -25.98
CA GLU C 119 -4.67 -23.00 -27.38
C GLU C 119 -5.00 -21.60 -27.92
N LEU C 120 -6.10 -21.01 -27.46
CA LEU C 120 -6.47 -19.68 -27.94
C LEU C 120 -5.84 -18.56 -27.12
N LYS C 121 -5.55 -18.82 -25.84
CA LYS C 121 -4.95 -17.86 -24.91
C LYS C 121 -5.79 -16.59 -24.77
N ALA C 122 -7.02 -16.76 -24.29
CA ALA C 122 -7.88 -15.61 -24.05
C ALA C 122 -7.70 -15.09 -22.63
N VAL C 123 -6.87 -15.76 -21.83
CA VAL C 123 -6.63 -15.36 -20.44
C VAL C 123 -5.81 -14.08 -20.45
N ILE C 124 -6.14 -13.16 -19.56
CA ILE C 124 -5.46 -11.87 -19.43
C ILE C 124 -4.80 -12.03 -18.07
N LEU C 125 -4.22 -10.97 -17.50
CA LEU C 125 -3.43 -11.02 -16.28
C LEU C 125 -4.17 -11.69 -15.13
N LYS C 126 -3.59 -12.78 -14.64
CA LYS C 126 -4.14 -13.57 -13.54
C LYS C 126 -3.11 -13.55 -12.43
N LYS C 127 -3.39 -12.85 -11.35
CA LYS C 127 -2.41 -12.69 -10.28
C LYS C 127 -3.05 -13.05 -8.95
N GLU C 128 -2.21 -13.42 -7.98
CA GLU C 128 -2.68 -13.84 -6.68
C GLU C 128 -2.82 -12.64 -5.76
N LEU C 129 -3.90 -12.65 -4.98
CA LEU C 129 -4.03 -11.75 -3.83
C LEU C 129 -4.89 -12.42 -2.77
N ASN C 130 -5.02 -11.80 -1.61
CA ASN C 130 -5.78 -12.41 -0.53
C ASN C 130 -6.71 -11.40 0.13
#